data_2NOJ
#
_entry.id   2NOJ
#
_cell.length_a   67.894
_cell.length_b   91.025
_cell.length_c   122.595
_cell.angle_alpha   90.00
_cell.angle_beta   89.93
_cell.angle_gamma   90.00
#
_symmetry.space_group_name_H-M   'P 1 21 1'
#
loop_
_entity.id
_entity.type
_entity.pdbx_description
1 polymer 'Complement C3'
2 polymer 'Efb homologous protein'
3 water water
#
loop_
_entity_poly.entity_id
_entity_poly.type
_entity_poly.pdbx_seq_one_letter_code
_entity_poly.pdbx_strand_id
1 'polypeptide(L)'
;GSRSTDAERLKHLIVTPSGAGEQNMIGMTPTVIAVHYLDETEQWEKFGLEKRQGALELIKKGYTQQLAFRQPSSAFAAFV
KRAPSTWLTAYVVKVFSLAVNLIAIDSQVLCGAVKWLILEKQKPDGVFQEDAPVIHQEMIGGLRNNNEKDMALTAFVLIS
LQEAKDICEEQVNSLPGSITKAGDFLEANYMNLQRSYTVAIAGYALAQMGRLKGPLLNKFLTTAKDKNRWEDPGKQLYNV
EATSYALLALLQLKDFDFVPPVVRWLNEQRYYGGGYGSTQATFMVFQALAQYQKDAP
;
A,C,E,G
2 'polypeptide(L)' QTKNVEAAKKYDQYQTNFKKQVNKKVVDAQKAVELFKRTRTVATHRKAQRAVNLIHFQHSYEKKKLQRQIDLVLKYNTLK B,D,F,H
#
# COMPACT_ATOMS: atom_id res chain seq x y z
N LYS A 11 -0.35 -10.10 -24.86
CA LYS A 11 -0.53 -10.84 -26.15
C LYS A 11 -0.22 -12.32 -25.93
N HIS A 12 0.06 -12.67 -24.69
CA HIS A 12 0.36 -14.05 -24.33
C HIS A 12 -0.79 -14.57 -23.49
N LEU A 13 -1.62 -13.65 -22.99
CA LEU A 13 -2.77 -13.98 -22.14
C LEU A 13 -3.97 -14.61 -22.85
N ILE A 14 -3.87 -14.76 -24.17
CA ILE A 14 -4.90 -15.37 -24.99
C ILE A 14 -4.56 -16.85 -25.14
N VAL A 15 -5.05 -17.65 -24.19
CA VAL A 15 -4.81 -19.09 -24.15
C VAL A 15 -6.11 -19.82 -24.42
N THR A 16 -6.04 -20.85 -25.26
CA THR A 16 -7.21 -21.66 -25.61
C THR A 16 -7.53 -22.67 -24.48
N PRO A 17 -8.64 -22.45 -23.77
CA PRO A 17 -9.14 -23.26 -22.65
C PRO A 17 -9.42 -24.71 -23.01
N SER A 18 -9.08 -25.61 -22.08
CA SER A 18 -9.31 -27.03 -22.28
C SER A 18 -9.04 -27.78 -20.98
N GLY A 19 -9.32 -29.08 -20.97
CA GLY A 19 -9.07 -29.86 -19.77
C GLY A 19 -10.30 -30.00 -18.90
N ALA A 20 -10.10 -30.49 -17.69
CA ALA A 20 -11.22 -30.68 -16.78
C ALA A 20 -11.62 -29.39 -16.06
N GLY A 21 -12.57 -29.52 -15.13
CA GLY A 21 -13.09 -28.40 -14.36
C GLY A 21 -12.11 -27.32 -13.91
N GLU A 22 -10.96 -27.72 -13.39
CA GLU A 22 -9.95 -26.77 -12.94
C GLU A 22 -9.07 -26.31 -14.10
N GLN A 23 -8.43 -27.27 -14.75
CA GLN A 23 -7.53 -26.96 -15.86
C GLN A 23 -8.13 -26.12 -16.98
N ASN A 24 -9.46 -26.09 -17.08
CA ASN A 24 -10.14 -25.32 -18.11
C ASN A 24 -10.17 -23.87 -17.67
N MET A 25 -10.26 -23.65 -16.36
CA MET A 25 -10.28 -22.30 -15.82
C MET A 25 -8.89 -21.68 -15.86
N ILE A 26 -7.85 -22.50 -15.73
CA ILE A 26 -6.48 -21.98 -15.77
C ILE A 26 -6.20 -21.33 -17.13
N GLY A 27 -6.78 -21.89 -18.19
CA GLY A 27 -6.54 -21.34 -19.50
C GLY A 27 -7.56 -20.29 -19.88
N MET A 28 -8.66 -20.29 -19.14
CA MET A 28 -9.73 -19.35 -19.38
C MET A 28 -9.44 -18.02 -18.72
N THR A 29 -8.89 -18.07 -17.50
CA THR A 29 -8.57 -16.90 -16.70
C THR A 29 -7.78 -15.82 -17.44
N PRO A 30 -6.57 -16.15 -17.92
CA PRO A 30 -5.81 -15.11 -18.62
C PRO A 30 -6.60 -14.47 -19.74
N THR A 31 -7.23 -15.31 -20.55
CA THR A 31 -8.00 -14.83 -21.69
C THR A 31 -9.13 -13.88 -21.30
N VAL A 32 -9.80 -14.16 -20.19
CA VAL A 32 -10.89 -13.31 -19.72
C VAL A 32 -10.42 -11.94 -19.19
N ILE A 33 -9.34 -11.95 -18.40
CA ILE A 33 -8.82 -10.70 -17.82
C ILE A 33 -8.13 -9.86 -18.89
N ALA A 34 -7.43 -10.54 -19.81
CA ALA A 34 -6.78 -9.85 -20.91
C ALA A 34 -7.86 -8.92 -21.52
N VAL A 35 -8.87 -9.54 -22.11
CA VAL A 35 -9.99 -8.78 -22.70
C VAL A 35 -10.57 -7.76 -21.71
N HIS A 36 -10.74 -8.16 -20.46
CA HIS A 36 -11.27 -7.26 -19.45
C HIS A 36 -10.50 -5.93 -19.42
N TYR A 37 -9.20 -6.05 -19.21
CA TYR A 37 -8.29 -4.92 -19.16
C TYR A 37 -8.46 -4.04 -20.41
N LEU A 38 -8.21 -4.64 -21.59
CA LEU A 38 -8.32 -3.96 -22.88
C LEU A 38 -9.65 -3.22 -23.09
N ASP A 39 -10.68 -3.69 -22.40
CA ASP A 39 -12.00 -3.08 -22.47
C ASP A 39 -12.03 -1.81 -21.61
N GLU A 40 -11.58 -1.92 -20.36
CA GLU A 40 -11.57 -0.79 -19.44
C GLU A 40 -10.55 0.29 -19.82
N THR A 41 -9.35 -0.12 -20.18
CA THR A 41 -8.32 0.82 -20.55
C THR A 41 -8.45 1.15 -22.03
N GLU A 42 -9.39 0.51 -22.70
CA GLU A 42 -9.65 0.74 -24.13
C GLU A 42 -8.36 0.81 -24.94
N GLN A 43 -7.59 -0.26 -24.97
CA GLN A 43 -6.34 -0.29 -25.71
C GLN A 43 -6.37 -1.22 -26.91
N TRP A 44 -7.55 -1.80 -27.19
CA TRP A 44 -7.69 -2.73 -28.31
C TRP A 44 -7.06 -2.21 -29.59
N GLU A 45 -7.09 -0.91 -29.78
CA GLU A 45 -6.48 -0.32 -30.95
C GLU A 45 -4.97 -0.57 -30.89
N LYS A 46 -4.40 -0.48 -29.70
CA LYS A 46 -2.97 -0.70 -29.52
C LYS A 46 -2.61 -2.18 -29.36
N PHE A 47 -3.56 -2.99 -28.92
CA PHE A 47 -3.28 -4.42 -28.75
C PHE A 47 -3.38 -5.16 -30.06
N GLY A 48 -4.46 -4.83 -30.74
CA GLY A 48 -4.78 -5.43 -32.01
C GLY A 48 -6.28 -5.25 -32.04
N LEU A 49 -6.81 -4.54 -33.04
CA LEU A 49 -8.24 -4.27 -33.01
C LEU A 49 -9.04 -5.45 -33.51
N GLU A 50 -8.41 -6.32 -34.30
CA GLU A 50 -9.10 -7.49 -34.85
C GLU A 50 -9.04 -8.75 -33.98
N LYS A 51 -8.28 -8.68 -32.91
CA LYS A 51 -8.11 -9.84 -32.06
C LYS A 51 -9.27 -10.10 -31.11
N ARG A 52 -9.84 -9.03 -30.57
CA ARG A 52 -10.96 -9.12 -29.64
C ARG A 52 -12.02 -10.18 -29.95
N GLN A 53 -12.36 -10.38 -31.21
CA GLN A 53 -13.36 -11.39 -31.48
C GLN A 53 -12.83 -12.81 -31.19
N GLY A 54 -11.68 -13.14 -31.78
CA GLY A 54 -11.12 -14.46 -31.56
C GLY A 54 -10.94 -14.73 -30.09
N ALA A 55 -10.77 -13.66 -29.32
CA ALA A 55 -10.60 -13.79 -27.90
C ALA A 55 -11.94 -14.15 -27.29
N LEU A 56 -12.97 -13.39 -27.65
CA LEU A 56 -14.30 -13.70 -27.14
C LEU A 56 -14.69 -15.13 -27.49
N GLU A 57 -14.46 -15.54 -28.72
CA GLU A 57 -14.82 -16.88 -29.14
C GLU A 57 -14.22 -17.91 -28.19
N LEU A 58 -12.94 -17.70 -27.84
CA LEU A 58 -12.21 -18.59 -26.95
C LEU A 58 -12.82 -18.59 -25.55
N ILE A 59 -13.23 -17.40 -25.13
CA ILE A 59 -13.85 -17.23 -23.84
C ILE A 59 -15.19 -17.96 -23.86
N LYS A 60 -15.83 -18.00 -25.02
CA LYS A 60 -17.11 -18.67 -25.15
C LYS A 60 -16.89 -20.18 -25.04
N LYS A 61 -15.82 -20.65 -25.65
CA LYS A 61 -15.46 -22.07 -25.61
C LYS A 61 -15.16 -22.56 -24.18
N GLY A 62 -14.41 -21.78 -23.40
CA GLY A 62 -14.06 -22.17 -22.04
C GLY A 62 -15.26 -22.22 -21.11
N TYR A 63 -16.14 -21.24 -21.29
CA TYR A 63 -17.35 -21.17 -20.50
C TYR A 63 -18.07 -22.50 -20.64
N THR A 64 -18.44 -22.81 -21.88
CA THR A 64 -19.15 -24.05 -22.19
C THR A 64 -18.39 -25.25 -21.63
N GLN A 65 -17.13 -25.36 -22.03
CA GLN A 65 -16.30 -26.46 -21.57
C GLN A 65 -16.34 -26.57 -20.05
N GLN A 66 -16.77 -25.51 -19.37
CA GLN A 66 -16.80 -25.52 -17.92
C GLN A 66 -18.16 -25.99 -17.41
N LEU A 67 -19.22 -25.57 -18.11
CA LEU A 67 -20.57 -25.96 -17.75
C LEU A 67 -20.61 -27.47 -17.66
N ALA A 68 -19.81 -28.15 -18.46
CA ALA A 68 -19.80 -29.60 -18.40
C ALA A 68 -19.34 -30.13 -17.05
N PHE A 69 -18.63 -29.35 -16.26
CA PHE A 69 -18.17 -29.79 -14.95
C PHE A 69 -18.99 -29.11 -13.90
N ARG A 70 -20.28 -29.04 -14.18
CA ARG A 70 -21.19 -28.43 -13.23
C ARG A 70 -22.02 -29.53 -12.59
N GLN A 71 -21.83 -29.77 -11.30
CA GLN A 71 -22.55 -30.81 -10.57
C GLN A 71 -24.03 -30.48 -10.30
N PRO A 72 -24.88 -31.50 -10.12
CA PRO A 72 -26.31 -31.23 -9.87
C PRO A 72 -26.60 -30.15 -8.83
N SER A 73 -25.73 -29.99 -7.84
CA SER A 73 -25.93 -29.01 -6.76
C SER A 73 -25.45 -27.61 -7.10
N SER A 74 -25.05 -27.43 -8.35
CA SER A 74 -24.57 -26.14 -8.84
C SER A 74 -23.12 -25.80 -8.44
N ALA A 75 -22.39 -26.74 -7.86
CA ALA A 75 -21.01 -26.45 -7.50
C ALA A 75 -20.08 -26.99 -8.60
N PHE A 76 -18.77 -26.74 -8.45
CA PHE A 76 -17.83 -27.19 -9.45
C PHE A 76 -16.73 -28.02 -8.83
N ALA A 77 -15.95 -28.66 -9.70
CA ALA A 77 -14.83 -29.50 -9.33
C ALA A 77 -14.10 -29.87 -10.60
N ALA A 78 -12.94 -30.51 -10.47
CA ALA A 78 -12.18 -30.93 -11.65
C ALA A 78 -12.97 -31.99 -12.43
N PHE A 79 -13.57 -32.91 -11.71
CA PHE A 79 -14.34 -33.98 -12.31
C PHE A 79 -15.75 -34.07 -11.73
N VAL A 80 -16.71 -34.49 -12.56
CA VAL A 80 -18.10 -34.59 -12.13
C VAL A 80 -18.23 -35.55 -10.95
N LYS A 81 -17.32 -36.51 -10.91
CA LYS A 81 -17.28 -37.50 -9.84
C LYS A 81 -16.56 -36.98 -8.61
N ARG A 82 -15.71 -35.97 -8.80
CA ARG A 82 -14.98 -35.43 -7.66
C ARG A 82 -15.87 -34.62 -6.75
N ALA A 83 -15.50 -34.60 -5.46
CA ALA A 83 -16.24 -33.86 -4.44
C ALA A 83 -16.13 -32.39 -4.80
N PRO A 84 -17.25 -31.65 -4.70
CA PRO A 84 -17.23 -30.23 -5.05
C PRO A 84 -16.22 -29.49 -4.20
N SER A 85 -15.70 -28.40 -4.75
CA SER A 85 -14.71 -27.56 -4.08
C SER A 85 -15.23 -26.14 -3.87
N THR A 86 -15.14 -25.66 -2.63
CA THR A 86 -15.58 -24.33 -2.27
C THR A 86 -14.80 -23.23 -2.99
N TRP A 87 -13.49 -23.39 -3.09
CA TRP A 87 -12.66 -22.40 -3.75
C TRP A 87 -12.93 -22.33 -5.26
N LEU A 88 -12.88 -23.47 -5.94
CA LEU A 88 -13.14 -23.49 -7.37
C LEU A 88 -14.54 -22.94 -7.69
N THR A 89 -15.55 -23.40 -6.94
CA THR A 89 -16.93 -22.94 -7.15
C THR A 89 -16.94 -21.41 -7.04
N ALA A 90 -16.27 -20.90 -5.99
CA ALA A 90 -16.14 -19.47 -5.73
C ALA A 90 -15.33 -18.85 -6.87
N TYR A 91 -14.31 -19.58 -7.32
CA TYR A 91 -13.47 -19.08 -8.41
C TYR A 91 -14.26 -18.93 -9.70
N VAL A 92 -14.99 -19.99 -10.08
CA VAL A 92 -15.78 -19.92 -11.30
C VAL A 92 -16.66 -18.66 -11.25
N VAL A 93 -17.27 -18.43 -10.08
CA VAL A 93 -18.15 -17.31 -9.83
C VAL A 93 -17.53 -15.97 -10.21
N LYS A 94 -16.33 -15.67 -9.71
CA LYS A 94 -15.74 -14.39 -10.04
C LYS A 94 -15.29 -14.28 -11.49
N VAL A 95 -14.65 -15.29 -12.04
CA VAL A 95 -14.29 -15.19 -13.45
C VAL A 95 -15.57 -14.89 -14.25
N PHE A 96 -16.60 -15.73 -14.06
CA PHE A 96 -17.90 -15.57 -14.73
C PHE A 96 -18.63 -14.23 -14.48
N SER A 97 -18.53 -13.71 -13.27
CA SER A 97 -19.20 -12.46 -12.94
C SER A 97 -18.54 -11.35 -13.72
N LEU A 98 -17.26 -11.54 -14.02
CA LEU A 98 -16.49 -10.56 -14.74
C LEU A 98 -16.78 -10.66 -16.24
N ALA A 99 -17.24 -11.83 -16.65
CA ALA A 99 -17.51 -12.08 -18.05
C ALA A 99 -18.94 -11.89 -18.54
N VAL A 100 -19.81 -11.32 -17.70
CA VAL A 100 -21.20 -11.05 -18.10
C VAL A 100 -21.21 -9.90 -19.14
N ASN A 101 -20.04 -9.30 -19.34
CA ASN A 101 -19.88 -8.21 -20.28
C ASN A 101 -18.99 -8.70 -21.40
N LEU A 102 -18.71 -10.00 -21.44
CA LEU A 102 -17.86 -10.49 -22.51
C LEU A 102 -18.60 -11.49 -23.37
N ILE A 103 -19.32 -12.39 -22.73
CA ILE A 103 -20.08 -13.39 -23.46
C ILE A 103 -21.39 -13.70 -22.73
N ALA A 104 -22.16 -14.62 -23.29
CA ALA A 104 -23.41 -15.06 -22.68
C ALA A 104 -23.12 -15.84 -21.38
N ILE A 105 -23.85 -15.50 -20.31
CA ILE A 105 -23.71 -16.18 -19.03
C ILE A 105 -25.10 -16.43 -18.46
N ASP A 106 -25.38 -17.70 -18.20
CA ASP A 106 -26.66 -18.10 -17.60
C ASP A 106 -26.63 -17.65 -16.12
N SER A 107 -27.46 -16.67 -15.77
CA SER A 107 -27.51 -16.19 -14.40
C SER A 107 -27.90 -17.32 -13.46
N GLN A 108 -28.59 -18.34 -13.99
CA GLN A 108 -29.04 -19.47 -13.18
C GLN A 108 -27.83 -20.23 -12.65
N VAL A 109 -26.80 -20.31 -13.48
CA VAL A 109 -25.58 -21.01 -13.08
C VAL A 109 -24.83 -20.26 -11.99
N LEU A 110 -24.74 -18.95 -12.13
CA LEU A 110 -24.02 -18.15 -11.15
C LEU A 110 -24.74 -18.09 -9.80
N CYS A 111 -26.05 -17.92 -9.85
CA CYS A 111 -26.86 -17.83 -8.64
C CYS A 111 -26.95 -19.21 -8.03
N GLY A 112 -26.94 -20.23 -8.87
CA GLY A 112 -27.00 -21.59 -8.37
C GLY A 112 -25.77 -21.89 -7.56
N ALA A 113 -24.62 -21.47 -8.08
CA ALA A 113 -23.36 -21.71 -7.40
C ALA A 113 -23.25 -20.82 -6.15
N VAL A 114 -23.69 -19.58 -6.24
CA VAL A 114 -23.63 -18.71 -5.06
C VAL A 114 -24.51 -19.25 -3.95
N LYS A 115 -25.71 -19.70 -4.32
CA LYS A 115 -26.66 -20.24 -3.35
C LYS A 115 -26.08 -21.46 -2.61
N TRP A 116 -25.28 -22.25 -3.30
CA TRP A 116 -24.67 -23.43 -2.69
C TRP A 116 -23.55 -22.97 -1.75
N LEU A 117 -22.73 -22.06 -2.25
CA LEU A 117 -21.62 -21.54 -1.46
C LEU A 117 -22.08 -20.95 -0.13
N ILE A 118 -23.38 -20.84 0.08
CA ILE A 118 -23.87 -20.28 1.34
C ILE A 118 -24.59 -21.30 2.22
N LEU A 119 -25.60 -21.93 1.65
CA LEU A 119 -26.39 -22.93 2.35
C LEU A 119 -25.60 -24.13 2.87
N GLU A 120 -24.44 -24.41 2.26
CA GLU A 120 -23.65 -25.56 2.67
C GLU A 120 -22.14 -25.38 2.77
N LYS A 121 -21.64 -24.15 2.66
CA LYS A 121 -20.19 -23.94 2.75
C LYS A 121 -19.84 -22.79 3.69
N GLN A 122 -20.86 -22.16 4.24
CA GLN A 122 -20.63 -21.07 5.16
C GLN A 122 -21.03 -21.57 6.54
N LYS A 123 -20.05 -21.63 7.43
CA LYS A 123 -20.28 -22.09 8.79
C LYS A 123 -21.24 -21.16 9.51
N PRO A 124 -21.97 -21.70 10.50
CA PRO A 124 -22.92 -20.89 11.27
C PRO A 124 -22.39 -19.54 11.79
N ASP A 125 -21.10 -19.29 11.61
CA ASP A 125 -20.52 -18.02 12.06
C ASP A 125 -19.88 -17.19 10.95
N GLY A 126 -20.33 -17.40 9.72
CA GLY A 126 -19.79 -16.65 8.59
C GLY A 126 -18.43 -17.10 8.08
N VAL A 127 -18.11 -18.37 8.32
CA VAL A 127 -16.83 -18.93 7.88
C VAL A 127 -17.11 -19.90 6.75
N PHE A 128 -16.62 -19.57 5.56
CA PHE A 128 -16.78 -20.45 4.40
C PHE A 128 -15.64 -21.46 4.52
N GLN A 129 -15.97 -22.74 4.37
CA GLN A 129 -14.98 -23.80 4.48
C GLN A 129 -14.76 -24.64 3.21
N GLU A 130 -13.55 -25.19 3.09
CA GLU A 130 -13.18 -26.01 1.94
C GLU A 130 -13.05 -27.49 2.35
N ASP A 131 -14.00 -28.33 1.94
CA ASP A 131 -13.98 -29.74 2.29
C ASP A 131 -13.30 -30.62 1.23
N ALA A 132 -13.30 -30.16 -0.01
CA ALA A 132 -12.67 -30.90 -1.09
C ALA A 132 -11.79 -29.95 -1.90
N PRO A 133 -10.51 -29.86 -1.52
CA PRO A 133 -9.52 -28.99 -2.17
C PRO A 133 -9.38 -29.29 -3.66
N VAL A 134 -8.83 -28.34 -4.41
CA VAL A 134 -8.60 -28.52 -5.83
C VAL A 134 -7.28 -29.28 -5.98
N ILE A 135 -7.19 -30.10 -7.01
CA ILE A 135 -5.96 -30.85 -7.21
C ILE A 135 -4.78 -29.93 -7.54
N HIS A 136 -5.03 -28.89 -8.34
CA HIS A 136 -3.99 -27.93 -8.73
C HIS A 136 -3.88 -26.81 -7.69
N GLN A 137 -3.17 -27.07 -6.61
CA GLN A 137 -3.04 -26.06 -5.57
C GLN A 137 -2.41 -24.74 -6.01
N GLU A 138 -1.60 -24.80 -7.06
CA GLU A 138 -0.91 -23.62 -7.59
C GLU A 138 -1.81 -22.62 -8.25
N MET A 139 -3.02 -23.06 -8.59
CA MET A 139 -3.95 -22.19 -9.26
C MET A 139 -4.62 -21.21 -8.32
N ILE A 140 -4.42 -21.37 -7.02
CA ILE A 140 -5.10 -20.52 -6.06
C ILE A 140 -4.22 -19.45 -5.38
N GLY A 141 -3.29 -18.89 -6.15
CA GLY A 141 -2.42 -17.85 -5.61
C GLY A 141 -1.90 -18.07 -4.21
N GLY A 142 -2.04 -17.03 -3.37
CA GLY A 142 -1.55 -17.10 -2.00
C GLY A 142 -2.46 -17.73 -0.97
N LEU A 143 -3.68 -18.06 -1.35
CA LEU A 143 -4.63 -18.70 -0.44
C LEU A 143 -4.12 -20.11 -0.12
N ARG A 144 -3.05 -20.50 -0.82
CA ARG A 144 -2.41 -21.80 -0.65
C ARG A 144 -1.66 -21.83 0.68
N ASN A 145 -1.17 -20.66 1.09
CA ASN A 145 -0.45 -20.49 2.34
C ASN A 145 -1.37 -20.89 3.47
N ASN A 146 -1.26 -22.14 3.90
CA ASN A 146 -2.09 -22.70 4.97
C ASN A 146 -2.45 -21.68 6.06
N ASN A 147 -1.44 -21.09 6.70
CA ASN A 147 -1.66 -20.12 7.79
C ASN A 147 -2.74 -19.08 7.50
N GLU A 148 -3.67 -18.96 8.45
CA GLU A 148 -4.79 -18.01 8.37
C GLU A 148 -5.70 -18.39 7.20
N LYS A 149 -6.07 -19.66 7.14
CA LYS A 149 -6.91 -20.16 6.06
C LYS A 149 -8.34 -19.65 6.17
N ASP A 150 -8.90 -19.70 7.37
CA ASP A 150 -10.28 -19.25 7.57
C ASP A 150 -10.52 -17.79 7.19
N MET A 151 -9.59 -16.92 7.55
CA MET A 151 -9.75 -15.52 7.22
C MET A 151 -9.59 -15.30 5.74
N ALA A 152 -8.65 -16.04 5.15
CA ALA A 152 -8.34 -15.91 3.74
C ALA A 152 -9.42 -16.50 2.81
N LEU A 153 -9.71 -17.79 2.99
CA LEU A 153 -10.70 -18.44 2.16
C LEU A 153 -12.04 -17.75 2.31
N THR A 154 -12.26 -17.10 3.46
CA THR A 154 -13.53 -16.41 3.65
C THR A 154 -13.49 -15.07 2.90
N ALA A 155 -12.32 -14.45 2.83
CA ALA A 155 -12.19 -13.19 2.10
C ALA A 155 -12.33 -13.44 0.58
N PHE A 156 -11.85 -14.61 0.15
CA PHE A 156 -11.93 -14.96 -1.26
C PHE A 156 -13.39 -15.17 -1.68
N VAL A 157 -14.08 -16.08 -1.00
CA VAL A 157 -15.49 -16.36 -1.31
C VAL A 157 -16.30 -15.07 -1.32
N LEU A 158 -16.17 -14.31 -0.23
CA LEU A 158 -16.87 -13.03 -0.04
C LEU A 158 -16.62 -12.14 -1.25
N ILE A 159 -15.35 -11.87 -1.55
CA ILE A 159 -15.01 -11.03 -2.68
C ILE A 159 -15.71 -11.49 -3.97
N SER A 160 -15.89 -12.80 -4.13
CA SER A 160 -16.56 -13.30 -5.33
C SER A 160 -18.01 -12.91 -5.22
N LEU A 161 -18.62 -13.32 -4.12
CA LEU A 161 -20.02 -13.03 -3.85
C LEU A 161 -20.31 -11.54 -4.10
N GLN A 162 -19.28 -10.70 -3.96
CA GLN A 162 -19.44 -9.24 -4.16
C GLN A 162 -19.40 -8.92 -5.64
N GLU A 163 -18.60 -9.67 -6.38
CA GLU A 163 -18.49 -9.48 -7.82
C GLU A 163 -19.71 -10.13 -8.47
N ALA A 164 -20.54 -10.77 -7.64
CA ALA A 164 -21.73 -11.43 -8.15
C ALA A 164 -23.01 -10.85 -7.58
N LYS A 165 -22.87 -9.81 -6.76
CA LYS A 165 -24.02 -9.17 -6.14
C LYS A 165 -25.03 -8.69 -7.17
N ASP A 166 -24.62 -7.72 -7.98
CA ASP A 166 -25.48 -7.15 -9.02
C ASP A 166 -26.19 -8.24 -9.83
N ILE A 167 -25.43 -9.28 -10.18
CA ILE A 167 -25.97 -10.36 -10.98
C ILE A 167 -27.05 -11.11 -10.22
N CYS A 168 -26.72 -11.67 -9.07
CA CYS A 168 -27.69 -12.45 -8.30
C CYS A 168 -28.30 -11.80 -7.06
N GLU A 169 -28.36 -10.48 -7.03
CA GLU A 169 -28.92 -9.79 -5.88
C GLU A 169 -30.45 -9.96 -5.77
N GLU A 170 -31.09 -10.30 -6.88
CA GLU A 170 -32.55 -10.46 -6.89
C GLU A 170 -33.05 -11.89 -6.85
N GLN A 171 -32.15 -12.84 -7.00
CA GLN A 171 -32.57 -14.23 -7.00
C GLN A 171 -32.12 -15.02 -5.76
N VAL A 172 -31.20 -14.46 -4.98
CA VAL A 172 -30.72 -15.15 -3.80
C VAL A 172 -31.08 -14.42 -2.51
N ASN A 173 -31.86 -15.07 -1.65
CA ASN A 173 -32.29 -14.46 -0.41
C ASN A 173 -31.18 -14.36 0.62
N SER A 174 -30.48 -15.47 0.82
CA SER A 174 -29.39 -15.54 1.78
C SER A 174 -28.18 -14.66 1.48
N LEU A 175 -27.90 -14.42 0.20
CA LEU A 175 -26.75 -13.60 -0.21
C LEU A 175 -26.42 -12.41 0.71
N PRO A 176 -27.42 -11.56 1.02
CA PRO A 176 -27.18 -10.40 1.89
C PRO A 176 -26.84 -10.77 3.33
N GLY A 177 -27.50 -11.80 3.84
CA GLY A 177 -27.24 -12.23 5.20
C GLY A 177 -25.90 -12.91 5.30
N SER A 178 -25.53 -13.58 4.21
CA SER A 178 -24.26 -14.30 4.14
C SER A 178 -23.16 -13.25 4.05
N ILE A 179 -23.42 -12.19 3.29
CA ILE A 179 -22.42 -11.14 3.13
C ILE A 179 -22.04 -10.58 4.50
N THR A 180 -23.04 -10.09 5.23
CA THR A 180 -22.85 -9.49 6.55
C THR A 180 -22.27 -10.46 7.58
N LYS A 181 -22.77 -11.70 7.57
CA LYS A 181 -22.31 -12.72 8.51
C LYS A 181 -20.87 -13.11 8.19
N ALA A 182 -20.45 -12.88 6.96
CA ALA A 182 -19.09 -13.19 6.56
C ALA A 182 -18.20 -12.01 6.91
N GLY A 183 -18.59 -10.85 6.40
CA GLY A 183 -17.84 -9.62 6.63
C GLY A 183 -17.43 -9.34 8.06
N ASP A 184 -18.25 -9.76 9.03
CA ASP A 184 -17.93 -9.53 10.44
C ASP A 184 -16.76 -10.42 10.86
N PHE A 185 -16.86 -11.70 10.55
CA PHE A 185 -15.80 -12.65 10.89
C PHE A 185 -14.43 -12.06 10.62
N LEU A 186 -14.26 -11.49 9.43
CA LEU A 186 -13.00 -10.87 9.04
C LEU A 186 -12.71 -9.62 9.88
N GLU A 187 -13.77 -8.89 10.23
CA GLU A 187 -13.63 -7.67 11.01
C GLU A 187 -13.27 -7.93 12.49
N ALA A 188 -13.82 -9.01 13.03
CA ALA A 188 -13.58 -9.41 14.42
C ALA A 188 -12.17 -9.94 14.59
N ASN A 189 -11.57 -10.35 13.48
CA ASN A 189 -10.23 -10.91 13.54
C ASN A 189 -9.24 -10.23 12.60
N TYR A 190 -9.59 -9.03 12.16
CA TYR A 190 -8.73 -8.27 11.26
C TYR A 190 -7.47 -7.80 11.98
N MET A 191 -7.65 -7.35 13.22
CA MET A 191 -6.56 -6.85 14.05
C MET A 191 -5.54 -7.94 14.39
N ASN A 192 -5.99 -9.19 14.38
CA ASN A 192 -5.12 -10.32 14.70
C ASN A 192 -4.53 -11.01 13.47
N LEU A 193 -4.02 -10.21 12.52
CA LEU A 193 -3.42 -10.74 11.30
C LEU A 193 -1.97 -10.32 11.15
N GLN A 194 -1.09 -11.26 10.82
CA GLN A 194 0.34 -10.97 10.66
C GLN A 194 0.86 -11.09 9.22
N ARG A 195 0.08 -11.73 8.36
CA ARG A 195 0.48 -11.89 6.96
C ARG A 195 -0.18 -10.78 6.14
N SER A 196 0.63 -9.99 5.45
CA SER A 196 0.10 -8.90 4.64
C SER A 196 -0.95 -9.43 3.67
N TYR A 197 -0.72 -10.64 3.18
CA TYR A 197 -1.64 -11.23 2.23
C TYR A 197 -3.05 -11.28 2.80
N THR A 198 -3.21 -11.93 3.95
CA THR A 198 -4.54 -12.02 4.55
C THR A 198 -5.10 -10.64 4.82
N VAL A 199 -4.23 -9.71 5.20
CA VAL A 199 -4.68 -8.37 5.49
C VAL A 199 -5.02 -7.67 4.18
N ALA A 200 -4.23 -7.95 3.15
CA ALA A 200 -4.40 -7.35 1.82
C ALA A 200 -5.66 -7.84 1.12
N ILE A 201 -5.92 -9.13 1.22
CA ILE A 201 -7.09 -9.70 0.58
C ILE A 201 -8.36 -9.42 1.38
N ALA A 202 -8.34 -9.69 2.69
CA ALA A 202 -9.51 -9.43 3.53
C ALA A 202 -9.77 -7.92 3.62
N GLY A 203 -8.72 -7.13 3.41
CA GLY A 203 -8.87 -5.70 3.44
C GLY A 203 -9.87 -5.32 2.37
N TYR A 204 -9.53 -5.63 1.11
CA TYR A 204 -10.42 -5.34 -0.01
C TYR A 204 -11.79 -5.94 0.32
N ALA A 205 -11.75 -7.11 0.94
CA ALA A 205 -12.94 -7.83 1.33
C ALA A 205 -13.86 -6.95 2.14
N LEU A 206 -13.27 -6.27 3.12
CA LEU A 206 -14.02 -5.37 4.02
C LEU A 206 -14.31 -4.01 3.37
N ALA A 207 -13.30 -3.44 2.74
CA ALA A 207 -13.44 -2.15 2.08
C ALA A 207 -14.64 -2.19 1.13
N GLN A 208 -15.15 -3.39 0.85
CA GLN A 208 -16.29 -3.56 -0.04
C GLN A 208 -17.62 -3.37 0.72
N MET A 209 -17.52 -2.96 1.98
CA MET A 209 -18.70 -2.72 2.81
C MET A 209 -18.34 -1.86 4.01
N GLY A 214 -11.83 2.56 10.57
CA GLY A 214 -11.08 3.33 11.54
C GLY A 214 -9.75 2.69 11.90
N PRO A 215 -9.71 1.87 12.96
CA PRO A 215 -8.48 1.19 13.39
C PRO A 215 -8.07 0.12 12.38
N LEU A 216 -9.08 -0.55 11.83
CA LEU A 216 -8.82 -1.59 10.84
C LEU A 216 -8.11 -0.90 9.69
N LEU A 217 -8.70 0.20 9.22
CA LEU A 217 -8.19 0.96 8.11
C LEU A 217 -6.80 1.51 8.34
N ASN A 218 -6.43 1.67 9.61
CA ASN A 218 -5.10 2.18 9.87
C ASN A 218 -4.20 0.97 9.79
N LYS A 219 -4.78 -0.19 10.11
CA LYS A 219 -4.06 -1.46 10.07
C LYS A 219 -3.74 -1.85 8.62
N PHE A 220 -4.69 -1.56 7.74
CA PHE A 220 -4.55 -1.84 6.33
C PHE A 220 -3.41 -1.05 5.74
N LEU A 221 -3.01 0.07 6.32
CA LEU A 221 -1.93 0.84 5.72
C LEU A 221 -0.54 0.45 6.20
N THR A 222 -0.34 0.54 7.51
CA THR A 222 0.94 0.25 8.16
C THR A 222 1.49 -1.17 7.98
N THR A 223 0.75 -2.02 7.27
CA THR A 223 1.20 -3.38 7.02
C THR A 223 1.92 -3.40 5.66
N ALA A 224 1.82 -2.29 4.95
CA ALA A 224 2.43 -2.12 3.63
C ALA A 224 3.89 -1.65 3.69
N LYS A 225 4.81 -2.56 3.37
CA LYS A 225 6.24 -2.26 3.37
C LYS A 225 6.60 -1.19 2.36
N ASP A 226 7.25 -0.13 2.84
CA ASP A 226 7.67 1.00 2.01
C ASP A 226 6.49 1.84 1.53
N LYS A 227 5.30 1.51 2.03
CA LYS A 227 4.06 2.23 1.69
C LYS A 227 3.66 2.12 0.19
N ASN A 228 4.13 1.08 -0.49
CA ASN A 228 3.84 0.91 -1.92
C ASN A 228 3.64 -0.57 -2.30
N ARG A 229 3.79 -1.45 -1.33
CA ARG A 229 3.63 -2.88 -1.58
C ARG A 229 3.26 -3.67 -0.35
N TRP A 230 2.38 -4.66 -0.53
CA TRP A 230 2.02 -5.56 0.55
C TRP A 230 2.83 -6.76 0.16
N GLU A 231 4.03 -6.89 0.71
CA GLU A 231 4.83 -8.03 0.38
C GLU A 231 5.01 -8.80 1.65
N ASP A 232 5.31 -10.08 1.50
CA ASP A 232 5.53 -10.93 2.67
C ASP A 232 6.72 -11.76 2.38
N PRO A 233 7.37 -12.22 3.43
CA PRO A 233 8.57 -13.03 3.27
C PRO A 233 8.57 -14.26 2.34
N GLY A 234 7.86 -14.25 1.18
CA GLY A 234 8.01 -15.38 0.28
C GLY A 234 7.86 -15.19 -1.19
N LYS A 235 7.13 -16.11 -1.78
CA LYS A 235 6.90 -16.08 -3.21
C LYS A 235 6.34 -14.74 -3.65
N GLN A 236 7.16 -13.95 -4.33
CA GLN A 236 6.77 -12.63 -4.82
C GLN A 236 5.37 -12.64 -5.46
N LEU A 237 5.12 -13.60 -6.37
CA LEU A 237 3.82 -13.71 -7.05
C LEU A 237 2.65 -13.54 -6.06
N TYR A 238 2.87 -14.00 -4.83
CA TYR A 238 1.85 -13.87 -3.80
C TYR A 238 1.62 -12.40 -3.45
N ASN A 239 2.69 -11.61 -3.41
CA ASN A 239 2.61 -10.20 -3.08
C ASN A 239 1.93 -9.42 -4.21
N VAL A 240 2.25 -9.81 -5.44
CA VAL A 240 1.68 -9.20 -6.63
C VAL A 240 0.17 -9.29 -6.46
N GLU A 241 -0.27 -10.46 -6.01
CA GLU A 241 -1.68 -10.72 -5.79
C GLU A 241 -2.11 -9.87 -4.60
N ALA A 242 -1.37 -10.03 -3.51
CA ALA A 242 -1.61 -9.31 -2.27
C ALA A 242 -1.75 -7.81 -2.52
N THR A 243 -0.76 -7.23 -3.19
CA THR A 243 -0.77 -5.80 -3.47
C THR A 243 -1.92 -5.40 -4.37
N SER A 244 -2.40 -6.34 -5.18
CA SER A 244 -3.51 -6.09 -6.09
C SER A 244 -4.84 -5.96 -5.33
N TYR A 245 -5.16 -6.98 -4.54
CA TYR A 245 -6.39 -6.93 -3.76
C TYR A 245 -6.41 -5.63 -2.99
N ALA A 246 -5.27 -5.28 -2.45
CA ALA A 246 -5.16 -4.07 -1.68
C ALA A 246 -5.35 -2.85 -2.54
N LEU A 247 -4.74 -2.85 -3.71
CA LEU A 247 -4.93 -1.74 -4.62
C LEU A 247 -6.43 -1.55 -4.85
N LEU A 248 -7.15 -2.63 -5.10
CA LEU A 248 -8.58 -2.52 -5.30
C LEU A 248 -9.21 -2.01 -4.01
N ALA A 249 -8.55 -2.26 -2.88
CA ALA A 249 -9.05 -1.79 -1.59
C ALA A 249 -9.05 -0.26 -1.57
N LEU A 250 -7.93 0.32 -1.99
CA LEU A 250 -7.78 1.77 -2.03
C LEU A 250 -8.91 2.40 -2.84
N LEU A 251 -9.02 1.97 -4.10
CA LEU A 251 -10.03 2.49 -5.03
C LEU A 251 -11.44 2.41 -4.46
N GLN A 252 -11.70 1.44 -3.59
CA GLN A 252 -13.04 1.32 -3.00
C GLN A 252 -13.30 2.49 -2.08
N LEU A 253 -12.23 3.06 -1.53
CA LEU A 253 -12.31 4.22 -0.62
C LEU A 253 -11.84 5.48 -1.36
N LYS A 254 -11.54 5.30 -2.64
CA LYS A 254 -11.07 6.37 -3.51
C LYS A 254 -9.86 7.11 -2.96
N ASP A 255 -9.20 6.51 -1.98
CA ASP A 255 -8.01 7.11 -1.40
C ASP A 255 -6.90 7.06 -2.45
N PHE A 256 -7.14 7.71 -3.59
CA PHE A 256 -6.17 7.74 -4.67
C PHE A 256 -4.91 8.43 -4.18
N ASP A 257 -4.91 8.73 -2.88
CA ASP A 257 -3.78 9.39 -2.23
C ASP A 257 -2.51 8.56 -2.30
N PHE A 258 -2.56 7.35 -1.75
CA PHE A 258 -1.40 6.46 -1.75
C PHE A 258 -1.45 5.47 -2.89
N VAL A 259 -2.40 5.65 -3.81
CA VAL A 259 -2.52 4.75 -4.94
C VAL A 259 -1.35 4.85 -5.92
N PRO A 260 -0.96 6.07 -6.31
CA PRO A 260 0.15 6.20 -7.25
C PRO A 260 1.34 5.27 -7.03
N PRO A 261 1.85 5.19 -5.78
CA PRO A 261 3.00 4.32 -5.49
C PRO A 261 2.69 2.86 -5.79
N VAL A 262 1.68 2.35 -5.10
CA VAL A 262 1.25 0.97 -5.27
C VAL A 262 1.24 0.61 -6.75
N VAL A 263 0.41 1.30 -7.53
CA VAL A 263 0.31 1.05 -8.96
C VAL A 263 1.67 1.09 -9.66
N ARG A 264 2.49 2.06 -9.26
CA ARG A 264 3.83 2.23 -9.83
C ARG A 264 4.66 1.00 -9.53
N TRP A 265 4.51 0.46 -8.33
CA TRP A 265 5.25 -0.73 -7.96
C TRP A 265 4.78 -1.96 -8.72
N LEU A 266 3.48 -2.02 -9.04
CA LEU A 266 2.91 -3.15 -9.77
C LEU A 266 3.43 -3.21 -11.22
N ASN A 267 3.48 -2.05 -11.86
CA ASN A 267 3.96 -1.97 -13.22
C ASN A 267 5.41 -2.44 -13.30
N GLU A 268 6.17 -2.14 -12.25
CA GLU A 268 7.57 -2.55 -12.18
C GLU A 268 7.68 -3.97 -11.63
N GLN A 269 6.60 -4.72 -11.78
CA GLN A 269 6.53 -6.10 -11.33
C GLN A 269 6.07 -7.01 -12.49
N GLY A 275 1.20 -18.60 -17.29
CA GLY A 275 2.16 -19.67 -17.05
C GLY A 275 1.68 -20.70 -16.03
N TYR A 276 2.61 -21.11 -15.16
CA TYR A 276 2.35 -22.09 -14.11
C TYR A 276 2.28 -21.35 -12.76
N GLY A 277 1.18 -21.55 -12.04
CA GLY A 277 1.02 -20.90 -10.75
C GLY A 277 0.75 -19.40 -10.76
N SER A 278 0.53 -18.82 -11.94
CA SER A 278 0.26 -17.38 -12.05
C SER A 278 -1.22 -17.06 -12.29
N THR A 279 -2.07 -18.05 -12.09
CA THR A 279 -3.49 -17.82 -12.28
C THR A 279 -3.96 -16.60 -11.47
N GLN A 280 -3.84 -16.64 -10.15
CA GLN A 280 -4.30 -15.52 -9.33
C GLN A 280 -3.68 -14.14 -9.60
N ALA A 281 -2.37 -14.07 -9.69
CA ALA A 281 -1.73 -12.78 -9.94
C ALA A 281 -2.22 -12.21 -11.28
N THR A 282 -2.14 -12.99 -12.36
CA THR A 282 -2.58 -12.56 -13.69
C THR A 282 -4.01 -12.00 -13.63
N PHE A 283 -4.86 -12.69 -12.90
CA PHE A 283 -6.24 -12.27 -12.76
C PHE A 283 -6.33 -10.96 -11.96
N MET A 284 -5.94 -11.03 -10.69
CA MET A 284 -5.99 -9.89 -9.79
C MET A 284 -5.23 -8.66 -10.25
N VAL A 285 -3.96 -8.83 -10.63
CA VAL A 285 -3.13 -7.72 -11.05
C VAL A 285 -3.79 -6.86 -12.13
N PHE A 286 -4.19 -7.49 -13.23
CA PHE A 286 -4.82 -6.79 -14.33
C PHE A 286 -6.19 -6.26 -13.98
N GLN A 287 -6.84 -6.90 -13.01
CA GLN A 287 -8.14 -6.44 -12.60
C GLN A 287 -7.96 -5.23 -11.72
N ALA A 288 -6.85 -5.21 -11.00
CA ALA A 288 -6.55 -4.09 -10.11
C ALA A 288 -6.15 -2.89 -10.96
N LEU A 289 -5.27 -3.13 -11.93
CA LEU A 289 -4.78 -2.10 -12.82
C LEU A 289 -5.88 -1.68 -13.78
N ALA A 290 -6.99 -2.40 -13.73
CA ALA A 290 -8.13 -2.11 -14.58
C ALA A 290 -9.07 -1.21 -13.79
N GLN A 291 -9.51 -1.72 -12.64
CA GLN A 291 -10.42 -0.98 -11.77
C GLN A 291 -9.81 0.38 -11.48
N TYR A 292 -8.50 0.49 -11.70
CA TYR A 292 -7.78 1.73 -11.49
C TYR A 292 -8.08 2.71 -12.62
N GLN A 293 -7.70 2.33 -13.83
CA GLN A 293 -7.93 3.17 -15.01
C GLN A 293 -9.37 3.66 -15.05
N LYS A 294 -10.26 2.90 -14.43
CA LYS A 294 -11.69 3.21 -14.39
C LYS A 294 -12.09 4.14 -13.25
N ASP A 295 -11.66 3.82 -12.04
CA ASP A 295 -12.01 4.60 -10.84
C ASP A 295 -11.29 5.94 -10.67
N ALA A 296 -10.08 6.06 -11.18
CA ALA A 296 -9.34 7.31 -11.06
C ALA A 296 -9.19 7.97 -12.42
N ASN B 23 -42.21 -6.89 -19.22
CA ASN B 23 -41.01 -6.99 -18.33
C ASN B 23 -39.93 -6.01 -18.73
N LYS B 24 -39.63 -5.08 -17.84
CA LYS B 24 -38.61 -4.06 -18.07
C LYS B 24 -37.28 -4.64 -18.54
N LYS B 25 -36.78 -5.64 -17.82
CA LYS B 25 -35.49 -6.24 -18.17
C LYS B 25 -35.36 -6.70 -19.63
N VAL B 26 -36.46 -7.03 -20.29
CA VAL B 26 -36.34 -7.43 -21.69
C VAL B 26 -36.24 -6.17 -22.53
N VAL B 27 -37.05 -5.17 -22.18
CA VAL B 27 -37.02 -3.90 -22.90
C VAL B 27 -35.64 -3.27 -22.77
N ASP B 28 -35.12 -3.27 -21.55
CA ASP B 28 -33.80 -2.72 -21.27
C ASP B 28 -32.82 -3.44 -22.19
N ALA B 29 -32.81 -4.78 -22.10
CA ALA B 29 -31.94 -5.60 -22.93
C ALA B 29 -32.13 -5.24 -24.40
N GLN B 30 -33.39 -4.93 -24.75
CA GLN B 30 -33.75 -4.53 -26.11
C GLN B 30 -33.14 -3.19 -26.47
N LYS B 31 -33.33 -2.21 -25.60
CA LYS B 31 -32.76 -0.90 -25.85
C LYS B 31 -31.22 -0.98 -25.94
N ALA B 32 -30.64 -1.92 -25.19
CA ALA B 32 -29.20 -2.10 -25.19
C ALA B 32 -28.72 -2.77 -26.48
N VAL B 33 -29.43 -3.79 -26.95
CA VAL B 33 -29.01 -4.48 -28.18
C VAL B 33 -29.25 -3.62 -29.41
N GLU B 34 -30.33 -2.86 -29.43
CA GLU B 34 -30.58 -1.99 -30.60
C GLU B 34 -29.44 -0.98 -30.80
N LEU B 35 -29.02 -0.32 -29.72
CA LEU B 35 -27.96 0.66 -29.78
C LEU B 35 -26.64 0.02 -30.23
N PHE B 36 -26.45 -1.24 -29.83
CA PHE B 36 -25.25 -1.96 -30.20
C PHE B 36 -25.22 -2.29 -31.69
N LYS B 37 -26.38 -2.66 -32.23
CA LYS B 37 -26.48 -2.98 -33.65
C LYS B 37 -26.11 -1.78 -34.49
N ARG B 38 -26.55 -0.61 -34.06
CA ARG B 38 -26.25 0.61 -34.79
C ARG B 38 -24.82 1.12 -34.54
N THR B 39 -24.47 1.29 -33.27
CA THR B 39 -23.16 1.81 -32.85
C THR B 39 -21.94 0.92 -33.15
N ARG B 40 -22.08 -0.37 -32.88
CA ARG B 40 -21.01 -1.33 -33.11
C ARG B 40 -19.69 -0.95 -32.45
N THR B 41 -19.70 -0.85 -31.12
CA THR B 41 -18.51 -0.53 -30.34
C THR B 41 -18.29 -1.48 -29.15
N VAL B 42 -17.07 -1.50 -28.65
CA VAL B 42 -16.71 -2.32 -27.51
C VAL B 42 -17.54 -1.89 -26.31
N ALA B 43 -17.87 -0.61 -26.26
CA ALA B 43 -18.65 -0.12 -25.15
C ALA B 43 -20.06 -0.62 -25.24
N THR B 44 -20.71 -0.33 -26.37
CA THR B 44 -22.09 -0.75 -26.55
C THR B 44 -22.28 -2.26 -26.44
N HIS B 45 -21.27 -3.01 -26.84
CA HIS B 45 -21.32 -4.48 -26.74
C HIS B 45 -21.35 -4.92 -25.28
N ARG B 46 -20.50 -4.33 -24.45
CA ARG B 46 -20.48 -4.71 -23.05
C ARG B 46 -21.84 -4.46 -22.44
N LYS B 47 -22.42 -3.32 -22.79
CA LYS B 47 -23.73 -2.95 -22.28
C LYS B 47 -24.85 -3.88 -22.79
N ALA B 48 -24.78 -4.25 -24.06
CA ALA B 48 -25.78 -5.14 -24.65
C ALA B 48 -25.70 -6.56 -24.10
N GLN B 49 -24.49 -7.09 -23.97
CA GLN B 49 -24.35 -8.46 -23.46
C GLN B 49 -24.83 -8.63 -22.00
N ARG B 50 -24.50 -7.64 -21.16
CA ARG B 50 -24.86 -7.65 -19.76
C ARG B 50 -26.36 -7.49 -19.64
N ALA B 51 -26.94 -6.61 -20.44
CA ALA B 51 -28.39 -6.43 -20.38
C ALA B 51 -29.07 -7.80 -20.57
N VAL B 52 -28.73 -8.46 -21.66
CA VAL B 52 -29.29 -9.78 -21.98
C VAL B 52 -29.03 -10.80 -20.85
N ASN B 53 -27.79 -10.82 -20.34
CA ASN B 53 -27.47 -11.72 -19.24
C ASN B 53 -28.29 -11.44 -18.02
N LEU B 54 -28.61 -10.17 -17.76
CA LEU B 54 -29.41 -9.79 -16.60
C LEU B 54 -30.82 -10.43 -16.63
N ILE B 55 -31.35 -10.71 -17.80
CA ILE B 55 -32.66 -11.36 -17.89
C ILE B 55 -32.47 -12.72 -17.24
N HIS B 56 -32.98 -12.89 -16.04
CA HIS B 56 -32.81 -14.14 -15.33
C HIS B 56 -33.67 -15.32 -15.80
N PHE B 57 -34.70 -15.03 -16.57
CA PHE B 57 -35.54 -16.09 -17.07
C PHE B 57 -34.77 -16.64 -18.30
N GLN B 58 -34.22 -17.83 -18.15
CA GLN B 58 -33.43 -18.44 -19.21
C GLN B 58 -34.21 -18.95 -20.41
N HIS B 59 -35.42 -19.41 -20.17
CA HIS B 59 -36.27 -19.94 -21.24
C HIS B 59 -37.03 -18.86 -22.00
N SER B 60 -36.80 -17.61 -21.65
CA SER B 60 -37.45 -16.50 -22.34
C SER B 60 -37.00 -16.60 -23.80
N TYR B 61 -37.91 -16.34 -24.74
CA TYR B 61 -37.50 -16.42 -26.15
C TYR B 61 -36.92 -15.11 -26.63
N GLU B 62 -37.38 -14.01 -26.02
CA GLU B 62 -36.85 -12.71 -26.40
C GLU B 62 -35.41 -12.67 -25.95
N LYS B 63 -35.05 -13.62 -25.10
CA LYS B 63 -33.70 -13.76 -24.55
C LYS B 63 -32.75 -14.34 -25.63
N LYS B 64 -33.13 -15.50 -26.18
CA LYS B 64 -32.31 -16.15 -27.18
C LYS B 64 -32.29 -15.32 -28.47
N LYS B 65 -33.44 -14.74 -28.79
CA LYS B 65 -33.52 -13.95 -29.99
C LYS B 65 -32.57 -12.78 -29.89
N LEU B 66 -32.68 -12.05 -28.77
CA LEU B 66 -31.82 -10.88 -28.53
C LEU B 66 -30.35 -11.29 -28.40
N GLN B 67 -30.09 -12.52 -27.96
CA GLN B 67 -28.70 -12.98 -27.83
C GLN B 67 -28.13 -13.18 -29.19
N ARG B 68 -29.02 -13.55 -30.12
CA ARG B 68 -28.65 -13.84 -31.51
C ARG B 68 -28.16 -12.57 -32.21
N GLN B 69 -28.88 -11.48 -32.03
CA GLN B 69 -28.46 -10.23 -32.66
C GLN B 69 -27.05 -9.86 -32.20
N ILE B 70 -26.76 -10.12 -30.91
CA ILE B 70 -25.44 -9.84 -30.32
C ILE B 70 -24.40 -10.62 -31.12
N ASP B 71 -24.54 -11.93 -31.11
CA ASP B 71 -23.62 -12.82 -31.78
C ASP B 71 -23.43 -12.48 -33.27
N LEU B 72 -24.48 -12.00 -33.92
CA LEU B 72 -24.39 -11.68 -35.35
C LEU B 72 -23.55 -10.46 -35.65
N VAL B 73 -23.50 -9.54 -34.70
CA VAL B 73 -22.70 -8.34 -34.91
C VAL B 73 -21.25 -8.69 -34.64
N LEU B 74 -21.02 -9.50 -33.62
CA LEU B 74 -19.66 -9.87 -33.27
C LEU B 74 -18.96 -10.63 -34.38
N LYS B 75 -19.69 -11.49 -35.06
CA LYS B 75 -19.11 -12.32 -36.11
C LYS B 75 -18.72 -11.60 -37.40
N TYR B 76 -19.54 -10.64 -37.83
CA TYR B 76 -19.27 -9.93 -39.08
C TYR B 76 -18.72 -8.51 -38.89
N ASN B 77 -18.43 -8.15 -37.64
CA ASN B 77 -17.90 -6.82 -37.33
C ASN B 77 -16.72 -6.81 -36.38
N THR B 78 -16.03 -5.68 -36.38
CA THR B 78 -14.89 -5.42 -35.53
C THR B 78 -15.38 -4.20 -34.77
N LEU B 79 -15.85 -4.41 -33.54
CA LEU B 79 -16.37 -3.31 -32.74
C LEU B 79 -15.37 -2.19 -32.54
N LYS B 80 -15.84 -1.10 -31.94
CA LYS B 80 -15.01 0.08 -31.69
C LYS B 80 -14.57 0.73 -33.00
N LYS C 11 -40.42 46.66 -18.47
CA LYS C 11 -40.01 47.99 -17.95
C LYS C 11 -39.77 47.89 -16.44
N HIS C 12 -40.62 47.11 -15.78
CA HIS C 12 -40.54 46.87 -14.34
C HIS C 12 -39.13 46.42 -13.98
N LEU C 13 -38.46 45.77 -14.94
CA LEU C 13 -37.12 45.24 -14.77
C LEU C 13 -36.02 46.23 -14.42
N ILE C 14 -36.29 47.53 -14.57
CA ILE C 14 -35.28 48.52 -14.23
C ILE C 14 -35.30 48.74 -12.72
N VAL C 15 -34.48 47.95 -12.03
CA VAL C 15 -34.37 47.97 -10.58
C VAL C 15 -33.01 48.49 -10.16
N THR C 16 -32.98 49.25 -9.07
CA THR C 16 -31.74 49.82 -8.54
C THR C 16 -31.13 48.85 -7.52
N PRO C 17 -29.95 48.27 -7.84
CA PRO C 17 -29.24 47.31 -6.96
C PRO C 17 -28.78 47.92 -5.64
N SER C 18 -28.69 47.11 -4.60
CA SER C 18 -28.28 47.58 -3.28
C SER C 18 -28.22 46.42 -2.28
N GLY C 19 -27.84 46.71 -1.04
CA GLY C 19 -27.79 45.67 -0.03
C GLY C 19 -26.47 44.94 0.14
N ALA C 20 -26.51 43.75 0.71
CA ALA C 20 -25.29 42.98 0.92
C ALA C 20 -24.88 42.23 -0.34
N GLY C 21 -23.97 41.29 -0.19
CA GLY C 21 -23.47 40.53 -1.32
C GLY C 21 -24.46 39.83 -2.21
N GLU C 22 -25.49 39.27 -1.58
CA GLU C 22 -26.52 38.55 -2.30
C GLU C 22 -27.63 39.46 -2.77
N GLN C 23 -28.33 40.10 -1.83
CA GLN C 23 -29.43 40.98 -2.20
C GLN C 23 -29.08 41.89 -3.36
N ASN C 24 -27.83 42.35 -3.39
CA ASN C 24 -27.37 43.24 -4.43
C ASN C 24 -27.41 42.64 -5.85
N MET C 25 -27.24 41.33 -5.97
CA MET C 25 -27.32 40.70 -7.29
C MET C 25 -28.81 40.57 -7.68
N ILE C 26 -29.68 40.45 -6.67
CA ILE C 26 -31.10 40.31 -6.92
C ILE C 26 -31.64 41.55 -7.63
N GLY C 27 -31.03 42.71 -7.36
CA GLY C 27 -31.47 43.94 -7.97
C GLY C 27 -30.68 44.37 -9.19
N MET C 28 -29.62 43.62 -9.49
CA MET C 28 -28.77 43.92 -10.60
C MET C 28 -29.14 43.00 -11.76
N THR C 29 -29.63 41.83 -11.41
CA THR C 29 -30.03 40.80 -12.38
C THR C 29 -30.99 41.37 -13.42
N PRO C 30 -32.22 41.70 -13.00
CA PRO C 30 -33.20 42.24 -13.94
C PRO C 30 -32.65 43.38 -14.77
N THR C 31 -32.18 44.43 -14.11
CA THR C 31 -31.64 45.57 -14.82
C THR C 31 -30.60 45.15 -15.87
N VAL C 32 -29.69 44.24 -15.51
CA VAL C 32 -28.68 43.78 -16.45
C VAL C 32 -29.28 42.93 -17.59
N ILE C 33 -30.28 42.12 -17.29
CA ILE C 33 -30.87 41.29 -18.36
C ILE C 33 -31.78 42.08 -19.28
N ALA C 34 -32.63 42.92 -18.69
CA ALA C 34 -33.52 43.74 -19.51
C ALA C 34 -32.63 44.42 -20.56
N VAL C 35 -31.68 45.23 -20.09
CA VAL C 35 -30.76 45.93 -20.98
C VAL C 35 -30.15 44.99 -22.03
N HIS C 36 -29.61 43.86 -21.60
CA HIS C 36 -28.99 42.92 -22.54
C HIS C 36 -29.93 42.55 -23.69
N TYR C 37 -31.19 42.29 -23.33
CA TYR C 37 -32.22 41.91 -24.26
C TYR C 37 -32.46 43.06 -25.23
N LEU C 38 -32.84 44.22 -24.69
CA LEU C 38 -33.09 45.39 -25.53
C LEU C 38 -31.92 45.70 -26.50
N ASP C 39 -30.71 45.31 -26.11
CA ASP C 39 -29.53 45.51 -26.93
C ASP C 39 -29.48 44.48 -28.05
N GLU C 40 -29.71 43.21 -27.70
CA GLU C 40 -29.70 42.08 -28.66
C GLU C 40 -30.85 42.10 -29.65
N THR C 41 -32.04 42.42 -29.15
CA THR C 41 -33.26 42.47 -29.94
C THR C 41 -33.53 43.87 -30.48
N GLU C 42 -32.85 44.85 -29.89
CA GLU C 42 -32.99 46.23 -30.32
C GLU C 42 -34.43 46.73 -30.21
N GLN C 43 -34.91 46.89 -28.98
CA GLN C 43 -36.29 47.36 -28.77
C GLN C 43 -36.31 48.64 -27.94
N TRP C 44 -35.17 49.31 -27.92
CA TRP C 44 -35.03 50.55 -27.18
C TRP C 44 -35.93 51.63 -27.73
N GLU C 45 -35.98 51.73 -29.05
CA GLU C 45 -36.82 52.71 -29.71
C GLU C 45 -38.25 52.58 -29.16
N LYS C 46 -38.72 51.34 -29.03
CA LYS C 46 -40.07 51.08 -28.52
C LYS C 46 -40.13 51.01 -27.00
N PHE C 47 -38.97 51.16 -26.36
CA PHE C 47 -38.87 51.11 -24.90
C PHE C 47 -38.67 52.52 -24.35
N GLY C 48 -37.79 53.27 -24.99
CA GLY C 48 -37.50 54.63 -24.55
C GLY C 48 -36.01 54.84 -24.64
N LEU C 49 -35.58 55.41 -25.75
CA LEU C 49 -34.16 55.67 -26.00
C LEU C 49 -33.44 56.39 -24.86
N GLU C 50 -34.13 57.33 -24.23
CA GLU C 50 -33.55 58.09 -23.13
C GLU C 50 -33.50 57.32 -21.81
N LYS C 51 -33.87 56.04 -21.85
CA LYS C 51 -33.90 55.24 -20.64
C LYS C 51 -32.68 54.35 -20.40
N ARG C 52 -31.98 54.00 -21.48
CA ARG C 52 -30.83 53.10 -21.39
C ARG C 52 -29.69 53.55 -20.49
N GLN C 53 -29.36 54.84 -20.58
CA GLN C 53 -28.30 55.41 -19.79
C GLN C 53 -28.67 55.30 -18.32
N GLY C 54 -29.95 55.48 -18.03
CA GLY C 54 -30.40 55.40 -16.66
C GLY C 54 -30.29 53.98 -16.16
N ALA C 55 -30.29 53.03 -17.08
CA ALA C 55 -30.19 51.64 -16.71
C ALA C 55 -28.72 51.31 -16.58
N LEU C 56 -27.92 51.81 -17.52
CA LEU C 56 -26.48 51.56 -17.47
C LEU C 56 -25.91 51.99 -16.10
N GLU C 57 -26.26 53.20 -15.68
CA GLU C 57 -25.81 53.72 -14.39
C GLU C 57 -26.21 52.78 -13.24
N LEU C 58 -27.48 52.42 -13.17
CA LEU C 58 -27.92 51.53 -12.12
C LEU C 58 -27.05 50.28 -12.13
N ILE C 59 -26.70 49.84 -13.33
CA ILE C 59 -25.85 48.66 -13.48
C ILE C 59 -24.43 48.97 -12.99
N LYS C 60 -23.96 50.17 -13.28
CA LYS C 60 -22.61 50.52 -12.85
C LYS C 60 -22.58 50.52 -11.34
N LYS C 61 -23.68 51.01 -10.75
CA LYS C 61 -23.75 51.08 -9.30
C LYS C 61 -23.75 49.68 -8.69
N GLY C 62 -24.57 48.79 -9.23
CA GLY C 62 -24.65 47.42 -8.72
C GLY C 62 -23.30 46.76 -8.64
N TYR C 63 -22.53 46.91 -9.72
CA TYR C 63 -21.18 46.36 -9.85
C TYR C 63 -20.20 46.84 -8.76
N THR C 64 -20.16 48.17 -8.56
CA THR C 64 -19.29 48.79 -7.57
C THR C 64 -19.67 48.25 -6.21
N GLN C 65 -20.98 48.26 -5.97
CA GLN C 65 -21.48 47.78 -4.72
C GLN C 65 -21.15 46.30 -4.54
N GLN C 66 -20.99 45.56 -5.63
CA GLN C 66 -20.64 44.14 -5.52
C GLN C 66 -19.15 43.94 -5.15
N LEU C 67 -18.30 44.83 -5.64
CA LEU C 67 -16.89 44.72 -5.36
C LEU C 67 -16.67 44.84 -3.87
N ALA C 68 -17.54 45.56 -3.17
CA ALA C 68 -17.40 45.72 -1.72
C ALA C 68 -17.58 44.40 -0.99
N PHE C 69 -17.99 43.36 -1.72
CA PHE C 69 -18.20 42.04 -1.16
C PHE C 69 -17.32 41.02 -1.84
N ARG C 70 -16.25 41.51 -2.45
CA ARG C 70 -15.32 40.59 -3.07
C ARG C 70 -14.35 40.24 -1.95
N GLN C 71 -14.13 38.96 -1.69
CA GLN C 71 -13.19 38.56 -0.63
C GLN C 71 -11.76 38.57 -1.18
N PRO C 72 -10.74 38.57 -0.30
CA PRO C 72 -9.36 38.58 -0.77
C PRO C 72 -9.00 37.47 -1.74
N SER C 73 -9.73 36.35 -1.70
CA SER C 73 -9.40 35.24 -2.58
C SER C 73 -10.09 35.25 -3.92
N SER C 74 -10.80 36.34 -4.20
CA SER C 74 -11.55 36.52 -5.45
C SER C 74 -12.95 35.85 -5.37
N ALA C 75 -13.38 35.44 -4.18
CA ALA C 75 -14.67 34.81 -3.99
C ALA C 75 -15.71 35.79 -3.44
N PHE C 76 -16.98 35.46 -3.62
CA PHE C 76 -18.02 36.33 -3.12
C PHE C 76 -18.89 35.68 -2.06
N ALA C 77 -19.65 36.51 -1.36
CA ALA C 77 -20.56 36.08 -0.32
C ALA C 77 -21.42 37.27 0.14
N ALA C 78 -22.45 37.03 0.95
CA ALA C 78 -23.30 38.14 1.38
C ALA C 78 -22.50 39.13 2.23
N PHE C 79 -21.50 38.62 2.95
CA PHE C 79 -20.68 39.45 3.80
C PHE C 79 -19.23 38.99 3.74
N VAL C 80 -18.31 39.94 3.87
CA VAL C 80 -16.87 39.65 3.88
C VAL C 80 -16.50 38.70 5.01
N LYS C 81 -17.27 38.76 6.08
CA LYS C 81 -17.05 37.89 7.23
C LYS C 81 -17.70 36.51 7.00
N ARG C 82 -18.52 36.41 5.96
CA ARG C 82 -19.20 35.15 5.66
C ARG C 82 -18.41 34.23 4.73
N ALA C 83 -18.54 32.93 4.96
CA ALA C 83 -17.88 31.93 4.14
C ALA C 83 -18.30 32.13 2.70
N PRO C 84 -17.32 32.13 1.77
CA PRO C 84 -17.61 32.33 0.34
C PRO C 84 -18.56 31.28 -0.21
N SER C 85 -19.43 31.70 -1.12
CA SER C 85 -20.39 30.80 -1.74
C SER C 85 -19.95 30.42 -3.16
N THR C 86 -20.03 29.14 -3.49
CA THR C 86 -19.65 28.73 -4.83
C THR C 86 -20.68 29.33 -5.77
N TRP C 87 -21.91 28.86 -5.64
CA TRP C 87 -23.00 29.33 -6.48
C TRP C 87 -22.93 30.84 -6.75
N LEU C 88 -22.86 31.63 -5.69
CA LEU C 88 -22.81 33.08 -5.82
C LEU C 88 -21.63 33.56 -6.67
N THR C 89 -20.43 33.06 -6.34
CA THR C 89 -19.22 33.42 -7.06
C THR C 89 -19.45 33.07 -8.51
N ALA C 90 -20.08 31.93 -8.72
CA ALA C 90 -20.38 31.46 -10.06
C ALA C 90 -21.40 32.38 -10.70
N TYR C 91 -22.41 32.76 -9.92
CA TYR C 91 -23.47 33.63 -10.43
C TYR C 91 -22.93 34.98 -10.82
N VAL C 92 -22.11 35.56 -9.95
CA VAL C 92 -21.53 36.87 -10.23
C VAL C 92 -20.75 36.80 -11.55
N VAL C 93 -20.01 35.71 -11.73
CA VAL C 93 -19.23 35.53 -12.93
C VAL C 93 -20.05 35.54 -14.21
N LYS C 94 -21.23 34.93 -14.21
CA LYS C 94 -22.03 34.91 -15.43
C LYS C 94 -22.70 36.25 -15.71
N VAL C 95 -23.13 36.94 -14.65
CA VAL C 95 -23.77 38.24 -14.84
C VAL C 95 -22.74 39.23 -15.36
N PHE C 96 -21.61 39.30 -14.68
CA PHE C 96 -20.56 40.23 -15.06
C PHE C 96 -20.06 39.91 -16.46
N SER C 97 -20.20 38.67 -16.88
CA SER C 97 -19.74 38.31 -18.22
C SER C 97 -20.71 38.90 -19.24
N LEU C 98 -21.96 39.09 -18.80
CA LEU C 98 -23.03 39.64 -19.64
C LEU C 98 -22.90 41.13 -19.75
N ALA C 99 -22.47 41.75 -18.66
CA ALA C 99 -22.31 43.19 -18.57
C ALA C 99 -20.94 43.74 -18.97
N VAL C 100 -20.19 43.03 -19.79
CA VAL C 100 -18.88 43.56 -20.23
C VAL C 100 -19.14 44.31 -21.55
N ASN C 101 -20.40 44.45 -21.90
CA ASN C 101 -20.78 45.12 -23.13
C ASN C 101 -21.78 46.16 -22.72
N LEU C 102 -21.89 46.32 -21.41
CA LEU C 102 -22.80 47.30 -20.87
C LEU C 102 -22.03 48.36 -20.08
N ILE C 103 -21.14 47.92 -19.19
CA ILE C 103 -20.34 48.83 -18.37
C ILE C 103 -18.89 48.39 -18.17
N ALA C 104 -18.13 49.20 -17.45
CA ALA C 104 -16.76 48.81 -17.18
C ALA C 104 -16.80 47.63 -16.20
N ILE C 105 -15.88 46.70 -16.40
CA ILE C 105 -15.77 45.52 -15.56
C ILE C 105 -14.31 45.08 -15.51
N ASP C 106 -13.76 44.94 -14.30
CA ASP C 106 -12.36 44.50 -14.08
C ASP C 106 -12.19 42.99 -14.41
N SER C 107 -11.43 42.69 -15.47
CA SER C 107 -11.25 41.29 -15.84
C SER C 107 -10.46 40.54 -14.75
N GLN C 108 -9.66 41.26 -13.98
CA GLN C 108 -8.88 40.63 -12.92
C GLN C 108 -9.82 40.17 -11.80
N VAL C 109 -10.98 40.80 -11.69
CA VAL C 109 -11.92 40.38 -10.67
C VAL C 109 -12.64 39.09 -11.10
N LEU C 110 -13.12 39.12 -12.34
CA LEU C 110 -13.84 38.00 -12.92
C LEU C 110 -12.96 36.77 -13.07
N CYS C 111 -11.78 36.97 -13.66
CA CYS C 111 -10.86 35.87 -13.89
C CYS C 111 -10.33 35.27 -12.58
N GLY C 112 -10.20 36.11 -11.56
CA GLY C 112 -9.71 35.62 -10.29
C GLY C 112 -10.75 34.78 -9.58
N ALA C 113 -12.02 35.10 -9.82
CA ALA C 113 -13.13 34.36 -9.22
C ALA C 113 -13.23 32.99 -9.91
N VAL C 114 -13.09 33.00 -11.23
CA VAL C 114 -13.16 31.76 -11.98
C VAL C 114 -12.07 30.84 -11.47
N LYS C 115 -10.88 31.41 -11.27
CA LYS C 115 -9.72 30.66 -10.80
C LYS C 115 -10.08 29.96 -9.48
N TRP C 116 -10.40 30.74 -8.46
CA TRP C 116 -10.77 30.20 -7.17
C TRP C 116 -11.82 29.10 -7.41
N LEU C 117 -12.85 29.42 -8.18
CA LEU C 117 -13.88 28.44 -8.46
C LEU C 117 -13.29 27.08 -8.84
N ILE C 118 -12.16 27.13 -9.55
CA ILE C 118 -11.49 25.91 -10.03
C ILE C 118 -10.60 25.20 -9.02
N LEU C 119 -9.66 25.94 -8.45
CA LEU C 119 -8.73 25.39 -7.48
C LEU C 119 -9.26 25.29 -6.06
N GLU C 120 -10.55 25.56 -5.87
CA GLU C 120 -11.12 25.51 -4.54
C GLU C 120 -12.45 24.80 -4.42
N LYS C 121 -13.20 24.72 -5.52
CA LYS C 121 -14.50 24.09 -5.48
C LYS C 121 -14.72 22.98 -6.50
N GLN C 122 -13.67 22.54 -7.16
CA GLN C 122 -13.81 21.47 -8.15
C GLN C 122 -13.24 20.19 -7.60
N LYS C 123 -14.14 19.29 -7.20
CA LYS C 123 -13.76 18.02 -6.64
C LYS C 123 -12.72 17.35 -7.55
N PRO C 124 -11.81 16.57 -6.96
CA PRO C 124 -10.75 15.87 -7.69
C PRO C 124 -11.21 15.19 -8.98
N ASP C 125 -12.53 15.05 -9.13
CA ASP C 125 -13.10 14.36 -10.27
C ASP C 125 -13.85 15.25 -11.26
N GLY C 126 -14.01 16.53 -10.91
CA GLY C 126 -14.69 17.45 -11.81
C GLY C 126 -16.10 17.81 -11.38
N VAL C 127 -16.34 17.78 -10.07
CA VAL C 127 -17.64 18.12 -9.52
C VAL C 127 -17.46 19.36 -8.66
N PHE C 128 -18.20 20.42 -8.98
CA PHE C 128 -18.12 21.64 -8.19
C PHE C 128 -19.08 21.46 -7.02
N GLN C 129 -18.59 21.83 -5.84
CA GLN C 129 -19.36 21.70 -4.60
C GLN C 129 -19.64 23.04 -3.91
N GLU C 130 -20.77 23.10 -3.23
CA GLU C 130 -21.17 24.29 -2.50
C GLU C 130 -21.00 24.02 -1.00
N ASP C 131 -20.07 24.73 -0.37
CA ASP C 131 -19.78 24.55 1.05
C ASP C 131 -20.43 25.59 1.95
N ALA C 132 -20.73 26.76 1.39
CA ALA C 132 -21.36 27.85 2.14
C ALA C 132 -22.57 28.35 1.36
N PRO C 133 -23.70 27.65 1.50
CA PRO C 133 -24.93 28.02 0.81
C PRO C 133 -25.24 29.49 0.99
N VAL C 134 -26.13 30.03 0.16
CA VAL C 134 -26.50 31.41 0.31
C VAL C 134 -27.70 31.51 1.26
N ILE C 135 -27.81 32.63 1.94
CA ILE C 135 -28.89 32.86 2.87
C ILE C 135 -30.22 33.08 2.13
N HIS C 136 -30.15 33.62 0.91
CA HIS C 136 -31.34 33.87 0.08
C HIS C 136 -31.50 32.72 -0.91
N GLN C 137 -31.92 31.57 -0.41
CA GLN C 137 -32.09 30.39 -1.25
C GLN C 137 -33.00 30.53 -2.47
N GLU C 138 -33.95 31.47 -2.38
CA GLU C 138 -34.90 31.69 -3.45
C GLU C 138 -34.28 32.35 -4.65
N MET C 139 -32.98 32.58 -4.60
CA MET C 139 -32.32 33.23 -5.71
C MET C 139 -31.60 32.28 -6.67
N ILE C 140 -31.62 30.99 -6.37
CA ILE C 140 -30.92 30.06 -7.23
C ILE C 140 -31.81 29.07 -8.00
N GLY C 141 -32.96 29.54 -8.46
CA GLY C 141 -33.89 28.71 -9.20
C GLY C 141 -34.00 27.28 -8.70
N GLY C 142 -34.34 26.40 -9.62
CA GLY C 142 -34.46 24.98 -9.30
C GLY C 142 -33.22 24.37 -8.69
N LEU C 143 -32.08 25.02 -8.91
CA LEU C 143 -30.83 24.52 -8.35
C LEU C 143 -30.93 24.29 -6.85
N ARG C 144 -32.05 24.71 -6.26
CA ARG C 144 -32.28 24.56 -4.82
C ARG C 144 -32.82 23.17 -4.56
N ASN C 145 -33.39 22.57 -5.59
CA ASN C 145 -33.96 21.24 -5.51
C ASN C 145 -32.94 20.25 -4.95
N ASN C 146 -33.27 19.70 -3.79
CA ASN C 146 -32.41 18.75 -3.09
C ASN C 146 -32.02 17.54 -3.96
N ASN C 147 -32.75 17.32 -5.05
CA ASN C 147 -32.47 16.21 -5.92
C ASN C 147 -31.47 16.64 -6.98
N GLU C 148 -30.60 15.70 -7.37
CA GLU C 148 -29.58 15.93 -8.38
C GLU C 148 -28.73 17.18 -8.17
N LYS C 149 -28.32 17.42 -6.93
CA LYS C 149 -27.53 18.58 -6.59
C LYS C 149 -26.17 18.63 -7.27
N ASP C 150 -25.39 17.56 -7.19
CA ASP C 150 -24.06 17.54 -7.82
C ASP C 150 -24.12 17.79 -9.31
N MET C 151 -25.05 17.14 -10.00
CA MET C 151 -25.17 17.34 -11.43
C MET C 151 -25.53 18.79 -11.73
N ALA C 152 -26.58 19.27 -11.06
CA ALA C 152 -27.10 20.62 -11.23
C ALA C 152 -26.10 21.74 -10.96
N LEU C 153 -25.63 21.81 -9.72
CA LEU C 153 -24.68 22.84 -9.34
C LEU C 153 -23.51 22.85 -10.31
N THR C 154 -22.97 21.67 -10.59
CA THR C 154 -21.82 21.56 -11.50
C THR C 154 -22.18 22.19 -12.86
N ALA C 155 -23.38 21.90 -13.36
CA ALA C 155 -23.82 22.45 -14.65
C ALA C 155 -23.93 23.96 -14.63
N PHE C 156 -24.41 24.49 -13.52
CA PHE C 156 -24.58 25.93 -13.39
C PHE C 156 -23.21 26.62 -13.47
N VAL C 157 -22.26 26.16 -12.66
CA VAL C 157 -20.91 26.72 -12.63
C VAL C 157 -20.28 26.59 -14.02
N LEU C 158 -20.43 25.41 -14.60
CA LEU C 158 -19.88 25.11 -15.93
C LEU C 158 -20.32 26.18 -16.89
N ILE C 159 -21.62 26.46 -16.92
CA ILE C 159 -22.19 27.47 -17.80
C ILE C 159 -21.50 28.82 -17.67
N SER C 160 -21.18 29.21 -16.44
CA SER C 160 -20.51 30.47 -16.21
C SER C 160 -19.12 30.47 -16.82
N LEU C 161 -18.30 29.51 -16.41
CA LEU C 161 -16.96 29.38 -16.94
C LEU C 161 -16.98 29.55 -18.48
N GLN C 162 -18.11 29.20 -19.09
CA GLN C 162 -18.28 29.30 -20.53
C GLN C 162 -18.60 30.73 -20.90
N GLU C 163 -19.54 31.34 -20.17
CA GLU C 163 -19.91 32.72 -20.46
C GLU C 163 -18.65 33.58 -20.20
N ALA C 164 -17.73 33.04 -19.41
CA ALA C 164 -16.49 33.75 -19.09
C ALA C 164 -15.27 33.22 -19.85
N LYS C 165 -15.47 32.16 -20.64
CA LYS C 165 -14.38 31.58 -21.41
C LYS C 165 -13.63 32.58 -22.25
N ASP C 166 -14.11 32.95 -23.44
CA ASP C 166 -13.36 33.93 -24.28
C ASP C 166 -12.70 35.10 -23.50
N ILE C 167 -13.37 35.65 -22.49
CA ILE C 167 -12.81 36.76 -21.66
C ILE C 167 -11.58 36.36 -20.87
N CYS C 168 -11.72 35.34 -20.05
CA CYS C 168 -10.62 34.86 -19.22
C CYS C 168 -9.88 33.65 -19.79
N GLU C 169 -10.17 33.31 -21.04
CA GLU C 169 -9.55 32.15 -21.69
C GLU C 169 -8.04 32.15 -21.58
N GLU C 170 -7.42 33.32 -21.72
CA GLU C 170 -5.96 33.44 -21.67
C GLU C 170 -5.38 33.77 -20.30
N GLN C 171 -6.23 34.09 -19.33
CA GLN C 171 -5.73 34.45 -18.01
C GLN C 171 -5.70 33.27 -17.04
N VAL C 172 -6.63 32.33 -17.19
CA VAL C 172 -6.70 31.17 -16.31
C VAL C 172 -6.11 29.92 -16.96
N ASN C 173 -5.17 29.27 -16.28
CA ASN C 173 -4.54 28.06 -16.82
C ASN C 173 -5.46 26.84 -16.75
N SER C 174 -6.04 26.61 -15.58
CA SER C 174 -6.91 25.47 -15.31
C SER C 174 -8.24 25.56 -16.06
N LEU C 175 -8.67 26.78 -16.38
CA LEU C 175 -9.93 26.98 -17.08
C LEU C 175 -10.21 25.91 -18.15
N PRO C 176 -9.26 25.63 -19.07
CA PRO C 176 -9.45 24.65 -20.15
C PRO C 176 -9.66 23.22 -19.69
N GLY C 177 -8.80 22.76 -18.79
CA GLY C 177 -8.89 21.39 -18.33
C GLY C 177 -10.08 21.29 -17.44
N SER C 178 -10.41 22.39 -16.79
CA SER C 178 -11.53 22.47 -15.87
C SER C 178 -12.84 22.12 -16.53
N ILE C 179 -13.15 22.82 -17.60
CA ILE C 179 -14.38 22.57 -18.32
C ILE C 179 -14.40 21.12 -18.83
N THR C 180 -13.21 20.57 -19.16
CA THR C 180 -13.10 19.19 -19.67
C THR C 180 -13.39 18.15 -18.59
N LYS C 181 -12.64 18.20 -17.49
CA LYS C 181 -12.84 17.26 -16.40
C LYS C 181 -14.28 17.35 -15.89
N ALA C 182 -14.77 18.57 -15.71
CA ALA C 182 -16.13 18.78 -15.21
C ALA C 182 -17.18 18.46 -16.26
N GLY C 183 -16.82 18.67 -17.52
CA GLY C 183 -17.75 18.38 -18.60
C GLY C 183 -18.01 16.89 -18.73
N ASP C 184 -17.05 16.08 -18.30
CA ASP C 184 -17.18 14.63 -18.35
C ASP C 184 -18.24 14.18 -17.35
N PHE C 185 -18.05 14.58 -16.10
CA PHE C 185 -18.98 14.21 -15.04
C PHE C 185 -20.43 14.29 -15.51
N LEU C 186 -20.79 15.40 -16.15
CA LEU C 186 -22.16 15.59 -16.63
C LEU C 186 -22.60 14.54 -17.65
N GLU C 187 -21.75 14.30 -18.65
CA GLU C 187 -22.06 13.34 -19.72
C GLU C 187 -21.95 11.88 -19.24
N ALA C 188 -21.08 11.67 -18.25
CA ALA C 188 -20.87 10.34 -17.70
C ALA C 188 -22.14 9.84 -17.03
N ASN C 189 -22.82 10.74 -16.33
CA ASN C 189 -24.03 10.37 -15.62
C ASN C 189 -25.30 11.02 -16.14
N TYR C 190 -25.21 11.64 -17.31
CA TYR C 190 -26.34 12.32 -17.90
C TYR C 190 -27.51 11.39 -18.14
N MET C 191 -27.25 10.26 -18.80
CA MET C 191 -28.30 9.29 -19.09
C MET C 191 -29.09 8.96 -17.83
N ASN C 192 -28.44 9.11 -16.68
CA ASN C 192 -29.06 8.83 -15.39
C ASN C 192 -30.04 9.87 -14.87
N LEU C 193 -29.78 11.14 -15.11
CA LEU C 193 -30.64 12.19 -14.61
C LEU C 193 -32.13 11.86 -14.73
N GLN C 194 -32.87 12.14 -13.67
CA GLN C 194 -34.30 11.84 -13.64
C GLN C 194 -35.19 13.08 -13.48
N ARG C 195 -34.71 14.23 -13.94
CA ARG C 195 -35.47 15.47 -13.88
C ARG C 195 -35.21 16.33 -15.11
N SER C 196 -36.27 16.94 -15.62
CA SER C 196 -36.18 17.80 -16.80
C SER C 196 -35.22 18.95 -16.50
N TYR C 197 -35.50 19.64 -15.40
CA TYR C 197 -34.70 20.78 -14.97
C TYR C 197 -33.19 20.46 -15.01
N THR C 198 -32.80 19.41 -14.30
CA THR C 198 -31.41 19.02 -14.23
C THR C 198 -30.94 18.43 -15.55
N VAL C 199 -31.89 18.08 -16.42
CA VAL C 199 -31.55 17.53 -17.72
C VAL C 199 -31.28 18.68 -18.66
N ALA C 200 -32.21 19.63 -18.68
CA ALA C 200 -32.10 20.82 -19.54
C ALA C 200 -30.95 21.72 -19.15
N ILE C 201 -30.67 21.79 -17.85
CA ILE C 201 -29.59 22.62 -17.36
C ILE C 201 -28.26 21.95 -17.72
N ALA C 202 -28.22 20.62 -17.57
CA ALA C 202 -27.00 19.89 -17.90
C ALA C 202 -26.90 19.71 -19.41
N GLY C 203 -28.02 19.91 -20.10
CA GLY C 203 -28.03 19.78 -21.53
C GLY C 203 -27.23 20.89 -22.18
N TYR C 204 -27.69 22.13 -22.01
CA TYR C 204 -27.03 23.32 -22.54
C TYR C 204 -25.57 23.32 -22.11
N ALA C 205 -25.31 22.80 -20.92
CA ALA C 205 -23.96 22.73 -20.39
C ALA C 205 -23.04 22.04 -21.39
N LYS C 213 -24.92 14.43 -27.53
CA LYS C 213 -24.90 13.72 -28.80
C LYS C 213 -25.29 12.26 -28.61
N GLY C 214 -25.55 11.59 -29.74
CA GLY C 214 -25.93 10.19 -29.73
C GLY C 214 -27.15 9.86 -28.89
N PRO C 215 -27.04 8.89 -27.97
CA PRO C 215 -28.16 8.51 -27.11
C PRO C 215 -28.38 9.59 -26.07
N LEU C 216 -27.30 9.93 -25.36
CA LEU C 216 -27.34 10.97 -24.34
C LEU C 216 -28.15 12.16 -24.85
N LEU C 217 -27.86 12.52 -26.10
CA LEU C 217 -28.47 13.65 -26.81
C LEU C 217 -29.85 13.45 -27.31
N ASN C 218 -30.26 12.22 -27.53
CA ASN C 218 -31.59 12.04 -28.04
C ASN C 218 -32.48 12.12 -26.81
N LYS C 219 -31.92 12.32 -25.61
CA LYS C 219 -32.81 12.38 -24.47
C LYS C 219 -32.75 13.71 -23.79
N PHE C 220 -32.61 14.68 -24.64
CA PHE C 220 -32.65 16.00 -24.21
C PHE C 220 -33.99 16.21 -24.88
N LEU C 221 -34.11 15.69 -26.08
CA LEU C 221 -35.36 15.84 -26.81
C LEU C 221 -36.56 14.99 -26.37
N THR C 222 -36.33 13.94 -25.60
CA THR C 222 -37.42 13.07 -25.16
C THR C 222 -38.05 13.53 -23.86
N THR C 223 -37.32 14.34 -23.11
CA THR C 223 -37.79 14.87 -21.83
C THR C 223 -38.76 16.02 -22.04
N ALA C 224 -38.70 16.63 -23.22
CA ALA C 224 -39.58 17.75 -23.52
C ALA C 224 -41.02 17.29 -23.71
N LYS C 225 -41.88 17.66 -22.76
CA LYS C 225 -43.28 17.29 -22.83
C LYS C 225 -43.88 17.81 -24.13
N ASP C 226 -44.01 16.92 -25.11
CA ASP C 226 -44.58 17.26 -26.42
C ASP C 226 -43.69 18.20 -27.24
N LYS C 227 -42.49 18.45 -26.73
CA LYS C 227 -41.53 19.34 -27.38
C LYS C 227 -41.92 20.82 -27.24
N ASN C 228 -42.54 21.16 -26.12
CA ASN C 228 -42.95 22.54 -25.87
C ASN C 228 -42.39 23.09 -24.55
N ARG C 229 -41.92 22.19 -23.68
CA ARG C 229 -41.39 22.61 -22.39
C ARG C 229 -40.75 21.48 -21.58
N TRP C 230 -39.86 21.86 -20.68
CA TRP C 230 -39.21 20.90 -19.79
C TRP C 230 -39.85 21.11 -18.43
N GLU C 231 -41.03 20.56 -18.19
CA GLU C 231 -41.66 20.75 -16.89
C GLU C 231 -41.31 19.59 -15.95
N ASP C 232 -41.63 19.82 -14.68
CA ASP C 232 -41.38 18.87 -13.62
C ASP C 232 -42.41 19.19 -12.55
N PRO C 233 -42.88 18.14 -11.86
CA PRO C 233 -43.87 18.32 -10.81
C PRO C 233 -43.34 19.30 -9.76
N LYS C 235 -41.57 23.76 -10.06
CA LYS C 235 -42.38 24.86 -9.56
C LYS C 235 -42.67 25.82 -10.71
N GLN C 236 -43.40 26.90 -10.42
CA GLN C 236 -43.78 27.84 -11.46
C GLN C 236 -42.64 28.49 -12.24
N LEU C 237 -41.77 29.30 -11.60
CA LEU C 237 -40.66 29.90 -12.37
C LEU C 237 -39.62 28.86 -12.74
N TYR C 238 -39.64 27.75 -12.00
CA TYR C 238 -38.72 26.66 -12.23
C TYR C 238 -38.66 26.15 -13.67
N ASN C 239 -39.81 25.75 -14.21
CA ASN C 239 -39.83 25.23 -15.57
C ASN C 239 -39.53 26.34 -16.57
N VAL C 240 -39.81 27.57 -16.19
CA VAL C 240 -39.52 28.69 -17.06
C VAL C 240 -38.00 28.66 -17.17
N GLU C 241 -37.37 28.50 -16.01
CA GLU C 241 -35.92 28.45 -15.94
C GLU C 241 -35.43 27.20 -16.65
N ALA C 242 -36.02 26.06 -16.27
CA ALA C 242 -35.68 24.77 -16.85
C ALA C 242 -35.70 24.83 -18.37
N THR C 243 -36.89 24.98 -18.92
CA THR C 243 -37.06 25.03 -20.36
C THR C 243 -36.19 26.07 -21.03
N SER C 244 -35.93 27.17 -20.33
CA SER C 244 -35.13 28.25 -20.89
C SER C 244 -33.68 27.87 -21.18
N TYR C 245 -33.06 27.13 -20.27
CA TYR C 245 -31.68 26.69 -20.49
C TYR C 245 -31.69 25.81 -21.73
N ALA C 246 -32.77 25.06 -21.89
CA ALA C 246 -32.91 24.17 -23.01
C ALA C 246 -33.06 24.92 -24.31
N LEU C 247 -33.91 25.93 -24.31
CA LEU C 247 -34.10 26.73 -25.52
C LEU C 247 -32.68 27.13 -25.96
N LEU C 248 -31.91 27.66 -25.01
CA LEU C 248 -30.55 28.09 -25.29
C LEU C 248 -29.71 26.91 -25.80
N ALA C 249 -30.07 25.71 -25.38
CA ALA C 249 -29.36 24.51 -25.82
C ALA C 249 -29.79 24.11 -27.23
N LEU C 250 -31.09 24.20 -27.49
CA LEU C 250 -31.62 23.86 -28.80
C LEU C 250 -30.91 24.67 -29.88
N LEU C 251 -30.65 25.95 -29.57
CA LEU C 251 -29.98 26.86 -30.49
C LEU C 251 -28.52 26.43 -30.59
N GLN C 252 -27.93 26.14 -29.45
CA GLN C 252 -26.54 25.70 -29.40
C GLN C 252 -26.38 24.33 -30.08
N LEU C 253 -27.49 23.64 -30.35
CA LEU C 253 -27.49 22.36 -30.99
C LEU C 253 -27.79 22.59 -32.46
N LYS C 254 -28.04 23.85 -32.83
CA LYS C 254 -28.27 24.20 -34.21
C LYS C 254 -29.64 23.76 -34.71
N ASP C 255 -30.34 22.89 -33.96
CA ASP C 255 -31.65 22.38 -34.43
C ASP C 255 -32.89 23.33 -34.37
N PHE C 256 -32.94 24.28 -35.32
CA PHE C 256 -34.06 25.25 -35.48
C PHE C 256 -35.34 24.53 -35.81
N ASP C 257 -35.26 23.22 -35.69
CA ASP C 257 -36.36 22.35 -35.96
C ASP C 257 -37.32 22.47 -34.80
N PHE C 258 -36.89 22.06 -33.61
CA PHE C 258 -37.75 22.11 -32.42
C PHE C 258 -37.88 23.50 -31.83
N VAL C 259 -36.92 24.36 -32.14
CA VAL C 259 -36.91 25.72 -31.63
C VAL C 259 -38.24 26.44 -31.67
N PRO C 260 -38.85 26.55 -32.86
CA PRO C 260 -40.14 27.25 -32.97
C PRO C 260 -41.21 26.87 -31.94
N PRO C 261 -41.17 25.65 -31.46
CA PRO C 261 -42.15 25.18 -30.49
C PRO C 261 -42.03 25.83 -29.11
N VAL C 262 -40.85 25.71 -28.49
CA VAL C 262 -40.57 26.25 -27.16
C VAL C 262 -40.64 27.77 -27.06
N VAL C 263 -40.09 28.46 -28.03
CA VAL C 263 -40.10 29.91 -28.04
C VAL C 263 -41.54 30.35 -27.78
N ARG C 264 -42.48 29.68 -28.42
CA ARG C 264 -43.89 29.98 -28.25
C ARG C 264 -44.39 29.86 -26.80
N TRP C 265 -44.37 28.64 -26.26
CA TRP C 265 -44.84 28.37 -24.88
C TRP C 265 -44.27 29.31 -23.82
N LEU C 266 -43.07 29.80 -24.08
CA LEU C 266 -42.41 30.73 -23.16
C LEU C 266 -43.00 32.13 -23.37
N ASN C 267 -43.28 32.44 -24.63
CA ASN C 267 -43.78 33.75 -24.97
C ASN C 267 -45.11 34.20 -24.37
N GLU C 268 -45.07 35.44 -23.85
CA GLU C 268 -46.22 36.12 -23.27
C GLU C 268 -47.10 35.42 -22.25
N GLN C 269 -46.52 34.55 -21.42
CA GLN C 269 -47.29 33.84 -20.39
C GLN C 269 -46.43 32.79 -19.71
N GLY C 274 -38.95 40.58 -10.73
CA GLY C 274 -38.45 40.79 -9.37
C GLY C 274 -39.24 40.04 -8.32
N GLY C 275 -40.00 40.78 -7.52
CA GLY C 275 -40.80 40.16 -6.47
C GLY C 275 -39.99 39.23 -5.59
N TYR C 276 -40.21 37.93 -5.72
CA TYR C 276 -39.48 36.97 -4.90
C TYR C 276 -39.23 35.68 -5.71
N GLY C 277 -38.02 35.18 -5.61
CA GLY C 277 -37.64 33.97 -6.30
C GLY C 277 -37.67 33.98 -7.82
N SER C 278 -37.98 35.13 -8.42
CA SER C 278 -38.04 35.19 -9.89
C SER C 278 -36.66 35.50 -10.45
N THR C 279 -35.70 35.58 -9.54
CA THR C 279 -34.32 35.88 -9.90
C THR C 279 -33.73 35.06 -11.06
N GLN C 280 -33.81 33.74 -10.99
CA GLN C 280 -33.27 32.91 -12.07
C GLN C 280 -34.06 32.80 -13.37
N ALA C 281 -35.38 32.92 -13.30
CA ALA C 281 -36.18 32.84 -14.53
C ALA C 281 -35.91 34.08 -15.36
N THR C 282 -36.14 35.24 -14.75
CA THR C 282 -35.92 36.49 -15.44
C THR C 282 -34.58 36.45 -16.21
N PHE C 283 -33.49 36.19 -15.50
CA PHE C 283 -32.19 36.14 -16.14
C PHE C 283 -32.22 35.17 -17.29
N MET C 284 -32.40 33.90 -16.95
CA MET C 284 -32.43 32.86 -17.96
C MET C 284 -33.47 33.07 -19.06
N VAL C 285 -34.74 33.16 -18.70
CA VAL C 285 -35.81 33.32 -19.67
C VAL C 285 -35.48 34.40 -20.70
N PHE C 286 -34.93 35.52 -20.25
CA PHE C 286 -34.60 36.57 -21.19
C PHE C 286 -33.26 36.38 -21.88
N GLN C 287 -32.30 35.76 -21.21
CA GLN C 287 -31.01 35.52 -21.84
C GLN C 287 -31.19 34.51 -22.97
N ALA C 288 -32.17 33.63 -22.79
CA ALA C 288 -32.45 32.61 -23.78
C ALA C 288 -33.27 33.17 -24.93
N LEU C 289 -34.34 33.87 -24.61
CA LEU C 289 -35.22 34.47 -25.61
C LEU C 289 -34.40 35.49 -26.41
N ALA C 290 -33.21 35.80 -25.92
CA ALA C 290 -32.33 36.78 -26.57
C ALA C 290 -31.39 36.08 -27.54
N GLN C 291 -30.82 34.98 -27.08
CA GLN C 291 -29.91 34.23 -27.91
C GLN C 291 -30.67 33.75 -29.15
N TYR C 292 -31.99 33.63 -29.00
CA TYR C 292 -32.84 33.19 -30.10
C TYR C 292 -32.81 34.18 -31.24
N GLN C 293 -33.11 35.44 -30.97
CA GLN C 293 -33.11 36.46 -32.03
C GLN C 293 -31.75 36.67 -32.71
N LYS C 294 -30.67 36.62 -31.92
CA LYS C 294 -29.32 36.80 -32.44
C LYS C 294 -28.88 35.66 -33.38
N ASP C 295 -29.68 34.60 -33.43
CA ASP C 295 -29.38 33.45 -34.27
C ASP C 295 -30.64 32.99 -35.05
N ALA C 296 -31.51 33.94 -35.38
CA ALA C 296 -32.74 33.66 -36.12
C ALA C 296 -32.64 34.15 -37.56
N PRO C 297 -32.25 35.43 -37.75
CA PRO C 297 -32.09 36.07 -39.06
C PRO C 297 -31.39 35.17 -40.10
N ASN D 23 0.94 47.12 -27.70
CA ASN D 23 0.03 45.98 -27.45
C ASN D 23 -1.24 46.12 -28.29
N LYS D 24 -1.63 45.04 -28.95
CA LYS D 24 -2.80 45.04 -29.82
C LYS D 24 -4.12 45.33 -29.13
N LYS D 25 -4.42 44.59 -28.07
CA LYS D 25 -5.69 44.80 -27.38
C LYS D 25 -6.05 46.28 -27.10
N VAL D 26 -5.08 47.10 -26.71
CA VAL D 26 -5.36 48.52 -26.50
C VAL D 26 -5.65 49.17 -27.84
N VAL D 27 -4.75 48.98 -28.80
CA VAL D 27 -4.90 49.54 -30.14
C VAL D 27 -6.25 49.10 -30.68
N ASP D 28 -6.69 47.93 -30.26
CA ASP D 28 -7.98 47.44 -30.69
C ASP D 28 -9.01 48.31 -29.99
N ALA D 29 -8.85 48.45 -28.67
CA ALA D 29 -9.78 49.22 -27.85
C ALA D 29 -9.89 50.67 -28.29
N GLN D 30 -8.78 51.20 -28.79
CA GLN D 30 -8.78 52.56 -29.29
C GLN D 30 -9.64 52.57 -30.55
N LYS D 31 -9.35 51.65 -31.47
CA LYS D 31 -10.09 51.56 -32.71
C LYS D 31 -11.59 51.50 -32.45
N ALA D 32 -12.00 50.73 -31.45
CA ALA D 32 -13.41 50.59 -31.11
C ALA D 32 -13.99 51.86 -30.48
N VAL D 33 -13.24 52.47 -29.57
CA VAL D 33 -13.73 53.69 -28.95
C VAL D 33 -13.83 54.79 -30.01
N GLU D 34 -12.97 54.72 -31.03
CA GLU D 34 -12.95 55.70 -32.11
C GLU D 34 -14.22 55.67 -32.94
N LEU D 35 -14.64 54.48 -33.32
CA LEU D 35 -15.86 54.33 -34.11
C LEU D 35 -17.04 54.74 -33.23
N PHE D 36 -16.93 54.49 -31.93
CA PHE D 36 -17.99 54.84 -31.01
C PHE D 36 -18.19 56.35 -30.89
N LYS D 37 -17.09 57.10 -30.84
CA LYS D 37 -17.19 58.54 -30.73
C LYS D 37 -17.84 59.14 -31.98
N ARG D 38 -17.68 58.45 -33.11
CA ARG D 38 -18.27 58.90 -34.35
C ARG D 38 -19.69 58.35 -34.50
N THR D 39 -19.78 57.02 -34.66
CA THR D 39 -21.05 56.31 -34.87
C THR D 39 -22.08 56.57 -33.81
N ARG D 40 -21.65 56.54 -32.55
CA ARG D 40 -22.52 56.83 -31.42
C ARG D 40 -23.84 56.08 -31.40
N THR D 41 -23.74 54.75 -31.33
CA THR D 41 -24.92 53.89 -31.29
C THR D 41 -24.73 52.85 -30.19
N VAL D 42 -25.71 51.96 -30.09
CA VAL D 42 -25.69 50.90 -29.10
C VAL D 42 -24.69 49.88 -29.56
N ALA D 43 -24.71 49.62 -30.87
CA ALA D 43 -23.80 48.65 -31.42
C ALA D 43 -22.37 49.08 -31.17
N THR D 44 -22.05 50.32 -31.54
CA THR D 44 -20.69 50.77 -31.33
C THR D 44 -20.36 50.78 -29.85
N HIS D 45 -21.30 51.18 -29.00
CA HIS D 45 -21.05 51.19 -27.57
C HIS D 45 -20.56 49.85 -27.01
N ARG D 46 -21.36 48.82 -27.24
CA ARG D 46 -21.04 47.50 -26.74
C ARG D 46 -19.69 47.02 -27.30
N LYS D 47 -19.36 47.38 -28.54
CA LYS D 47 -18.08 46.98 -29.13
C LYS D 47 -16.90 47.72 -28.50
N ALA D 48 -17.15 48.94 -28.01
CA ALA D 48 -16.11 49.73 -27.38
C ALA D 48 -15.95 49.36 -25.89
N GLN D 49 -17.05 49.08 -25.22
CA GLN D 49 -16.94 48.72 -23.81
C GLN D 49 -16.23 47.39 -23.62
N ARG D 50 -16.44 46.47 -24.58
CA ARG D 50 -15.81 45.17 -24.46
C ARG D 50 -14.34 45.28 -24.82
N ALA D 51 -14.04 46.13 -25.79
CA ALA D 51 -12.65 46.28 -26.19
C ALA D 51 -11.84 46.73 -24.99
N VAL D 52 -12.29 47.80 -24.33
CA VAL D 52 -11.58 48.31 -23.17
C VAL D 52 -11.43 47.21 -22.13
N ASN D 53 -12.54 46.55 -21.79
CA ASN D 53 -12.51 45.52 -20.78
C ASN D 53 -11.51 44.41 -21.00
N LEU D 54 -11.30 44.01 -22.25
CA LEU D 54 -10.36 42.94 -22.54
C LEU D 54 -8.90 43.32 -22.33
N ILE D 55 -8.60 44.60 -22.20
CA ILE D 55 -7.22 45.00 -21.93
C ILE D 55 -6.92 44.46 -20.52
N HIS D 56 -6.27 43.29 -20.46
CA HIS D 56 -5.94 42.65 -19.17
C HIS D 56 -5.37 43.60 -18.13
N PHE D 57 -4.15 44.09 -18.34
CA PHE D 57 -3.52 45.02 -17.41
C PHE D 57 -4.55 46.07 -16.95
N GLN D 58 -4.79 46.17 -15.64
CA GLN D 58 -5.77 47.13 -15.11
C GLN D 58 -5.19 48.50 -14.81
N HIS D 59 -3.89 48.54 -14.52
CA HIS D 59 -3.18 49.77 -14.17
C HIS D 59 -2.74 50.53 -15.42
N SER D 60 -3.10 49.99 -16.59
CA SER D 60 -2.78 50.62 -17.87
C SER D 60 -3.42 52.00 -17.89
N TYR D 61 -2.66 53.02 -18.28
CA TYR D 61 -3.26 54.34 -18.32
C TYR D 61 -4.10 54.55 -19.58
N GLU D 62 -3.76 53.84 -20.64
CA GLU D 62 -4.55 53.98 -21.85
C GLU D 62 -5.97 53.55 -21.55
N LYS D 63 -6.09 52.57 -20.65
CA LYS D 63 -7.37 52.03 -20.23
C LYS D 63 -8.29 53.10 -19.62
N LYS D 64 -7.77 53.86 -18.66
CA LYS D 64 -8.56 54.89 -18.02
C LYS D 64 -9.02 55.94 -19.03
N LYS D 65 -8.08 56.32 -19.91
CA LYS D 65 -8.36 57.32 -20.93
C LYS D 65 -9.49 56.84 -21.83
N LEU D 66 -9.32 55.65 -22.38
CA LEU D 66 -10.33 55.09 -23.27
C LEU D 66 -11.66 54.98 -22.54
N GLN D 67 -11.59 54.56 -21.29
CA GLN D 67 -12.78 54.36 -20.46
C GLN D 67 -13.53 55.68 -20.23
N ARG D 68 -12.77 56.75 -20.11
CA ARG D 68 -13.36 58.06 -19.85
C ARG D 68 -14.14 58.49 -21.07
N GLN D 69 -13.55 58.30 -22.24
CA GLN D 69 -14.22 58.67 -23.47
C GLN D 69 -15.62 58.02 -23.57
N ILE D 70 -15.67 56.71 -23.37
CA ILE D 70 -16.94 55.98 -23.45
C ILE D 70 -17.95 56.59 -22.50
N ASP D 71 -17.55 56.68 -21.23
CA ASP D 71 -18.35 57.24 -20.15
C ASP D 71 -18.84 58.63 -20.53
N LEU D 72 -17.95 59.41 -21.13
CA LEU D 72 -18.29 60.78 -21.56
C LEU D 72 -19.35 60.79 -22.65
N VAL D 73 -19.31 59.80 -23.55
CA VAL D 73 -20.30 59.71 -24.62
C VAL D 73 -21.61 59.27 -23.98
N LEU D 74 -21.53 58.28 -23.11
CA LEU D 74 -22.74 57.80 -22.46
C LEU D 74 -23.56 58.87 -21.77
N LYS D 75 -22.90 59.88 -21.21
CA LYS D 75 -23.60 60.95 -20.47
C LYS D 75 -24.39 61.95 -21.28
N TYR D 76 -23.72 62.61 -22.19
CA TYR D 76 -24.36 63.63 -22.99
C TYR D 76 -25.04 63.16 -24.27
N ASN D 77 -25.03 61.85 -24.50
CA ASN D 77 -25.63 61.33 -25.71
C ASN D 77 -26.55 60.14 -25.52
N THR D 78 -27.71 60.23 -26.13
CA THR D 78 -28.67 59.14 -26.09
C THR D 78 -28.29 58.29 -27.29
N LEU D 79 -27.62 57.18 -27.02
CA LEU D 79 -27.16 56.29 -28.07
C LEU D 79 -28.23 55.61 -28.89
N LYS D 80 -27.77 54.99 -29.96
CA LYS D 80 -28.59 54.25 -30.93
C LYS D 80 -29.11 55.20 -32.00
N ALA E 7 34.88 7.70 20.80
CA ALA E 7 34.40 8.23 22.11
C ALA E 7 35.58 8.65 22.96
N GLU E 8 36.63 7.84 22.97
CA GLU E 8 37.82 8.15 23.76
C GLU E 8 38.45 9.46 23.26
N ARG E 9 37.78 10.06 22.26
CA ARG E 9 38.22 11.29 21.56
C ARG E 9 37.08 12.26 21.39
N LEU E 10 35.86 11.73 21.50
CA LEU E 10 34.65 12.49 21.29
C LEU E 10 34.07 13.27 22.47
N LYS E 11 34.88 14.03 23.19
CA LYS E 11 34.37 14.80 24.29
C LYS E 11 34.37 16.27 23.93
N HIS E 12 33.67 16.61 22.85
CA HIS E 12 33.59 18.00 22.39
C HIS E 12 32.33 18.26 21.57
N LEU E 13 31.81 17.19 20.95
CA LEU E 13 30.62 17.33 20.13
C LEU E 13 29.37 17.60 20.99
N ILE E 14 29.60 17.85 22.27
CA ILE E 14 28.50 18.19 23.16
C ILE E 14 28.52 19.71 23.22
N VAL E 15 27.51 20.32 22.60
CA VAL E 15 27.42 21.76 22.51
C VAL E 15 26.11 22.28 23.06
N THR E 16 26.15 23.47 23.65
CA THR E 16 24.95 24.08 24.17
C THR E 16 24.40 24.97 23.07
N PRO E 17 23.44 24.44 22.30
CA PRO E 17 22.84 25.20 21.21
C PRO E 17 22.20 26.48 21.71
N SER E 18 22.03 27.41 20.77
CA SER E 18 21.44 28.70 21.05
C SER E 18 21.47 29.51 19.78
N GLY E 19 21.11 30.78 19.90
CA GLY E 19 21.07 31.62 18.75
C GLY E 19 19.70 31.53 18.11
N ALA E 20 19.65 31.79 16.81
CA ALA E 20 18.41 31.83 16.11
C ALA E 20 18.00 30.65 15.24
N GLY E 21 17.03 30.92 14.38
CA GLY E 21 16.45 29.93 13.49
C GLY E 21 17.42 29.40 12.45
N GLU E 22 18.63 29.21 12.93
CA GLU E 22 19.67 28.68 12.08
C GLU E 22 20.86 28.28 12.90
N GLN E 23 21.54 29.22 13.56
CA GLN E 23 22.70 28.83 14.38
C GLN E 23 22.29 27.80 15.41
N ASN E 24 21.07 27.95 15.91
CA ASN E 24 20.53 27.07 16.93
C ASN E 24 20.78 25.66 16.50
N MET E 25 20.44 25.38 15.25
CA MET E 25 20.66 24.05 14.69
C MET E 25 22.14 23.73 14.68
N ILE E 26 22.96 24.61 14.09
CA ILE E 26 24.43 24.40 14.03
C ILE E 26 24.99 23.79 15.31
N GLY E 27 24.47 24.25 16.45
CA GLY E 27 24.92 23.73 17.71
C GLY E 27 24.13 22.50 18.13
N MET E 28 23.02 22.23 17.45
CA MET E 28 22.24 21.07 17.82
C MET E 28 22.84 19.82 17.20
N THR E 29 23.32 20.00 15.96
CA THR E 29 23.91 18.92 15.19
C THR E 29 25.03 18.16 15.89
N PRO E 30 25.96 18.88 16.54
CA PRO E 30 27.03 18.14 17.22
C PRO E 30 26.48 17.26 18.33
N THR E 31 25.76 17.88 19.25
CA THR E 31 25.15 17.23 20.41
C THR E 31 24.27 16.04 20.06
N VAL E 32 23.45 16.19 19.02
CA VAL E 32 22.54 15.11 18.60
C VAL E 32 23.31 13.92 18.00
N ILE E 33 24.17 14.19 17.02
CA ILE E 33 24.96 13.14 16.38
C ILE E 33 25.78 12.38 17.43
N ALA E 34 26.47 13.14 18.26
CA ALA E 34 27.27 12.56 19.33
C ALA E 34 26.45 11.52 20.06
N VAL E 35 25.28 11.90 20.61
CA VAL E 35 24.42 10.93 21.32
C VAL E 35 23.99 9.79 20.38
N HIS E 36 23.61 10.10 19.14
CA HIS E 36 23.19 9.08 18.17
C HIS E 36 24.26 8.00 17.96
N TYR E 37 25.48 8.42 17.65
CA TYR E 37 26.62 7.53 17.44
C TYR E 37 26.93 6.73 18.71
N LEU E 38 27.00 7.43 19.85
CA LEU E 38 27.29 6.77 21.12
C LEU E 38 26.22 5.76 21.50
N ASP E 39 25.00 6.02 21.05
CA ASP E 39 23.89 5.13 21.34
C ASP E 39 23.89 3.88 20.47
N GLU E 40 24.28 4.01 19.21
CA GLU E 40 24.32 2.86 18.30
C GLU E 40 25.55 1.98 18.55
N THR E 41 26.73 2.59 18.63
CA THR E 41 27.97 1.85 18.88
C THR E 41 28.12 1.54 20.38
N GLU E 42 27.12 1.94 21.16
CA GLU E 42 27.10 1.70 22.60
C GLU E 42 28.45 1.92 23.30
N GLN E 43 29.07 3.08 23.08
CA GLN E 43 30.37 3.37 23.69
C GLN E 43 30.27 4.32 24.87
N TRP E 44 29.08 4.47 25.43
CA TRP E 44 28.89 5.34 26.57
C TRP E 44 29.83 4.99 27.69
N GLU E 45 30.13 3.69 27.80
CA GLU E 45 31.03 3.20 28.82
C GLU E 45 32.42 3.83 28.60
N LYS E 46 32.85 3.91 27.34
CA LYS E 46 34.15 4.47 27.01
C LYS E 46 34.05 5.97 26.73
N PHE E 47 33.07 6.62 27.36
CA PHE E 47 32.86 8.04 27.18
C PHE E 47 32.34 8.65 28.47
N GLY E 48 31.61 7.85 29.25
CA GLY E 48 31.07 8.31 30.51
C GLY E 48 29.56 8.24 30.52
N LEU E 49 29.02 7.44 31.42
CA LEU E 49 27.57 7.26 31.52
C LEU E 49 26.85 8.53 31.98
N GLU E 50 27.32 9.08 33.09
CA GLU E 50 26.70 10.28 33.65
C GLU E 50 26.56 11.45 32.68
N LYS E 51 27.13 11.31 31.49
CA LYS E 51 27.09 12.39 30.50
C LYS E 51 25.88 12.40 29.56
N ARG E 52 25.40 11.22 29.19
CA ARG E 52 24.27 11.14 28.28
C ARG E 52 23.09 12.03 28.70
N GLN E 53 22.70 11.99 29.97
CA GLN E 53 21.60 12.80 30.47
C GLN E 53 21.81 14.28 30.20
N GLY E 54 23.00 14.76 30.46
CA GLY E 54 23.24 16.17 30.21
C GLY E 54 23.21 16.45 28.73
N ALA E 55 23.41 15.40 27.93
CA ALA E 55 23.40 15.57 26.49
C ALA E 55 21.95 15.63 26.04
N LEU E 56 21.13 14.79 26.65
CA LEU E 56 19.71 14.79 26.33
C LEU E 56 19.06 16.16 26.61
N GLU E 57 19.40 16.76 27.74
CA GLU E 57 18.82 18.05 28.07
C GLU E 57 19.28 19.09 27.03
N LEU E 58 20.54 19.03 26.67
CA LEU E 58 21.09 19.95 25.69
C LEU E 58 20.30 19.81 24.39
N ILE E 59 20.08 18.55 23.99
CA ILE E 59 19.34 18.24 22.78
C ILE E 59 17.91 18.69 22.98
N LYS E 60 17.46 18.69 24.23
CA LYS E 60 16.11 19.09 24.51
C LYS E 60 15.97 20.60 24.49
N LYS E 61 16.97 21.31 24.99
CA LYS E 61 16.88 22.76 24.96
C LYS E 61 16.82 23.19 23.48
N GLY E 62 17.77 22.70 22.68
CA GLY E 62 17.84 23.05 21.26
C GLY E 62 16.55 22.79 20.50
N TYR E 63 15.85 21.72 20.89
CA TYR E 63 14.57 21.35 20.28
C TYR E 63 13.56 22.46 20.49
N THR E 64 13.43 22.82 21.78
CA THR E 64 12.53 23.85 22.26
C THR E 64 12.83 25.17 21.57
N GLN E 65 14.09 25.61 21.66
CA GLN E 65 14.53 26.87 21.07
C GLN E 65 14.29 26.97 19.59
N GLN E 66 14.34 25.83 18.92
CA GLN E 66 14.14 25.84 17.49
C GLN E 66 12.65 25.96 17.14
N LEU E 67 11.79 25.47 18.04
CA LEU E 67 10.35 25.53 17.82
C LEU E 67 9.96 26.98 17.75
N ALA E 68 10.68 27.81 18.51
CA ALA E 68 10.41 29.25 18.50
C ALA E 68 10.51 29.81 17.09
N PHE E 69 11.27 29.15 16.23
CA PHE E 69 11.42 29.63 14.87
C PHE E 69 10.60 28.84 13.82
N ARG E 70 9.58 28.13 14.30
CA ARG E 70 8.74 27.39 13.37
C ARG E 70 7.68 28.35 12.87
N GLN E 71 7.69 28.61 11.57
CA GLN E 71 6.72 29.51 10.94
C GLN E 71 5.31 28.86 10.87
N PRO E 72 4.27 29.68 10.67
CA PRO E 72 2.90 29.15 10.57
C PRO E 72 2.79 27.94 9.63
N SER E 73 3.45 28.04 8.47
CA SER E 73 3.46 26.98 7.44
C SER E 73 4.21 25.72 7.82
N SER E 74 4.79 25.69 9.02
CA SER E 74 5.57 24.55 9.51
C SER E 74 6.98 24.54 8.95
N ALA E 75 7.33 25.59 8.21
CA ALA E 75 8.66 25.70 7.64
C ALA E 75 9.52 26.58 8.53
N PHE E 76 10.83 26.34 8.50
CA PHE E 76 11.76 27.11 9.33
C PHE E 76 12.66 28.05 8.54
N ALA E 77 13.22 29.01 9.27
CA ALA E 77 14.13 30.01 8.73
C ALA E 77 14.96 30.51 9.88
N ALA E 78 15.79 31.54 9.64
CA ALA E 78 16.59 32.09 10.71
C ALA E 78 15.63 32.87 11.58
N PHE E 79 14.76 33.65 10.95
CA PHE E 79 13.78 34.45 11.68
C PHE E 79 12.35 34.17 11.21
N VAL E 80 11.38 34.40 12.11
CA VAL E 80 9.97 34.19 11.82
C VAL E 80 9.48 35.21 10.79
N LYS E 81 10.31 36.19 10.48
CA LYS E 81 9.97 37.21 9.49
C LYS E 81 10.79 36.99 8.22
N ARG E 82 11.73 36.07 8.31
CA ARG E 82 12.54 35.76 7.14
C ARG E 82 11.77 34.77 6.28
N ALA E 83 11.99 34.85 4.97
CA ALA E 83 11.36 33.93 4.04
C ALA E 83 11.86 32.52 4.38
N PRO E 84 10.95 31.53 4.35
CA PRO E 84 11.26 30.14 4.66
C PRO E 84 12.37 29.57 3.80
N SER E 85 13.28 28.80 4.41
CA SER E 85 14.38 28.17 3.67
C SER E 85 14.08 26.69 3.48
N THR E 86 14.07 26.24 2.24
CA THR E 86 13.79 24.84 1.97
C THR E 86 14.81 23.89 2.60
N TRP E 87 16.09 24.21 2.46
CA TRP E 87 17.15 23.39 3.00
C TRP E 87 17.03 23.26 4.51
N LEU E 88 16.94 24.40 5.21
CA LEU E 88 16.84 24.35 6.66
C LEU E 88 15.63 23.53 7.07
N THR E 89 14.50 23.77 6.40
CA THR E 89 13.30 23.03 6.75
C THR E 89 13.59 21.55 6.62
N ALA E 90 14.17 21.17 5.49
CA ALA E 90 14.52 19.79 5.23
C ALA E 90 15.54 19.37 6.26
N TYR E 91 16.40 20.30 6.65
CA TYR E 91 17.43 19.98 7.61
C TYR E 91 16.89 19.69 9.01
N VAL E 92 15.96 20.52 9.46
CA VAL E 92 15.36 20.36 10.79
C VAL E 92 14.74 18.96 10.88
N VAL E 93 14.17 18.54 9.74
CA VAL E 93 13.51 17.24 9.62
C VAL E 93 14.50 16.12 9.84
N LYS E 94 15.61 16.19 9.13
CA LYS E 94 16.66 15.19 9.19
C LYS E 94 17.17 15.07 10.62
N VAL E 95 17.51 16.18 11.25
CA VAL E 95 18.01 16.16 12.63
C VAL E 95 16.97 15.57 13.59
N PHE E 96 15.74 16.07 13.45
CA PHE E 96 14.62 15.64 14.28
C PHE E 96 14.21 14.21 14.10
N SER E 97 14.52 13.67 12.93
CA SER E 97 14.15 12.30 12.66
C SER E 97 14.98 11.38 13.52
N LEU E 98 16.20 11.81 13.86
CA LEU E 98 17.07 11.00 14.71
C LEU E 98 16.75 11.23 16.17
N ALA E 99 16.30 12.45 16.48
CA ALA E 99 15.95 12.84 17.85
C ALA E 99 14.76 12.09 18.44
N VAL E 100 14.01 11.39 17.58
CA VAL E 100 12.83 10.61 17.96
C VAL E 100 13.18 9.44 18.87
N ASN E 101 14.47 9.29 19.14
CA ASN E 101 14.95 8.23 20.00
C ASN E 101 15.67 8.83 21.19
N LEU E 102 15.62 10.14 21.33
CA LEU E 102 16.31 10.79 22.43
C LEU E 102 15.36 11.56 23.33
N ILE E 103 14.65 12.50 22.73
CA ILE E 103 13.70 13.30 23.47
C ILE E 103 12.36 13.38 22.77
N ALA E 104 11.42 14.09 23.36
CA ALA E 104 10.10 14.25 22.78
C ALA E 104 10.13 15.10 21.49
N ILE E 105 9.50 14.58 20.44
CA ILE E 105 9.40 15.26 19.16
C ILE E 105 7.91 15.29 18.77
N ASP E 106 7.38 16.50 18.54
CA ASP E 106 5.99 16.71 18.13
C ASP E 106 5.86 16.22 16.67
N SER E 107 5.35 15.01 16.46
CA SER E 107 5.21 14.50 15.11
C SER E 107 4.59 15.52 14.13
N GLN E 108 3.66 16.34 14.62
CA GLN E 108 2.99 17.37 13.80
C GLN E 108 3.97 18.41 13.27
N VAL E 109 5.04 18.64 14.00
CA VAL E 109 6.03 19.59 13.54
C VAL E 109 6.78 18.92 12.41
N LEU E 110 7.23 17.71 12.68
CA LEU E 110 7.98 16.96 11.70
C LEU E 110 7.25 16.78 10.35
N CYS E 111 5.99 16.37 10.39
CA CYS E 111 5.22 16.17 9.15
C CYS E 111 4.57 17.45 8.65
N GLY E 112 4.35 18.40 9.56
CA GLY E 112 3.79 19.67 9.15
C GLY E 112 4.82 20.32 8.24
N ALA E 113 6.10 20.06 8.56
CA ALA E 113 7.24 20.59 7.79
C ALA E 113 7.38 19.77 6.51
N VAL E 114 7.30 18.45 6.63
CA VAL E 114 7.43 17.62 5.44
C VAL E 114 6.30 17.93 4.43
N LYS E 115 5.11 18.18 4.95
CA LYS E 115 3.96 18.50 4.09
C LYS E 115 4.18 19.82 3.34
N TRP E 116 4.79 20.80 4.00
CA TRP E 116 5.06 22.08 3.37
C TRP E 116 6.13 21.87 2.33
N LEU E 117 7.06 20.96 2.61
CA LEU E 117 8.15 20.70 1.68
C LEU E 117 7.58 20.19 0.34
N ILE E 118 6.48 19.45 0.41
CA ILE E 118 5.86 18.85 -0.76
C ILE E 118 5.05 19.75 -1.70
N LEU E 119 3.88 20.17 -1.25
CA LEU E 119 3.00 21.01 -2.05
C LEU E 119 3.38 22.49 -2.09
N GLU E 120 4.68 22.79 -1.99
CA GLU E 120 5.11 24.19 -1.98
C GLU E 120 6.53 24.44 -2.53
N LYS E 121 7.39 23.42 -2.55
CA LYS E 121 8.76 23.57 -3.05
C LYS E 121 9.14 22.50 -4.06
N GLN E 122 8.45 21.37 -4.09
CA GLN E 122 8.75 20.31 -5.07
C GLN E 122 8.12 20.68 -6.42
N LYS E 123 8.94 20.70 -7.47
CA LYS E 123 8.43 21.04 -8.79
C LYS E 123 7.86 19.77 -9.43
N PRO E 124 6.78 19.92 -10.22
CA PRO E 124 6.11 18.79 -10.90
C PRO E 124 7.04 17.73 -11.42
N ASP E 125 8.22 18.16 -11.86
CA ASP E 125 9.22 17.24 -12.38
C ASP E 125 9.76 16.34 -11.29
N PHE E 128 12.92 19.77 -6.25
CA PHE E 128 13.07 20.61 -5.06
C PHE E 128 14.05 21.74 -5.28
N GLN E 129 13.62 22.95 -4.92
CA GLN E 129 14.44 24.15 -5.06
C GLN E 129 14.36 25.04 -3.82
N GLU E 130 15.37 25.89 -3.64
CA GLU E 130 15.45 26.82 -2.52
C GLU E 130 15.08 28.22 -3.00
N ASP E 131 14.40 29.00 -2.15
CA ASP E 131 13.99 30.35 -2.51
C ASP E 131 14.30 31.36 -1.41
N ALA E 132 15.31 30.98 -0.64
CA ALA E 132 15.87 31.79 0.41
C ALA E 132 16.99 30.92 0.86
N PRO E 133 18.23 31.40 0.55
CA PRO E 133 19.13 30.44 1.15
C PRO E 133 19.30 30.79 2.58
N VAL E 134 19.80 29.87 3.38
CA VAL E 134 20.01 30.20 4.79
C VAL E 134 21.17 31.18 4.80
N ILE E 135 21.14 32.17 5.69
CA ILE E 135 22.21 33.15 5.76
C ILE E 135 23.59 32.45 5.87
N HIS E 136 23.75 31.58 6.87
CA HIS E 136 25.00 30.87 7.10
C HIS E 136 25.25 29.80 6.04
N GLN E 137 25.70 30.22 4.87
CA GLN E 137 25.92 29.29 3.78
C GLN E 137 26.84 28.13 4.11
N GLU E 138 27.73 28.33 5.08
CA GLU E 138 28.69 27.31 5.48
C GLU E 138 28.08 26.10 6.22
N MET E 139 26.83 26.24 6.67
CA MET E 139 26.18 25.18 7.43
C MET E 139 25.58 24.05 6.61
N ILE E 140 25.59 24.18 5.28
CA ILE E 140 25.01 23.19 4.38
C ILE E 140 26.02 22.30 3.64
N GLY E 141 27.28 22.35 4.08
CA GLY E 141 28.30 21.51 3.45
C GLY E 141 28.46 21.59 1.94
N GLY E 142 28.39 20.46 1.27
CA GLY E 142 28.57 20.45 -0.18
C GLY E 142 27.59 21.14 -1.11
N LEU E 143 26.37 21.45 -0.65
CA LEU E 143 25.40 22.10 -1.53
C LEU E 143 25.79 23.53 -1.86
N ARG E 144 26.62 24.13 -1.01
CA ARG E 144 27.09 25.49 -1.23
C ARG E 144 27.77 25.57 -2.60
N ASN E 145 28.17 24.40 -3.11
CA ASN E 145 28.84 24.28 -4.41
C ASN E 145 27.87 24.55 -5.56
N GLU E 148 26.23 20.61 -10.11
CA GLU E 148 24.92 20.01 -10.31
C GLU E 148 24.02 20.42 -9.14
N LYS E 149 23.35 21.56 -9.28
CA LYS E 149 22.50 22.05 -8.20
C LYS E 149 21.24 21.23 -7.89
N ASP E 150 20.29 21.24 -8.82
CA ASP E 150 19.03 20.52 -8.65
C ASP E 150 19.19 19.11 -8.09
N MET E 151 20.11 18.35 -8.68
CA MET E 151 20.34 17.01 -8.23
C MET E 151 20.64 16.93 -6.73
N ALA E 152 21.49 17.84 -6.25
CA ALA E 152 21.86 17.87 -4.83
C ALA E 152 20.73 18.25 -3.90
N LEU E 153 20.25 19.49 -4.02
CA LEU E 153 19.17 19.97 -3.17
C LEU E 153 17.98 19.02 -3.18
N THR E 154 17.66 18.44 -4.33
CA THR E 154 16.55 17.51 -4.42
C THR E 154 16.86 16.26 -3.61
N ALA E 155 18.07 15.74 -3.80
CA ALA E 155 18.54 14.55 -3.09
C ALA E 155 18.56 14.77 -1.56
N PHE E 156 18.87 15.98 -1.13
CA PHE E 156 18.90 16.32 0.30
C PHE E 156 17.48 16.26 0.90
N VAL E 157 16.53 16.85 0.19
CA VAL E 157 15.15 16.87 0.65
C VAL E 157 14.56 15.46 0.62
N LEU E 158 15.03 14.66 -0.32
CA LEU E 158 14.57 13.27 -0.49
C LEU E 158 15.04 12.42 0.69
N ILE E 159 16.34 12.42 0.91
CA ILE E 159 16.93 11.66 2.01
C ILE E 159 16.21 11.94 3.33
N SER E 160 15.87 13.22 3.55
CA SER E 160 15.20 13.60 4.78
C SER E 160 13.80 12.99 4.84
N LEU E 161 13.01 13.26 3.80
CA LEU E 161 11.65 12.75 3.72
C LEU E 161 11.63 11.25 3.98
N GLN E 162 12.71 10.58 3.58
CA GLN E 162 12.81 9.14 3.75
C GLN E 162 13.01 8.80 5.21
N GLU E 163 14.00 9.44 5.84
CA GLU E 163 14.24 9.18 7.26
C GLU E 163 13.15 9.83 8.07
N ALA E 164 12.08 10.19 7.39
CA ALA E 164 10.93 10.81 8.01
C ALA E 164 9.70 9.91 7.84
N LYS E 165 9.54 9.32 6.67
CA LYS E 165 8.42 8.43 6.34
C LYS E 165 8.01 7.45 7.44
N ASP E 166 8.95 6.63 7.88
CA ASP E 166 8.62 5.65 8.92
C ASP E 166 7.95 6.33 10.11
N ILE E 167 8.05 7.66 10.15
CA ILE E 167 7.47 8.48 11.21
C ILE E 167 6.29 9.24 10.62
N CYS E 168 6.52 9.88 9.46
CA CYS E 168 5.51 10.67 8.75
C CYS E 168 4.85 9.99 7.55
N GLU E 169 4.57 8.69 7.64
CA GLU E 169 3.94 8.00 6.53
C GLU E 169 2.42 8.08 6.70
N GLU E 170 1.95 7.67 7.87
CA GLU E 170 0.53 7.66 8.17
C GLU E 170 -0.13 9.05 8.20
N GLN E 171 0.61 10.07 8.61
CA GLN E 171 0.03 11.40 8.71
C GLN E 171 0.17 12.26 7.46
N VAL E 172 0.93 11.79 6.47
CA VAL E 172 1.09 12.57 5.24
C VAL E 172 0.85 11.76 3.98
N ASN E 173 -0.16 12.18 3.23
CA ASN E 173 -0.55 11.50 2.02
C ASN E 173 0.08 12.11 0.77
N SER E 174 1.04 13.00 0.95
CA SER E 174 1.70 13.63 -0.18
C SER E 174 3.08 13.01 -0.38
N LEU E 175 3.61 12.45 0.69
CA LEU E 175 4.93 11.81 0.70
C LEU E 175 5.10 10.62 -0.24
N PRO E 176 4.03 9.84 -0.45
CA PRO E 176 4.12 8.67 -1.34
C PRO E 176 4.62 8.97 -2.75
N GLY E 177 3.85 9.75 -3.49
CA GLY E 177 4.23 10.10 -4.84
C GLY E 177 5.50 10.90 -4.85
N SER E 178 5.54 11.96 -4.02
CA SER E 178 6.70 12.82 -3.91
C SER E 178 8.02 12.05 -3.80
N ILE E 179 7.99 10.93 -3.08
CA ILE E 179 9.20 10.13 -2.92
C ILE E 179 9.66 9.49 -4.23
N THR E 180 8.75 9.35 -5.20
CA THR E 180 9.07 8.76 -6.50
C THR E 180 9.25 9.86 -7.54
N LYS E 181 8.38 10.86 -7.51
CA LYS E 181 8.46 11.99 -8.44
C LYS E 181 9.80 12.67 -8.24
N ALA E 182 10.29 12.65 -7.01
CA ALA E 182 11.57 13.25 -6.66
C ALA E 182 12.66 12.19 -6.78
N GLY E 183 12.24 10.93 -6.88
CA GLY E 183 13.18 9.85 -6.99
C GLY E 183 13.59 9.58 -8.42
N ASP E 184 12.61 9.36 -9.28
CA ASP E 184 12.89 9.09 -10.68
C ASP E 184 13.70 10.23 -11.34
N PHE E 185 13.51 11.45 -10.85
CA PHE E 185 14.23 12.60 -11.39
C PHE E 185 15.74 12.44 -11.23
N LEU E 186 16.14 11.74 -10.18
CA LEU E 186 17.56 11.51 -9.91
C LEU E 186 18.05 10.33 -10.74
N GLU E 187 17.14 9.40 -11.01
CA GLU E 187 17.49 8.22 -11.81
C GLU E 187 17.22 8.48 -13.29
N ALA E 188 17.11 9.76 -13.66
CA ALA E 188 16.87 10.16 -15.04
C ALA E 188 17.89 11.21 -15.47
N ASN E 189 18.81 11.52 -14.57
CA ASN E 189 19.85 12.51 -14.80
C ASN E 189 21.05 12.07 -13.97
N TYR E 190 20.94 10.87 -13.40
CA TYR E 190 21.99 10.33 -12.57
C TYR E 190 23.28 10.21 -13.36
N MET E 191 23.20 9.50 -14.48
CA MET E 191 24.33 9.27 -15.37
C MET E 191 24.75 10.50 -16.16
N ASN E 192 24.21 11.66 -15.81
CA ASN E 192 24.58 12.89 -16.53
C ASN E 192 25.31 13.89 -15.62
N LEU E 193 25.55 13.50 -14.36
CA LEU E 193 26.24 14.36 -13.39
C LEU E 193 27.75 14.14 -13.44
N GLN E 194 28.53 15.11 -12.96
CA GLN E 194 29.99 15.01 -13.00
C GLN E 194 30.65 15.13 -11.63
N ARG E 195 29.97 15.81 -10.71
CA ARG E 195 30.49 16.00 -9.36
C ARG E 195 30.36 14.69 -8.59
N SER E 196 31.43 14.27 -7.94
CA SER E 196 31.40 13.04 -7.17
C SER E 196 30.41 13.19 -6.02
N TYR E 197 30.41 14.37 -5.40
CA TYR E 197 29.52 14.67 -4.29
C TYR E 197 28.06 14.36 -4.63
N THR E 198 27.58 14.95 -5.72
CA THR E 198 26.22 14.72 -6.17
C THR E 198 25.96 13.22 -6.33
N VAL E 199 26.96 12.53 -6.87
CA VAL E 199 26.86 11.10 -7.09
C VAL E 199 26.52 10.39 -5.77
N ALA E 200 27.36 10.63 -4.76
CA ALA E 200 27.17 10.01 -3.44
C ALA E 200 25.87 10.39 -2.73
N ILE E 201 25.55 11.68 -2.68
CA ILE E 201 24.32 12.05 -2.02
C ILE E 201 23.13 11.57 -2.83
N ALA E 202 23.26 11.57 -4.14
CA ALA E 202 22.17 11.14 -5.00
C ALA E 202 21.96 9.63 -4.90
N GLY E 203 23.05 8.89 -4.92
CA GLY E 203 22.97 7.44 -4.86
C GLY E 203 22.30 6.96 -3.60
N TYR E 204 22.54 7.65 -2.49
CA TYR E 204 21.93 7.27 -1.23
C TYR E 204 20.43 7.45 -1.37
N ALA E 205 20.04 8.53 -2.03
CA ALA E 205 18.63 8.86 -2.23
C ALA E 205 17.99 7.97 -3.28
N GLY E 214 20.94 -0.60 -10.94
CA GLY E 214 21.47 -1.45 -12.01
C GLY E 214 22.49 -0.73 -12.87
N PRO E 215 22.07 -0.08 -13.96
CA PRO E 215 22.95 0.64 -14.88
C PRO E 215 23.55 1.89 -14.23
N LEU E 216 22.89 2.37 -13.18
CA LEU E 216 23.35 3.55 -12.47
C LEU E 216 24.35 3.10 -11.41
N LEU E 217 24.11 1.91 -10.86
CA LEU E 217 24.97 1.34 -9.83
C LEU E 217 26.43 1.31 -10.27
N ASN E 218 26.67 0.98 -11.53
CA ASN E 218 28.03 0.91 -12.07
C ASN E 218 28.71 2.27 -11.95
N LYS E 219 27.94 3.35 -12.16
CA LYS E 219 28.46 4.71 -12.09
C LYS E 219 28.69 5.12 -10.66
N PHE E 220 27.82 4.62 -9.80
CA PHE E 220 27.95 4.94 -8.40
C PHE E 220 29.32 4.36 -8.04
N LEU E 221 29.44 3.02 -7.99
CA LEU E 221 30.70 2.31 -7.66
C LEU E 221 31.96 2.75 -8.41
N THR E 222 31.79 3.13 -9.68
CA THR E 222 32.88 3.51 -10.54
C THR E 222 33.44 4.90 -10.24
N THR E 223 32.57 5.82 -9.80
CA THR E 223 32.95 7.20 -9.47
C THR E 223 33.92 7.27 -8.28
N ALA E 224 34.11 6.14 -7.61
CA ALA E 224 34.98 6.02 -6.46
C ALA E 224 36.47 5.98 -6.79
N LYS E 225 37.23 6.87 -6.16
CA LYS E 225 38.67 6.95 -6.39
C LYS E 225 39.35 5.77 -5.71
N ASP E 226 39.15 4.59 -6.27
CA ASP E 226 39.73 3.37 -5.77
C ASP E 226 39.31 3.08 -4.33
N ASN E 228 36.75 3.28 -2.42
CA ASN E 228 36.72 3.59 -0.99
C ASN E 228 36.78 5.09 -0.70
N ARG E 229 36.38 5.91 -1.68
CA ARG E 229 36.38 7.36 -1.52
C ARG E 229 35.74 8.07 -2.70
N TRP E 230 34.86 9.01 -2.39
CA TRP E 230 34.22 9.79 -3.41
C TRP E 230 34.85 11.14 -3.30
N GLU E 231 36.05 11.29 -3.89
CA GLU E 231 36.71 12.59 -3.77
C GLU E 231 36.33 13.58 -4.83
N ASP E 232 36.94 14.75 -4.74
CA ASP E 232 36.70 15.87 -5.66
C ASP E 232 37.52 17.03 -5.14
N PRO E 233 38.26 17.69 -6.02
CA PRO E 233 39.11 18.81 -5.61
C PRO E 233 38.35 19.81 -4.75
N GLY E 234 39.06 20.44 -3.82
CA GLY E 234 38.43 21.42 -2.94
C GLY E 234 38.57 21.03 -1.49
N LYS E 235 37.85 21.72 -0.60
CA LYS E 235 37.92 21.41 0.82
C LYS E 235 37.79 19.91 1.05
N GLN E 236 38.58 19.39 1.98
CA GLN E 236 38.55 17.96 2.28
C GLN E 236 37.27 17.61 3.03
N LEU E 237 36.70 18.61 3.72
CA LEU E 237 35.48 18.42 4.50
C LEU E 237 34.27 18.01 3.65
N TYR E 238 34.27 18.42 2.38
CA TYR E 238 33.17 18.09 1.48
C TYR E 238 33.28 16.63 1.01
N ASN E 239 34.50 16.13 0.86
CA ASN E 239 34.70 14.75 0.44
C ASN E 239 34.30 13.86 1.62
N VAL E 240 34.59 14.36 2.82
CA VAL E 240 34.27 13.63 4.05
C VAL E 240 32.80 13.26 4.07
N GLU E 241 31.93 14.25 3.88
CA GLU E 241 30.49 14.00 3.91
C GLU E 241 30.03 13.26 2.65
N ALA E 242 30.75 13.50 1.55
CA ALA E 242 30.43 12.88 0.27
C ALA E 242 30.54 11.37 0.36
N THR E 243 31.57 10.89 1.04
CA THR E 243 31.72 9.45 1.20
C THR E 243 30.69 8.97 2.22
N SER E 244 30.44 9.79 3.24
CA SER E 244 29.47 9.47 4.27
C SER E 244 28.16 9.04 3.58
N TYR E 245 27.58 9.96 2.82
CA TYR E 245 26.35 9.65 2.11
C TYR E 245 26.50 8.34 1.35
N ALA E 246 27.68 8.17 0.75
CA ALA E 246 27.98 6.99 -0.02
C ALA E 246 28.01 5.77 0.86
N LEU E 247 28.69 5.89 2.00
CA LEU E 247 28.76 4.78 2.94
C LEU E 247 27.32 4.38 3.25
N LEU E 248 26.54 5.34 3.74
CA LEU E 248 25.15 5.09 4.08
C LEU E 248 24.39 4.53 2.86
N ALA E 249 24.92 4.76 1.67
CA ALA E 249 24.28 4.24 0.45
C ALA E 249 24.61 2.76 0.25
N LEU E 250 25.87 2.40 0.50
CA LEU E 250 26.32 1.02 0.36
C LEU E 250 25.35 0.08 1.05
N LEU E 251 25.02 0.42 2.30
CA LEU E 251 24.12 -0.38 3.12
C LEU E 251 22.66 -0.10 2.78
N LYS E 254 22.81 -4.95 0.78
CA LYS E 254 23.82 -4.73 1.81
C LYS E 254 25.20 -5.12 1.29
N ASP E 255 25.70 -4.36 0.32
CA ASP E 255 27.01 -4.62 -0.28
C ASP E 255 28.18 -4.41 0.67
N PHE E 256 28.17 -5.16 1.77
CA PHE E 256 29.23 -5.05 2.76
C PHE E 256 30.57 -5.51 2.18
N ASP E 257 30.62 -5.66 0.87
CA ASP E 257 31.85 -6.08 0.18
C ASP E 257 32.61 -4.83 -0.24
N PHE E 258 31.86 -3.75 -0.43
CA PHE E 258 32.44 -2.49 -0.84
C PHE E 258 32.71 -1.62 0.40
N VAL E 259 32.02 -1.94 1.49
CA VAL E 259 32.12 -1.19 2.74
C VAL E 259 33.50 -1.08 3.39
N PRO E 260 34.04 -2.21 3.91
CA PRO E 260 35.35 -2.22 4.57
C PRO E 260 36.42 -1.19 4.13
N PRO E 261 36.72 -1.13 2.83
CA PRO E 261 37.72 -0.18 2.33
C PRO E 261 37.38 1.25 2.74
N VAL E 262 36.14 1.63 2.48
CA VAL E 262 35.62 2.95 2.80
C VAL E 262 35.71 3.30 4.28
N VAL E 263 35.07 2.49 5.11
CA VAL E 263 35.08 2.70 6.56
C VAL E 263 36.49 2.93 7.08
N ARG E 264 37.46 2.30 6.43
CA ARG E 264 38.85 2.47 6.84
C ARG E 264 39.26 3.90 6.50
N TRP E 265 39.03 4.29 5.25
CA TRP E 265 39.34 5.63 4.78
C TRP E 265 38.69 6.70 5.66
N LEU E 266 37.43 6.49 6.00
CA LEU E 266 36.64 7.41 6.81
C LEU E 266 37.21 7.66 8.20
N ASN E 267 37.61 6.58 8.88
CA ASN E 267 38.20 6.69 10.20
C ASN E 267 39.59 7.24 10.01
N GLU E 268 40.25 6.74 8.97
CA GLU E 268 41.61 7.13 8.63
C GLU E 268 41.71 8.61 8.38
N GLN E 269 40.58 9.24 8.10
CA GLN E 269 40.52 10.67 7.86
C GLN E 269 40.76 11.41 9.17
N ARG E 270 40.56 10.71 10.28
CA ARG E 270 40.77 11.26 11.63
C ARG E 270 40.12 12.63 11.82
N TYR E 271 38.80 12.67 11.72
CA TYR E 271 38.07 13.92 11.90
C TYR E 271 36.83 13.71 12.75
N TYR E 272 36.89 14.18 14.00
CA TYR E 272 35.79 14.04 14.93
C TYR E 272 34.73 15.14 14.71
N GLY E 273 34.93 15.95 13.67
CA GLY E 273 33.99 17.01 13.37
C GLY E 273 33.94 18.14 14.38
N GLY E 274 33.44 19.29 13.95
CA GLY E 274 33.35 20.45 14.82
C GLY E 274 34.00 21.69 14.23
N GLY E 275 33.60 22.86 14.70
CA GLY E 275 34.17 24.11 14.20
C GLY E 275 33.34 24.75 13.12
N TYR E 276 33.88 25.78 12.48
CA TYR E 276 33.19 26.49 11.41
C TYR E 276 32.90 25.64 10.17
N GLY E 277 31.69 25.78 9.64
CA GLY E 277 31.28 25.05 8.46
C GLY E 277 31.58 23.56 8.46
N SER E 278 31.16 22.84 9.50
CA SER E 278 31.41 21.40 9.62
C SER E 278 30.13 20.66 9.98
N THR E 279 29.07 21.42 10.22
CA THR E 279 27.82 20.84 10.60
C THR E 279 27.32 19.70 9.72
N GLN E 280 27.64 19.71 8.43
CA GLN E 280 27.19 18.64 7.56
C GLN E 280 28.12 17.43 7.55
N ALA E 281 29.41 17.68 7.71
CA ALA E 281 30.35 16.56 7.74
C ALA E 281 30.11 15.81 9.05
N THR E 282 30.15 16.55 10.17
CA THR E 282 29.92 15.95 11.48
C THR E 282 28.65 15.10 11.53
N PHE E 283 27.53 15.64 11.08
CA PHE E 283 26.28 14.91 11.11
C PHE E 283 26.38 13.60 10.33
N MET E 284 26.68 13.74 9.05
CA MET E 284 26.79 12.61 8.14
C MET E 284 27.82 11.57 8.52
N VAL E 285 29.07 11.99 8.68
CA VAL E 285 30.14 11.04 9.02
C VAL E 285 29.72 10.10 10.14
N PHE E 286 29.05 10.63 11.16
CA PHE E 286 28.63 9.80 12.27
C PHE E 286 27.31 9.12 12.05
N GLN E 287 26.51 9.64 11.12
CA GLN E 287 25.23 9.00 10.82
C GLN E 287 25.57 7.75 10.02
N ALA E 288 26.60 7.87 9.19
CA ALA E 288 27.06 6.80 8.35
C ALA E 288 27.78 5.73 9.15
N LEU E 289 28.71 6.15 10.01
CA LEU E 289 29.45 5.19 10.82
C LEU E 289 28.51 4.44 11.76
N ALA E 290 27.52 5.14 12.30
CA ALA E 290 26.57 4.52 13.22
C ALA E 290 25.71 3.52 12.48
N GLN E 291 25.07 3.98 11.40
CA GLN E 291 24.21 3.13 10.61
C GLN E 291 24.98 1.91 10.09
N TYR E 292 26.31 1.97 10.15
CA TYR E 292 27.14 0.86 9.71
C TYR E 292 27.38 -0.06 10.91
N GLN E 293 27.78 0.52 12.03
CA GLN E 293 28.02 -0.24 13.24
C GLN E 293 26.82 -1.14 13.55
N LYS E 294 25.65 -0.72 13.07
CA LYS E 294 24.44 -1.49 13.29
C LYS E 294 24.15 -2.46 12.15
N ASP E 295 24.59 -2.09 10.95
CA ASP E 295 24.34 -2.93 9.77
C ASP E 295 25.38 -3.99 9.46
N ALA E 296 26.63 -3.58 9.27
CA ALA E 296 27.70 -4.52 8.95
C ALA E 296 27.88 -5.57 10.06
N PRO E 297 27.99 -6.85 9.69
CA PRO E 297 28.16 -7.93 10.67
C PRO E 297 29.41 -7.76 11.53
N ASN F 23 -6.71 4.02 21.87
CA ASN F 23 -5.75 3.85 20.74
C ASN F 23 -4.76 2.70 20.95
N LYS F 24 -4.35 2.07 19.86
CA LYS F 24 -3.41 0.94 19.90
C LYS F 24 -1.98 1.42 20.10
N LYS F 25 -1.59 2.44 19.34
CA LYS F 25 -0.26 3.02 19.44
C LYS F 25 0.05 3.31 20.91
N VAL F 26 -0.93 3.88 21.63
CA VAL F 26 -0.76 4.20 23.05
C VAL F 26 -0.36 2.98 23.87
N VAL F 27 -0.94 1.82 23.57
CA VAL F 27 -0.60 0.62 24.33
C VAL F 27 0.84 0.16 24.04
N ASP F 28 1.20 0.21 22.76
CA ASP F 28 2.54 -0.20 22.36
C ASP F 28 3.51 0.70 23.11
N ALA F 29 3.12 1.97 23.22
CA ALA F 29 3.92 2.97 23.92
C ALA F 29 3.94 2.69 25.41
N GLN F 30 2.80 2.25 25.92
CA GLN F 30 2.67 1.92 27.33
C GLN F 30 3.55 0.72 27.66
N LYS F 31 3.66 -0.21 26.73
CA LYS F 31 4.48 -1.38 26.96
C LYS F 31 5.97 -1.01 26.84
N ALA F 32 6.26 -0.08 25.94
CA ALA F 32 7.65 0.37 25.76
C ALA F 32 8.12 1.14 26.98
N VAL F 33 7.21 1.93 27.56
CA VAL F 33 7.52 2.75 28.72
C VAL F 33 7.70 1.87 29.94
N GLU F 34 6.70 1.03 30.21
CA GLU F 34 6.76 0.15 31.38
C GLU F 34 8.06 -0.67 31.38
N LEU F 35 8.54 -1.08 30.20
CA LEU F 35 9.76 -1.86 30.10
C LEU F 35 10.96 -1.01 30.47
N PHE F 36 10.98 0.21 29.94
CA PHE F 36 12.08 1.14 30.22
C PHE F 36 12.16 1.44 31.71
N LYS F 37 11.01 1.70 32.34
CA LYS F 37 10.96 2.02 33.76
C LYS F 37 11.45 0.86 34.62
N ARG F 38 11.55 -0.31 34.00
CA ARG F 38 12.02 -1.48 34.72
C ARG F 38 13.45 -1.87 34.32
N THR F 39 13.79 -1.68 33.05
CA THR F 39 15.13 -2.01 32.56
C THR F 39 16.12 -0.87 32.85
N ARG F 40 15.71 0.35 32.51
CA ARG F 40 16.56 1.53 32.74
C ARG F 40 17.88 1.45 31.98
N THR F 41 17.78 1.32 30.65
CA THR F 41 18.93 1.24 29.76
C THR F 41 18.73 2.12 28.52
N VAL F 42 19.81 2.36 27.79
CA VAL F 42 19.76 3.16 26.58
C VAL F 42 18.91 2.45 25.51
N ALA F 43 19.13 1.15 25.37
CA ALA F 43 18.37 0.38 24.40
C ALA F 43 16.88 0.49 24.74
N THR F 44 16.56 0.41 26.02
CA THR F 44 15.16 0.50 26.43
C THR F 44 14.64 1.90 26.34
N HIS F 45 15.48 2.89 26.64
CA HIS F 45 15.03 4.29 26.58
C HIS F 45 14.72 4.65 25.14
N ARG F 46 15.63 4.31 24.25
CA ARG F 46 15.41 4.62 22.84
C ARG F 46 14.04 4.18 22.33
N LYS F 47 13.66 2.93 22.60
CA LYS F 47 12.38 2.38 22.15
C LYS F 47 11.19 3.09 22.80
N ALA F 48 11.28 3.28 24.10
CA ALA F 48 10.21 3.94 24.84
C ALA F 48 9.96 5.35 24.28
N GLN F 49 11.04 6.12 24.10
CA GLN F 49 10.90 7.49 23.61
C GLN F 49 10.28 7.50 22.21
N ARG F 50 10.74 6.57 21.37
CA ARG F 50 10.23 6.51 20.02
C ARG F 50 8.76 6.13 20.08
N ALA F 51 8.45 5.10 20.86
CA ALA F 51 7.06 4.69 20.96
C ALA F 51 6.21 5.90 21.31
N VAL F 52 6.61 6.66 22.35
CA VAL F 52 5.84 7.85 22.75
C VAL F 52 5.77 8.94 21.69
N ASN F 53 6.76 9.00 20.81
CA ASN F 53 6.77 10.01 19.75
C ASN F 53 5.83 9.64 18.61
N LEU F 54 5.54 8.35 18.44
CA LEU F 54 4.66 7.91 17.35
C LEU F 54 3.16 8.11 17.62
N ILE F 55 2.78 8.44 18.85
CA ILE F 55 1.38 8.68 19.18
C ILE F 55 1.12 10.05 18.55
N HIS F 56 0.69 10.07 17.30
CA HIS F 56 0.47 11.32 16.59
C HIS F 56 -0.49 12.32 17.23
N PHE F 57 -1.53 11.82 17.89
CA PHE F 57 -2.48 12.73 18.51
C PHE F 57 -1.78 13.43 19.68
N GLN F 58 -1.22 14.60 19.39
CA GLN F 58 -0.49 15.39 20.38
C GLN F 58 -1.24 15.77 21.66
N HIS F 59 -2.57 15.77 21.64
CA HIS F 59 -3.34 16.12 22.83
C HIS F 59 -3.71 14.93 23.72
N SER F 60 -3.22 13.74 23.39
CA SER F 60 -3.50 12.54 24.19
C SER F 60 -2.94 12.74 25.59
N TYR F 61 -3.81 12.68 26.59
CA TYR F 61 -3.31 12.84 27.95
C TYR F 61 -2.38 11.69 28.25
N GLU F 62 -2.72 10.50 27.78
CA GLU F 62 -1.85 9.36 28.02
C GLU F 62 -0.46 9.60 27.44
N LYS F 63 -0.40 10.29 26.29
CA LYS F 63 0.87 10.63 25.67
C LYS F 63 1.69 11.42 26.67
N LYS F 64 1.20 12.59 27.06
CA LYS F 64 1.93 13.43 27.99
C LYS F 64 2.08 12.78 29.39
N LYS F 65 1.27 11.80 29.74
CA LYS F 65 1.44 11.18 31.05
C LYS F 65 2.57 10.18 30.90
N LEU F 66 2.63 9.54 29.73
CA LEU F 66 3.69 8.58 29.43
C LEU F 66 5.06 9.29 29.34
N GLN F 67 5.07 10.53 28.85
CA GLN F 67 6.30 11.30 28.72
C GLN F 67 6.91 11.62 30.09
N ARG F 68 6.05 11.97 31.05
CA ARG F 68 6.50 12.30 32.40
C ARG F 68 7.29 11.11 32.95
N GLN F 69 6.76 9.90 32.77
CA GLN F 69 7.45 8.71 33.28
C GLN F 69 8.82 8.53 32.67
N ILE F 70 8.95 8.84 31.38
CA ILE F 70 10.23 8.70 30.72
C ILE F 70 11.23 9.65 31.34
N ASP F 71 10.88 10.93 31.36
CA ASP F 71 11.74 11.95 31.91
C ASP F 71 12.24 11.68 33.32
N LEU F 72 11.42 11.05 34.14
CA LEU F 72 11.83 10.77 35.52
C LEU F 72 13.00 9.82 35.58
N VAL F 73 12.86 8.70 34.89
CA VAL F 73 13.92 7.73 34.88
C VAL F 73 15.18 8.47 34.47
N LEU F 74 15.14 9.09 33.29
CA LEU F 74 16.28 9.84 32.77
C LEU F 74 16.95 10.78 33.74
N LYS F 75 16.16 11.52 34.51
CA LYS F 75 16.69 12.51 35.45
C LYS F 75 17.17 11.96 36.80
N TYR F 76 16.77 10.73 37.13
CA TYR F 76 17.20 10.15 38.40
C TYR F 76 17.92 8.81 38.22
N ASN F 77 18.28 8.50 36.97
CA ASN F 77 19.00 7.28 36.66
C ASN F 77 20.06 7.50 35.61
N THR F 78 21.04 6.61 35.60
CA THR F 78 22.13 6.60 34.63
C THR F 78 21.89 5.31 33.86
N LEU F 79 21.19 5.41 32.74
CA LEU F 79 20.85 4.23 31.94
C LEU F 79 22.05 3.34 31.63
N LYS F 80 21.80 2.03 31.64
CA LYS F 80 22.81 1.02 31.35
C LYS F 80 24.16 1.25 32.03
N ALA G 7 5.27 -46.89 24.92
CA ALA G 7 5.93 -47.74 25.96
C ALA G 7 5.38 -49.15 25.85
N GLU G 8 4.16 -49.32 26.36
CA GLU G 8 3.46 -50.59 26.31
C GLU G 8 2.73 -50.62 24.98
N ARG G 9 3.00 -49.63 24.14
CA ARG G 9 2.37 -49.53 22.84
C ARG G 9 3.26 -48.79 21.82
N LEU G 10 4.49 -49.24 21.68
CA LEU G 10 5.44 -48.64 20.72
C LEU G 10 6.13 -49.70 19.89
N LYS G 11 5.49 -50.86 19.76
CA LYS G 11 6.10 -51.91 18.97
C LYS G 11 6.19 -51.47 17.50
N HIS G 12 5.28 -50.61 17.09
CA HIS G 12 5.24 -50.11 15.71
C HIS G 12 6.38 -49.16 15.37
N LEU G 13 7.46 -49.19 16.15
CA LEU G 13 8.57 -48.28 15.90
C LEU G 13 9.84 -48.96 15.39
N ILE G 14 9.81 -50.28 15.31
CA ILE G 14 10.96 -51.03 14.82
C ILE G 14 10.86 -51.11 13.30
N VAL G 15 11.29 -50.02 12.68
CA VAL G 15 11.26 -49.89 11.26
C VAL G 15 12.63 -50.10 10.65
N THR G 16 12.65 -50.98 9.67
CA THR G 16 13.83 -51.37 8.90
C THR G 16 14.06 -50.33 7.80
N PRO G 17 15.13 -49.52 7.90
CA PRO G 17 15.50 -48.46 6.96
C PRO G 17 15.93 -48.89 5.56
N SER G 18 15.52 -48.10 4.56
CA SER G 18 15.85 -48.39 3.17
C SER G 18 15.50 -47.16 2.32
N GLY G 19 15.89 -47.18 1.05
CA GLY G 19 15.59 -46.06 0.16
C GLY G 19 16.70 -45.10 -0.18
N ALA G 20 16.31 -43.93 -0.70
CA ALA G 20 17.25 -42.88 -1.09
C ALA G 20 17.76 -42.16 0.15
N GLY G 21 18.64 -41.18 -0.06
CA GLY G 21 19.22 -40.43 1.05
C GLY G 21 18.19 -39.87 1.99
N GLU G 22 16.98 -39.68 1.47
CA GLU G 22 15.87 -39.13 2.27
C GLU G 22 15.02 -40.26 2.86
N GLN G 23 14.40 -41.07 2.01
CA GLN G 23 13.56 -42.15 2.52
C GLN G 23 14.32 -42.92 3.61
N ASN G 24 15.57 -43.28 3.31
CA ASN G 24 16.39 -44.02 4.26
C ASN G 24 16.40 -43.38 5.66
N MET G 25 16.46 -42.06 5.71
CA MET G 25 16.44 -41.36 7.01
C MET G 25 15.05 -41.46 7.61
N ILE G 26 14.02 -41.44 6.77
CA ILE G 26 12.65 -41.57 7.26
C ILE G 26 12.52 -42.86 8.07
N GLY G 27 13.37 -43.85 7.75
CA GLY G 27 13.35 -45.13 8.43
C GLY G 27 14.14 -45.21 9.74
N MET G 28 15.19 -44.42 9.84
CA MET G 28 16.00 -44.45 11.05
C MET G 28 15.30 -43.71 12.17
N THR G 29 14.55 -42.69 11.80
CA THR G 29 13.89 -41.87 12.79
C THR G 29 13.06 -42.66 13.78
N PRO G 30 12.10 -43.45 13.30
CA PRO G 30 11.30 -44.21 14.24
C PRO G 30 12.20 -45.09 15.11
N THR G 31 12.99 -45.92 14.47
CA THR G 31 13.88 -46.84 15.18
C THR G 31 14.88 -46.15 16.13
N VAL G 32 15.62 -45.17 15.62
CA VAL G 32 16.60 -44.48 16.44
C VAL G 32 16.01 -43.87 17.72
N ILE G 33 14.93 -43.11 17.55
CA ILE G 33 14.31 -42.47 18.70
C ILE G 33 13.74 -43.49 19.68
N ALA G 34 12.94 -44.43 19.18
CA ALA G 34 12.36 -45.46 20.04
C ALA G 34 13.45 -45.96 20.99
N VAL G 35 14.53 -46.54 20.45
CA VAL G 35 15.62 -47.02 21.30
C VAL G 35 16.09 -45.91 22.29
N HIS G 36 16.25 -44.69 21.78
CA HIS G 36 16.69 -43.58 22.60
C HIS G 36 15.76 -43.37 23.78
N TYR G 37 14.45 -43.38 23.51
CA TYR G 37 13.43 -43.18 24.55
C TYR G 37 13.47 -44.35 25.55
N LEU G 38 13.28 -45.55 25.02
CA LEU G 38 13.30 -46.77 25.83
C LEU G 38 14.59 -46.90 26.66
N ASP G 39 15.69 -46.33 26.14
CA ASP G 39 16.96 -46.37 26.84
C ASP G 39 16.99 -45.42 28.03
N GLU G 40 16.47 -44.20 27.84
CA GLU G 40 16.46 -43.20 28.92
C GLU G 40 15.33 -43.37 29.90
N THR G 41 14.19 -43.84 29.41
CA THR G 41 13.05 -44.07 30.28
C THR G 41 13.20 -45.47 30.91
N GLU G 42 14.15 -46.23 30.40
CA GLU G 42 14.43 -47.57 30.90
C GLU G 42 13.21 -48.48 30.88
N GLN G 43 12.35 -48.34 29.88
CA GLN G 43 11.16 -49.16 29.79
C GLN G 43 11.37 -50.40 28.91
N TRP G 44 12.61 -50.87 28.87
CA TRP G 44 12.96 -52.04 28.09
C TRP G 44 12.40 -53.33 28.62
N GLU G 45 12.66 -53.59 29.90
CA GLU G 45 12.16 -54.78 30.55
C GLU G 45 10.66 -54.80 30.31
N LYS G 46 10.05 -53.62 30.35
CA LYS G 46 8.63 -53.47 30.14
C LYS G 46 8.25 -53.48 28.65
N PHE G 47 9.18 -53.87 27.78
CA PHE G 47 9.00 -53.83 26.31
C PHE G 47 9.26 -55.10 25.59
N GLY G 48 10.43 -55.60 26.00
CA GLY G 48 11.09 -56.80 25.51
C GLY G 48 12.59 -56.47 25.46
N LEU G 49 13.32 -56.90 26.50
CA LEU G 49 14.77 -56.70 26.55
C LEU G 49 15.38 -57.39 25.30
N GLU G 50 14.85 -58.56 24.97
CA GLU G 50 15.29 -59.35 23.83
C GLU G 50 15.17 -58.67 22.44
N LYS G 51 14.65 -57.44 22.42
CA LYS G 51 14.44 -56.71 21.17
C LYS G 51 15.37 -55.56 20.87
N ARG G 52 16.19 -55.13 21.83
CA ARG G 52 17.07 -54.00 21.60
C ARG G 52 18.13 -54.22 20.52
N GLN G 53 18.75 -55.40 20.58
CA GLN G 53 19.79 -55.80 19.64
C GLN G 53 19.21 -55.81 18.23
N GLY G 54 17.90 -55.93 18.13
CA GLY G 54 17.31 -55.94 16.81
C GLY G 54 17.12 -54.53 16.30
N ALA G 55 16.88 -53.62 17.22
CA ALA G 55 16.68 -52.23 16.82
C ALA G 55 18.06 -51.67 16.60
N LEU G 56 18.99 -52.03 17.49
CA LEU G 56 20.36 -51.57 17.36
C LEU G 56 20.91 -52.01 16.03
N GLU G 57 20.57 -53.24 15.66
CA GLU G 57 21.04 -53.79 14.39
C GLU G 57 20.45 -53.02 13.23
N LEU G 58 19.16 -52.71 13.32
CA LEU G 58 18.50 -51.97 12.27
C LEU G 58 19.08 -50.59 12.12
N ILE G 59 19.31 -49.95 13.27
CA ILE G 59 19.87 -48.60 13.29
C ILE G 59 21.26 -48.64 12.67
N LYS G 60 21.99 -49.71 12.95
CA LYS G 60 23.32 -49.82 12.37
C LYS G 60 23.14 -49.85 10.87
N LYS G 61 22.24 -50.71 10.39
CA LYS G 61 22.03 -50.81 8.96
C LYS G 61 21.73 -49.44 8.36
N GLY G 62 20.79 -48.72 8.98
CA GLY G 62 20.39 -47.41 8.50
C GLY G 62 21.54 -46.43 8.38
N TYR G 63 22.49 -46.50 9.33
CA TYR G 63 23.67 -45.65 9.34
C TYR G 63 24.55 -45.88 8.08
N THR G 64 24.78 -47.18 7.79
CA THR G 64 25.60 -47.58 6.66
C THR G 64 25.01 -47.15 5.32
N GLN G 65 23.71 -47.40 5.18
CA GLN G 65 23.01 -47.07 3.96
C GLN G 65 23.13 -45.59 3.76
N GLN G 66 22.90 -44.79 4.79
CA GLN G 66 22.98 -43.35 4.66
C GLN G 66 24.39 -42.91 4.22
N LEU G 67 25.41 -43.59 4.70
CA LEU G 67 26.75 -43.20 4.34
C LEU G 67 26.89 -43.25 2.84
N ALA G 68 26.38 -44.29 2.23
CA ALA G 68 26.53 -44.39 0.78
C ALA G 68 25.96 -43.15 0.09
N PHE G 69 25.31 -42.24 0.86
CA PHE G 69 24.75 -40.99 0.32
C PHE G 69 25.59 -39.78 0.60
N ARG G 70 26.59 -39.95 1.44
CA ARG G 70 27.46 -38.85 1.74
C ARG G 70 28.19 -38.31 0.51
N GLN G 71 27.91 -37.06 0.21
CA GLN G 71 28.56 -36.42 -0.91
C GLN G 71 29.99 -36.02 -0.48
N PRO G 72 30.89 -35.82 -1.45
CA PRO G 72 32.26 -35.44 -1.11
C PRO G 72 32.32 -34.27 -0.12
N SER G 73 31.50 -33.25 -0.33
CA SER G 73 31.51 -32.10 0.57
C SER G 73 31.24 -32.42 2.04
N SER G 74 30.71 -33.61 2.30
CA SER G 74 30.37 -34.06 3.65
C SER G 74 28.92 -33.72 3.89
N ALA G 75 28.25 -33.27 2.83
CA ALA G 75 26.85 -32.93 2.95
C ALA G 75 26.07 -34.05 2.30
N PHE G 76 24.88 -34.31 2.82
CA PHE G 76 24.07 -35.38 2.29
C PHE G 76 22.96 -34.89 1.36
N ALA G 77 22.35 -35.85 0.67
CA ALA G 77 21.25 -35.56 -0.24
C ALA G 77 20.50 -36.86 -0.62
N ALA G 78 19.36 -36.73 -1.28
CA ALA G 78 18.64 -37.94 -1.66
C ALA G 78 19.56 -38.80 -2.54
N PHE G 79 20.22 -38.14 -3.49
CA PHE G 79 21.15 -38.78 -4.42
C PHE G 79 22.46 -38.04 -4.47
N VAL G 80 23.55 -38.78 -4.72
CA VAL G 80 24.90 -38.21 -4.81
C VAL G 80 25.07 -37.26 -6.00
N LYS G 81 24.05 -37.17 -6.84
CA LYS G 81 24.10 -36.30 -8.01
C LYS G 81 23.11 -35.16 -7.85
N ARG G 82 22.29 -35.23 -6.80
CA ARG G 82 21.30 -34.18 -6.54
C ARG G 82 21.94 -33.11 -5.64
N ALA G 83 21.51 -31.87 -5.81
CA ALA G 83 22.05 -30.80 -5.00
C ALA G 83 21.93 -31.12 -3.51
N PRO G 84 23.02 -30.94 -2.75
CA PRO G 84 23.05 -31.21 -1.31
C PRO G 84 21.96 -30.44 -0.59
N SER G 85 21.40 -31.02 0.45
CA SER G 85 20.36 -30.34 1.22
C SER G 85 20.91 -29.78 2.52
N THR G 86 20.38 -28.64 2.95
CA THR G 86 20.82 -28.04 4.19
C THR G 86 20.03 -28.66 5.34
N TRP G 87 18.73 -28.82 5.15
CA TRP G 87 17.89 -29.39 6.19
C TRP G 87 18.25 -30.85 6.46
N LEU G 88 18.50 -31.62 5.41
CA LEU G 88 18.82 -33.03 5.60
C LEU G 88 20.14 -33.20 6.33
N THR G 89 21.15 -32.50 5.83
CA THR G 89 22.48 -32.56 6.42
C THR G 89 22.35 -32.33 7.93
N ALA G 90 21.72 -31.22 8.30
CA ALA G 90 21.54 -30.90 9.70
C ALA G 90 20.64 -31.94 10.36
N TYR G 91 19.78 -32.56 9.57
CA TYR G 91 18.92 -33.60 10.13
C TYR G 91 19.78 -34.86 10.40
N VAL G 92 20.52 -35.30 9.38
CA VAL G 92 21.39 -36.46 9.56
C VAL G 92 22.27 -36.17 10.75
N VAL G 93 22.77 -34.93 10.83
CA VAL G 93 23.63 -34.52 11.93
C VAL G 93 22.92 -34.68 13.25
N LYS G 94 21.64 -34.29 13.27
CA LYS G 94 20.81 -34.38 14.47
C LYS G 94 20.57 -35.84 14.92
N VAL G 95 20.22 -36.72 13.98
CA VAL G 95 19.99 -38.12 14.31
C VAL G 95 21.26 -38.88 14.69
N PHE G 96 22.34 -38.59 13.96
CA PHE G 96 23.61 -39.25 14.22
C PHE G 96 24.18 -38.84 15.56
N SER G 97 23.78 -37.68 16.06
CA SER G 97 24.31 -37.26 17.36
C SER G 97 23.71 -38.08 18.49
N LEU G 98 22.45 -38.51 18.35
CA LEU G 98 21.79 -39.32 19.39
C LEU G 98 22.31 -40.74 19.37
N ALA G 99 22.53 -41.24 18.15
CA ALA G 99 23.04 -42.56 17.98
C ALA G 99 24.53 -42.73 18.20
N VAL G 100 25.09 -41.95 19.12
CA VAL G 100 26.51 -42.14 19.39
C VAL G 100 26.55 -42.97 20.65
N ASN G 101 25.37 -43.34 21.15
CA ASN G 101 25.28 -44.13 22.37
C ASN G 101 24.63 -45.47 22.06
N LEU G 102 24.48 -45.74 20.77
CA LEU G 102 23.85 -46.97 20.36
C LEU G 102 24.74 -47.81 19.47
N ILE G 103 25.22 -47.21 18.40
CA ILE G 103 26.07 -47.90 17.41
C ILE G 103 27.32 -47.09 17.08
N ALA G 104 28.24 -47.72 16.37
CA ALA G 104 29.43 -47.00 15.95
C ALA G 104 29.03 -45.83 15.06
N ILE G 105 29.78 -44.75 15.18
CA ILE G 105 29.54 -43.57 14.37
C ILE G 105 30.87 -42.88 14.11
N ASP G 106 31.13 -42.62 12.84
CA ASP G 106 32.34 -41.95 12.38
C ASP G 106 32.17 -40.45 12.73
N SER G 107 32.75 -40.02 13.84
CA SER G 107 32.63 -38.62 14.25
C SER G 107 33.14 -37.66 13.18
N GLN G 108 34.02 -38.17 12.31
CA GLN G 108 34.60 -37.36 11.24
C GLN G 108 33.57 -37.12 10.12
N VAL G 109 32.51 -37.91 10.12
CA VAL G 109 31.47 -37.74 9.13
C VAL G 109 30.52 -36.70 9.68
N LEU G 110 30.34 -36.74 10.99
CA LEU G 110 29.46 -35.81 11.68
C LEU G 110 30.06 -34.39 11.62
N CYS G 111 31.29 -34.22 12.07
CA CYS G 111 31.92 -32.89 12.04
C CYS G 111 32.17 -32.44 10.57
N GLY G 112 32.25 -33.42 9.67
CA GLY G 112 32.47 -33.11 8.28
C GLY G 112 31.25 -32.44 7.71
N ALA G 113 30.08 -32.86 8.17
CA ALA G 113 28.82 -32.30 7.73
C ALA G 113 28.58 -30.97 8.47
N VAL G 114 28.75 -30.99 9.79
CA VAL G 114 28.57 -29.82 10.64
C VAL G 114 29.28 -28.59 10.10
N LYS G 115 30.56 -28.75 9.77
CA LYS G 115 31.39 -27.65 9.29
C LYS G 115 30.93 -27.16 7.94
N TRP G 116 30.54 -28.09 7.08
CA TRP G 116 30.07 -27.76 5.74
C TRP G 116 28.92 -26.80 5.92
N LEU G 117 28.00 -27.18 6.80
CA LEU G 117 26.83 -26.39 7.13
C LEU G 117 27.21 -24.94 7.45
N ILE G 118 28.34 -24.75 8.15
CA ILE G 118 28.83 -23.42 8.58
C ILE G 118 29.52 -22.61 7.48
N LEU G 119 30.53 -23.22 6.86
CA LEU G 119 31.32 -22.55 5.85
C LEU G 119 30.60 -22.37 4.53
N GLU G 120 29.49 -23.08 4.34
CA GLU G 120 28.77 -22.99 3.07
C GLU G 120 27.30 -22.57 3.09
N LYS G 121 26.62 -22.71 4.24
CA LYS G 121 25.20 -22.36 4.32
C LYS G 121 24.79 -21.23 5.28
N GLN G 122 25.77 -20.69 6.00
CA GLN G 122 25.50 -19.58 6.92
C GLN G 122 26.08 -18.29 6.35
N LYS G 123 25.21 -17.31 6.16
CA LYS G 123 25.60 -16.00 5.62
C LYS G 123 26.20 -15.19 6.76
N PRO G 124 26.92 -14.09 6.45
CA PRO G 124 27.51 -13.29 7.52
C PRO G 124 26.53 -12.95 8.66
N ASP G 125 25.25 -12.78 8.31
CA ASP G 125 24.22 -12.47 9.30
C ASP G 125 23.80 -13.66 10.15
N GLY G 126 24.28 -14.85 9.80
CA GLY G 126 23.96 -16.04 10.58
C GLY G 126 22.82 -16.94 10.11
N VAL G 127 21.89 -16.39 9.32
CA VAL G 127 20.78 -17.19 8.83
C VAL G 127 21.33 -18.36 7.99
N PHE G 128 20.79 -19.57 8.22
CA PHE G 128 21.20 -20.75 7.48
C PHE G 128 20.26 -20.89 6.30
N GLN G 129 20.82 -21.16 5.12
CA GLN G 129 19.99 -21.26 3.94
C GLN G 129 19.92 -22.66 3.32
N GLU G 130 18.76 -22.95 2.74
CA GLU G 130 18.50 -24.23 2.07
C GLU G 130 18.42 -23.94 0.57
N ASP G 131 19.39 -24.48 -0.18
CA ASP G 131 19.47 -24.28 -1.61
C ASP G 131 19.07 -25.49 -2.43
N ALA G 132 18.29 -26.38 -1.82
CA ALA G 132 17.84 -27.59 -2.49
C ALA G 132 16.96 -28.37 -1.53
N PRO G 133 15.65 -28.08 -1.53
CA PRO G 133 14.68 -28.75 -0.65
C PRO G 133 14.76 -30.24 -0.88
N VAL G 134 14.39 -31.00 0.14
CA VAL G 134 14.38 -32.43 0.00
C VAL G 134 13.15 -32.73 -0.83
N ILE G 135 13.22 -33.80 -1.61
CA ILE G 135 12.10 -34.22 -2.45
C ILE G 135 10.89 -34.50 -1.55
N HIS G 136 11.13 -35.18 -0.44
CA HIS G 136 10.06 -35.54 0.49
C HIS G 136 9.74 -34.46 1.51
N GLN G 137 9.08 -33.41 1.03
CA GLN G 137 8.70 -32.27 1.86
C GLN G 137 7.97 -32.63 3.13
N GLU G 138 7.36 -33.82 3.17
CA GLU G 138 6.61 -34.23 4.35
C GLU G 138 7.50 -34.71 5.48
N MET G 139 8.79 -34.82 5.22
CA MET G 139 9.70 -35.29 6.26
C MET G 139 10.29 -34.19 7.14
N ILE G 140 10.14 -32.94 6.72
CA ILE G 140 10.68 -31.83 7.49
C ILE G 140 9.63 -31.20 8.39
N GLY G 141 8.54 -31.93 8.62
CA GLY G 141 7.47 -31.44 9.47
C GLY G 141 7.29 -29.95 9.43
N GLY G 142 6.97 -29.38 10.59
CA GLY G 142 6.75 -27.94 10.73
C GLY G 142 7.48 -26.92 9.83
N LEU G 143 8.76 -27.12 9.58
CA LEU G 143 9.50 -26.18 8.75
C LEU G 143 8.93 -26.05 7.36
N ARG G 144 7.90 -26.84 7.06
CA ARG G 144 7.27 -26.79 5.76
C ARG G 144 6.55 -25.45 5.67
N ASN G 145 6.36 -24.79 6.81
CA ASN G 145 5.69 -23.49 6.87
C ASN G 145 6.37 -22.46 5.97
N ASN G 146 5.65 -22.03 4.93
CA ASN G 146 6.16 -21.06 3.97
C ASN G 146 6.91 -19.91 4.65
N ASN G 147 6.18 -18.99 5.30
CA ASN G 147 6.81 -17.86 5.97
C ASN G 147 7.60 -18.28 7.21
N GLU G 148 8.34 -17.34 7.79
CA GLU G 148 9.17 -17.59 8.96
C GLU G 148 10.22 -18.66 8.65
N LYS G 149 10.54 -18.81 7.36
CA LYS G 149 11.51 -19.79 6.92
C LYS G 149 12.86 -19.61 7.64
N ASP G 150 13.46 -18.43 7.48
CA ASP G 150 14.76 -18.14 8.09
C ASP G 150 14.87 -18.49 9.58
N MET G 151 13.98 -17.95 10.40
CA MET G 151 14.03 -18.25 11.83
C MET G 151 13.96 -19.76 11.99
N ALA G 152 12.91 -20.36 11.44
CA ALA G 152 12.69 -21.79 11.52
C ALA G 152 13.92 -22.60 11.15
N LEU G 153 14.29 -22.56 9.87
CA LEU G 153 15.44 -23.31 9.39
C LEU G 153 16.71 -23.02 10.17
N THR G 154 16.99 -21.74 10.43
CA THR G 154 18.19 -21.36 11.17
C THR G 154 18.16 -22.00 12.57
N ALA G 155 16.99 -21.97 13.20
CA ALA G 155 16.80 -22.57 14.52
C ALA G 155 17.08 -24.08 14.49
N PHE G 156 16.54 -24.76 13.48
CA PHE G 156 16.73 -26.19 13.31
C PHE G 156 18.22 -26.55 13.21
N VAL G 157 18.94 -25.84 12.34
CA VAL G 157 20.38 -26.10 12.14
C VAL G 157 21.17 -25.79 13.39
N LEU G 158 20.68 -24.82 14.18
CA LEU G 158 21.32 -24.40 15.41
C LEU G 158 21.15 -25.47 16.50
N ILE G 159 20.00 -26.11 16.50
CA ILE G 159 19.76 -27.14 17.49
C ILE G 159 20.64 -28.38 17.25
N SER G 160 20.86 -28.70 15.98
CA SER G 160 21.68 -29.85 15.61
C SER G 160 23.14 -29.61 15.98
N LEU G 161 23.68 -28.46 15.59
CA LEU G 161 25.08 -28.16 15.90
C LEU G 161 25.37 -28.21 17.39
N GLN G 162 24.34 -28.04 18.21
CA GLN G 162 24.51 -28.08 19.66
C GLN G 162 24.23 -29.46 20.22
N GLU G 163 23.48 -30.25 19.48
CA GLU G 163 23.21 -31.61 19.89
C GLU G 163 24.51 -32.33 19.51
N ALA G 164 25.31 -31.67 18.69
CA ALA G 164 26.58 -32.22 18.23
C ALA G 164 27.76 -31.52 18.91
N LYS G 165 27.49 -30.41 19.56
CA LYS G 165 28.52 -29.63 20.25
C LYS G 165 29.51 -30.52 21.01
N ASP G 166 29.02 -31.16 22.08
CA ASP G 166 29.87 -32.01 22.89
C ASP G 166 30.71 -33.05 22.11
N ILE G 167 30.32 -33.37 20.87
CA ILE G 167 31.04 -34.35 20.05
C ILE G 167 32.03 -33.72 19.07
N CYS G 168 31.67 -32.58 18.50
CA CYS G 168 32.53 -31.91 17.54
C CYS G 168 33.08 -30.58 18.02
N GLU G 169 32.94 -30.29 19.30
CA GLU G 169 33.44 -29.02 19.85
C GLU G 169 34.93 -28.88 19.62
N GLU G 170 35.68 -29.96 19.90
CA GLU G 170 37.13 -29.97 19.73
C GLU G 170 37.63 -30.13 18.31
N GLN G 171 36.73 -30.42 17.38
CA GLN G 171 37.12 -30.61 15.99
C GLN G 171 36.63 -29.47 15.11
N VAL G 172 35.43 -28.99 15.39
CA VAL G 172 34.86 -27.90 14.61
C VAL G 172 35.37 -26.56 15.12
N ASN G 173 36.30 -25.99 14.36
CA ASN G 173 36.89 -24.71 14.69
C ASN G 173 35.82 -23.63 14.77
N SER G 174 35.33 -23.20 13.62
CA SER G 174 34.28 -22.20 13.53
C SER G 174 32.90 -22.79 13.82
N LEU G 175 32.67 -23.21 15.07
CA LEU G 175 31.39 -23.79 15.47
C LEU G 175 30.62 -22.76 16.28
N PRO G 176 31.22 -22.35 17.40
CA PRO G 176 30.72 -21.37 18.37
C PRO G 176 30.41 -20.08 17.64
N GLY G 177 31.43 -19.52 17.03
CA GLY G 177 31.28 -18.30 16.29
C GLY G 177 29.97 -18.34 15.55
N SER G 178 29.69 -19.48 14.92
CA SER G 178 28.46 -19.66 14.17
C SER G 178 27.27 -19.82 15.10
N ILE G 179 27.47 -20.46 16.24
CA ILE G 179 26.39 -20.63 17.21
C ILE G 179 25.92 -19.24 17.63
N THR G 180 26.87 -18.33 17.80
CA THR G 180 26.58 -16.96 18.22
C THR G 180 25.90 -16.15 17.11
N LYS G 181 26.63 -15.93 16.02
CA LYS G 181 26.09 -15.18 14.90
C LYS G 181 24.71 -15.72 14.55
N ALA G 182 24.50 -17.01 14.75
CA ALA G 182 23.21 -17.65 14.45
C ALA G 182 22.22 -17.40 15.57
N GLY G 183 22.65 -17.68 16.80
CA GLY G 183 21.80 -17.47 17.95
C GLY G 183 21.40 -16.01 18.10
N ASP G 184 22.32 -15.12 17.76
CA ASP G 184 22.08 -13.69 17.83
C ASP G 184 20.97 -13.28 16.86
N PHE G 185 21.01 -13.83 15.66
CA PHE G 185 20.01 -13.53 14.65
C PHE G 185 18.62 -13.91 15.14
N LEU G 186 18.45 -15.15 15.57
CA LEU G 186 17.16 -15.63 16.05
C LEU G 186 16.65 -14.79 17.22
N GLU G 187 17.59 -14.27 18.01
CA GLU G 187 17.27 -13.46 19.19
C GLU G 187 16.72 -12.08 18.84
N ALA G 188 17.53 -11.27 18.19
CA ALA G 188 17.11 -9.93 17.80
C ALA G 188 16.05 -9.96 16.69
N ASN G 189 15.22 -11.00 16.67
CA ASN G 189 14.17 -11.15 15.66
C ASN G 189 13.02 -11.91 16.29
N TYR G 190 13.35 -12.60 17.39
CA TYR G 190 12.38 -13.39 18.11
C TYR G 190 11.07 -12.61 18.23
N MET G 191 11.17 -11.36 18.67
CA MET G 191 10.01 -10.48 18.86
C MET G 191 9.29 -10.10 17.57
N ASN G 192 9.58 -10.81 16.49
CA ASN G 192 8.93 -10.53 15.21
C ASN G 192 8.41 -11.80 14.59
N LEU G 193 8.21 -12.81 15.41
CA LEU G 193 7.69 -14.09 14.96
C LEU G 193 6.16 -14.06 14.99
N GLN G 194 5.52 -14.76 14.07
CA GLN G 194 4.06 -14.81 14.02
C GLN G 194 3.52 -16.14 14.55
N ARG G 195 4.02 -17.24 13.98
CA ARG G 195 3.62 -18.60 14.36
C ARG G 195 4.20 -19.07 15.68
N SER G 196 3.42 -19.81 16.44
CA SER G 196 3.88 -20.32 17.72
C SER G 196 5.00 -21.31 17.47
N TYR G 197 4.84 -22.08 16.40
CA TYR G 197 5.83 -23.08 16.01
C TYR G 197 7.22 -22.44 16.01
N THR G 198 7.43 -21.45 15.17
CA THR G 198 8.71 -20.76 15.07
C THR G 198 9.19 -20.19 16.41
N VAL G 199 8.26 -20.03 17.34
CA VAL G 199 8.58 -19.49 18.65
C VAL G 199 9.18 -20.61 19.50
N ALA G 200 8.50 -21.76 19.48
CA ALA G 200 8.92 -22.95 20.23
C ALA G 200 10.28 -23.49 19.84
N ILE G 201 10.48 -23.76 18.55
CA ILE G 201 11.77 -24.28 18.11
C ILE G 201 12.84 -23.24 18.36
N ALA G 202 12.65 -22.02 17.87
CA ALA G 202 13.61 -20.95 18.07
C ALA G 202 13.83 -20.70 19.56
N GLY G 203 12.81 -20.98 20.37
CA GLY G 203 12.95 -20.79 21.82
C GLY G 203 13.90 -21.79 22.46
N TYR G 204 13.85 -23.03 21.98
CA TYR G 204 14.70 -24.11 22.46
C TYR G 204 16.13 -23.77 22.05
N ALA G 205 16.31 -22.95 21.03
CA ALA G 205 17.65 -22.60 20.60
C ALA G 205 18.08 -21.25 21.17
N GLN G 208 17.09 -21.95 25.10
CA GLN G 208 17.90 -23.07 25.60
C GLN G 208 19.36 -22.73 25.75
N MET G 209 19.84 -21.75 25.02
CA MET G 209 21.26 -21.47 25.17
C MET G 209 21.59 -20.25 26.01
N GLY G 210 20.93 -20.15 27.16
CA GLY G 210 21.17 -19.05 28.07
C GLY G 210 20.87 -17.68 27.50
N ARG G 211 20.19 -17.65 26.35
CA ARG G 211 19.85 -16.39 25.72
C ARG G 211 18.37 -16.06 25.88
N LEU G 212 17.52 -17.07 25.78
CA LEU G 212 16.09 -16.86 25.93
C LEU G 212 15.78 -16.29 27.31
N LYS G 213 15.79 -14.97 27.43
CA LYS G 213 15.52 -14.30 28.71
C LYS G 213 14.97 -12.89 28.53
N GLY G 214 14.81 -12.20 29.65
CA GLY G 214 14.30 -10.83 29.63
C GLY G 214 12.95 -10.69 28.94
N PRO G 215 12.81 -9.73 28.03
CA PRO G 215 11.54 -9.54 27.32
C PRO G 215 11.27 -10.67 26.35
N LEU G 216 12.33 -11.39 25.97
CA LEU G 216 12.19 -12.51 25.05
C LEU G 216 11.53 -13.69 25.74
N LEU G 217 12.09 -14.10 26.87
CA LEU G 217 11.54 -15.22 27.61
C LEU G 217 10.09 -14.93 27.96
N ASN G 218 9.75 -13.65 28.08
CA ASN G 218 8.38 -13.26 28.41
C ASN G 218 7.42 -13.60 27.27
N LYS G 219 7.94 -13.66 26.05
CA LYS G 219 7.14 -13.98 24.88
C LYS G 219 6.94 -15.48 24.74
N PHE G 220 8.02 -16.22 24.93
CA PHE G 220 8.01 -17.67 24.84
C PHE G 220 6.80 -18.27 25.58
N LEU G 221 6.75 -18.06 26.89
CA LEU G 221 5.64 -18.59 27.69
C LEU G 221 4.26 -18.05 27.33
N THR G 222 4.12 -16.73 27.34
CA THR G 222 2.83 -16.09 27.03
C THR G 222 2.22 -16.55 25.70
N THR G 223 3.07 -16.96 24.76
CA THR G 223 2.61 -17.40 23.45
C THR G 223 1.93 -18.76 23.48
N ALA G 224 2.36 -19.62 24.42
CA ALA G 224 1.79 -20.96 24.56
C ALA G 224 0.27 -20.83 24.60
N LYS G 225 -0.42 -21.44 23.61
CA LYS G 225 -1.88 -21.24 23.51
C LYS G 225 -2.70 -21.93 24.61
N ASP G 226 -2.35 -21.51 25.85
CA ASP G 226 -2.96 -21.94 27.09
C ASP G 226 -2.57 -23.40 27.31
N ARG G 229 0.49 -24.96 25.78
CA ARG G 229 0.64 -25.79 24.59
C ARG G 229 0.82 -24.94 23.33
N TRP G 230 2.05 -24.84 22.86
CA TRP G 230 2.36 -24.09 21.66
C TRP G 230 1.60 -24.72 20.50
N GLU G 231 0.73 -23.94 19.86
CA GLU G 231 -0.08 -24.46 18.75
C GLU G 231 -0.15 -23.51 17.56
N ASP G 232 -0.85 -23.96 16.51
CA ASP G 232 -1.05 -23.23 15.27
C ASP G 232 -2.14 -24.03 14.54
N PRO G 233 -3.30 -23.42 14.30
CA PRO G 233 -4.35 -24.14 13.62
C PRO G 233 -3.95 -24.64 12.24
N GLY G 234 -3.98 -25.97 12.13
CA GLY G 234 -3.68 -26.69 10.91
C GLY G 234 -3.29 -28.14 11.25
N LYS G 235 -2.32 -28.69 10.53
CA LYS G 235 -1.83 -30.06 10.78
C LYS G 235 -1.48 -30.23 12.25
N GLN G 236 -2.09 -31.23 12.91
CA GLN G 236 -1.85 -31.46 14.33
C GLN G 236 -0.43 -31.97 14.60
N LEU G 237 0.08 -32.78 13.66
CA LEU G 237 1.43 -33.34 13.78
C LEU G 237 2.47 -32.24 13.97
N TYR G 238 2.20 -31.05 13.44
CA TYR G 238 3.10 -29.92 13.56
C TYR G 238 3.15 -29.38 14.99
N ASN G 239 1.98 -29.11 15.57
CA ASN G 239 1.91 -28.57 16.92
C ASN G 239 2.57 -29.53 17.90
N VAL G 240 2.29 -30.81 17.74
CA VAL G 240 2.86 -31.84 18.60
C VAL G 240 4.37 -31.61 18.63
N GLU G 241 4.94 -31.44 17.45
CA GLU G 241 6.37 -31.20 17.26
C GLU G 241 6.76 -29.87 17.88
N ALA G 242 5.96 -28.85 17.57
CA ALA G 242 6.20 -27.51 18.10
C ALA G 242 6.36 -27.57 19.61
N THR G 243 5.30 -27.95 20.31
CA THR G 243 5.34 -28.04 21.76
C THR G 243 6.58 -28.82 22.23
N SER G 244 6.89 -29.94 21.57
CA SER G 244 8.04 -30.77 21.94
C SER G 244 9.28 -29.91 22.15
N TYR G 245 9.63 -29.13 21.13
CA TYR G 245 10.77 -28.24 21.25
C TYR G 245 10.53 -27.37 22.48
N ALA G 246 9.32 -26.80 22.54
CA ALA G 246 8.90 -25.92 23.62
C ALA G 246 9.17 -26.55 24.99
N LEU G 247 8.81 -27.83 25.10
CA LEU G 247 9.03 -28.58 26.33
C LEU G 247 10.52 -28.86 26.50
N LEU G 248 11.22 -29.06 25.38
CA LEU G 248 12.65 -29.33 25.44
C LEU G 248 13.37 -28.04 25.82
N ALA G 249 12.67 -26.92 25.70
CA ALA G 249 13.24 -25.63 26.05
C ALA G 249 12.82 -25.28 27.47
N LEU G 250 11.56 -25.56 27.78
CA LEU G 250 11.04 -25.29 29.11
C LEU G 250 11.93 -25.97 30.15
N LEU G 251 12.28 -27.24 29.89
CA LEU G 251 13.10 -28.02 30.79
C LEU G 251 14.57 -27.57 30.82
N GLN G 252 14.79 -26.29 30.57
CA GLN G 252 16.15 -25.74 30.58
C GLN G 252 16.18 -24.34 31.20
N LYS G 254 15.11 -25.95 33.70
CA LYS G 254 15.24 -25.56 35.10
C LYS G 254 13.99 -24.80 35.54
N ASP G 255 12.94 -24.87 34.74
CA ASP G 255 11.68 -24.17 35.03
C ASP G 255 10.47 -25.08 34.93
N PHE G 256 10.23 -25.86 35.98
CA PHE G 256 9.11 -26.80 36.02
C PHE G 256 7.79 -26.13 36.38
N PHE G 258 5.18 -25.01 35.37
CA PHE G 258 5.06 -24.83 33.93
C PHE G 258 5.26 -26.12 33.13
N VAL G 259 6.30 -26.89 33.44
CA VAL G 259 6.53 -28.10 32.66
C VAL G 259 5.49 -29.24 32.91
N PRO G 260 5.01 -29.43 34.15
CA PRO G 260 4.02 -30.52 34.24
C PRO G 260 2.83 -30.54 33.24
N PRO G 261 2.20 -29.37 32.99
CA PRO G 261 1.06 -29.32 32.04
C PRO G 261 1.39 -29.74 30.62
N VAL G 262 2.42 -29.10 30.04
CA VAL G 262 2.87 -29.37 28.67
C VAL G 262 3.09 -30.87 28.45
N VAL G 263 3.84 -31.51 29.35
CA VAL G 263 4.12 -32.95 29.26
C VAL G 263 2.83 -33.76 29.19
N ARG G 264 1.88 -33.41 30.05
CA ARG G 264 0.60 -34.08 30.06
C ARG G 264 -0.06 -33.86 28.70
N TRP G 265 -0.06 -32.60 28.24
CA TRP G 265 -0.66 -32.25 26.96
C TRP G 265 -0.12 -33.19 25.89
N LEU G 266 1.21 -33.35 25.88
CA LEU G 266 1.86 -34.22 24.92
C LEU G 266 1.29 -35.63 25.07
N ASN G 267 1.29 -36.14 26.29
CA ASN G 267 0.76 -37.48 26.57
C ASN G 267 -0.71 -37.55 26.11
N GLU G 268 -1.50 -36.59 26.58
CA GLU G 268 -2.92 -36.50 26.27
C GLU G 268 -3.18 -36.49 24.77
N GLN G 269 -2.23 -35.95 24.00
CA GLN G 269 -2.35 -35.91 22.55
C GLN G 269 -2.10 -37.34 22.03
N ARG G 270 -1.66 -38.19 22.96
CA ARG G 270 -1.37 -39.59 22.73
C ARG G 270 -0.77 -39.91 21.36
N TYR G 271 0.51 -39.57 21.17
CA TYR G 271 1.17 -39.85 19.89
C TYR G 271 2.31 -40.84 19.92
N TYR G 272 2.01 -42.06 19.46
CA TYR G 272 2.96 -43.15 19.38
C TYR G 272 3.91 -42.94 18.20
N GLY G 273 3.52 -42.07 17.27
CA GLY G 273 4.34 -41.78 16.11
C GLY G 273 4.15 -42.75 14.96
N GLY G 274 4.84 -42.50 13.84
CA GLY G 274 4.74 -43.37 12.69
C GLY G 274 3.73 -42.91 11.66
N GLY G 275 3.91 -43.34 10.41
CA GLY G 275 3.00 -42.96 9.35
C GLY G 275 3.52 -41.86 8.43
N TYR G 276 2.96 -41.77 7.22
CA TYR G 276 3.37 -40.76 6.24
C TYR G 276 3.54 -39.38 6.87
N GLY G 277 4.65 -38.72 6.51
CA GLY G 277 4.95 -37.40 7.02
C GLY G 277 4.79 -37.21 8.51
N SER G 278 5.42 -38.07 9.30
CA SER G 278 5.35 -38.01 10.77
C SER G 278 6.74 -38.03 11.36
N THR G 279 7.73 -38.08 10.49
CA THR G 279 9.12 -38.11 10.90
C THR G 279 9.46 -37.08 11.99
N GLN G 280 9.23 -35.80 11.71
CA GLN G 280 9.57 -34.75 12.68
C GLN G 280 8.83 -34.80 14.00
N ALA G 281 7.53 -35.07 13.96
CA ALA G 281 6.77 -35.13 15.20
C ALA G 281 7.24 -36.32 16.06
N THR G 282 7.44 -37.46 15.40
CA THR G 282 7.88 -38.68 16.09
C THR G 282 9.22 -38.46 16.80
N PHE G 283 10.23 -38.07 16.04
CA PHE G 283 11.58 -37.86 16.58
C PHE G 283 11.67 -36.78 17.61
N MET G 284 10.77 -35.82 17.54
CA MET G 284 10.80 -34.72 18.47
C MET G 284 10.02 -35.04 19.72
N VAL G 285 8.80 -35.55 19.53
CA VAL G 285 7.95 -35.86 20.66
C VAL G 285 8.67 -36.72 21.69
N PHE G 286 9.23 -37.83 21.24
CA PHE G 286 9.92 -38.74 22.15
C PHE G 286 11.26 -38.26 22.65
N GLN G 287 11.98 -37.48 21.85
CA GLN G 287 13.27 -36.99 22.30
C GLN G 287 13.05 -35.98 23.45
N ALA G 288 11.82 -35.47 23.55
CA ALA G 288 11.48 -34.49 24.58
C ALA G 288 10.85 -35.14 25.80
N LEU G 289 9.95 -36.09 25.58
CA LEU G 289 9.32 -36.77 26.71
C LEU G 289 10.37 -37.58 27.48
N ALA G 290 11.52 -37.76 26.83
CA ALA G 290 12.62 -38.52 27.42
C ALA G 290 13.51 -37.57 28.18
N GLN G 291 14.00 -36.56 27.46
CA GLN G 291 14.88 -35.55 28.03
C GLN G 291 14.23 -34.95 29.28
N TYR G 292 12.92 -35.16 29.41
CA TYR G 292 12.15 -34.65 30.54
C TYR G 292 12.39 -35.52 31.77
N GLN G 293 12.28 -36.84 31.60
CA GLN G 293 12.49 -37.78 32.68
C GLN G 293 13.92 -37.76 33.20
N LYS G 294 14.86 -37.38 32.34
CA LYS G 294 16.26 -37.32 32.76
C LYS G 294 16.59 -35.99 33.43
N ASP G 295 16.05 -34.90 32.87
CA ASP G 295 16.28 -33.54 33.39
C ASP G 295 15.47 -33.18 34.64
N ALA G 296 14.18 -33.52 34.65
CA ALA G 296 13.33 -33.22 35.80
C ALA G 296 13.58 -34.17 36.98
N ASN H 23 46.56 -42.37 22.42
CA ASN H 23 45.66 -41.21 22.73
C ASN H 23 45.05 -41.30 24.13
N LYS H 24 44.43 -40.20 24.57
CA LYS H 24 43.81 -40.15 25.89
C LYS H 24 42.40 -40.73 25.85
N LYS H 25 41.55 -40.13 25.01
CA LYS H 25 40.16 -40.59 24.85
C LYS H 25 40.20 -42.11 24.77
N VAL H 26 41.16 -42.64 24.00
CA VAL H 26 41.32 -44.07 23.82
C VAL H 26 41.38 -44.84 25.14
N VAL H 27 42.11 -44.31 26.11
CA VAL H 27 42.22 -45.02 27.38
C VAL H 27 40.86 -44.98 28.06
N ASP H 28 40.21 -43.82 28.03
CA ASP H 28 38.90 -43.66 28.66
C ASP H 28 37.96 -44.71 28.09
N ALA H 29 38.04 -44.89 26.78
CA ALA H 29 37.19 -45.87 26.11
C ALA H 29 37.60 -47.29 26.48
N GLN H 30 38.91 -47.54 26.52
CA GLN H 30 39.42 -48.85 26.89
C GLN H 30 38.95 -49.24 28.29
N LYS H 31 38.64 -48.22 29.10
CA LYS H 31 38.17 -48.46 30.45
C LYS H 31 36.65 -48.69 30.43
N ALA H 32 35.94 -47.88 29.65
CA ALA H 32 34.48 -48.01 29.55
C ALA H 32 34.10 -49.34 28.91
N VAL H 33 34.94 -49.79 27.99
CA VAL H 33 34.67 -51.05 27.32
C VAL H 33 34.85 -52.25 28.25
N GLU H 34 35.77 -52.14 29.21
CA GLU H 34 36.00 -53.26 30.12
C GLU H 34 34.83 -53.38 31.05
N LEU H 35 34.36 -52.23 31.54
CA LEU H 35 33.24 -52.18 32.47
C LEU H 35 32.01 -52.75 31.79
N PHE H 36 31.86 -52.47 30.50
CA PHE H 36 30.74 -52.98 29.73
C PHE H 36 30.81 -54.48 29.60
N LYS H 37 32.02 -55.00 29.41
CA LYS H 37 32.23 -56.43 29.28
C LYS H 37 31.94 -57.09 30.62
N ARG H 38 32.18 -56.36 31.71
CA ARG H 38 31.89 -56.88 33.03
C ARG H 38 30.39 -56.71 33.33
N THR H 39 29.94 -55.45 33.46
CA THR H 39 28.54 -55.10 33.76
C THR H 39 27.51 -55.67 32.78
N ARG H 40 27.78 -55.48 31.48
CA ARG H 40 26.90 -55.97 30.43
C ARG H 40 25.45 -55.50 30.58
N THR H 41 25.26 -54.19 30.67
CA THR H 41 23.95 -53.56 30.79
C THR H 41 23.76 -52.49 29.71
N VAL H 42 22.62 -51.83 29.76
CA VAL H 42 22.28 -50.78 28.81
C VAL H 42 23.16 -49.58 29.14
N ALA H 43 23.15 -49.21 30.41
CA ALA H 43 23.92 -48.07 30.85
C ALA H 43 25.39 -48.22 30.50
N THR H 44 25.95 -49.41 30.75
CA THR H 44 27.35 -49.61 30.45
C THR H 44 27.64 -49.62 28.95
N HIS H 45 26.64 -49.97 28.14
CA HIS H 45 26.81 -49.99 26.69
C HIS H 45 26.90 -48.57 26.15
N ARG H 46 25.91 -47.75 26.48
CA ARG H 46 25.87 -46.37 26.01
C ARG H 46 27.16 -45.61 26.32
N LYS H 47 27.72 -45.84 27.51
CA LYS H 47 28.95 -45.15 27.90
C LYS H 47 30.16 -45.68 27.14
N ALA H 48 30.15 -46.96 26.83
CA ALA H 48 31.25 -47.56 26.12
C ALA H 48 31.16 -47.17 24.65
N GLN H 49 29.97 -47.28 24.08
CA GLN H 49 29.83 -46.91 22.68
C GLN H 49 30.25 -45.46 22.50
N ARG H 50 29.67 -44.56 23.28
CA ARG H 50 30.00 -43.16 23.14
C ARG H 50 31.50 -42.96 23.28
N ALA H 51 32.10 -43.65 24.25
CA ALA H 51 33.53 -43.46 24.46
C ALA H 51 34.31 -43.83 23.20
N VAL H 52 34.04 -45.01 22.64
CA VAL H 52 34.73 -45.47 21.43
C VAL H 52 34.51 -44.50 20.27
N ASN H 53 33.31 -43.95 20.20
CA ASN H 53 32.98 -43.03 19.13
C ASN H 53 33.61 -41.63 19.21
N LEU H 54 34.15 -41.25 20.37
CA LEU H 54 34.78 -39.93 20.52
C LEU H 54 36.26 -39.95 20.15
N ILE H 55 36.81 -41.13 19.94
CA ILE H 55 38.21 -41.23 19.52
C ILE H 55 38.13 -40.70 18.07
N HIS H 56 38.39 -39.40 17.90
CA HIS H 56 38.29 -38.75 16.60
C HIS H 56 39.12 -39.38 15.48
N PHE H 57 40.29 -39.90 15.82
CA PHE H 57 41.17 -40.52 14.82
C PHE H 57 40.59 -41.86 14.34
N GLN H 58 39.82 -41.78 13.25
CA GLN H 58 39.16 -42.94 12.67
C GLN H 58 40.07 -44.10 12.31
N HIS H 59 41.35 -43.81 12.06
CA HIS H 59 42.32 -44.85 11.69
C HIS H 59 42.99 -45.55 12.88
N SER H 60 42.54 -45.26 14.10
CA SER H 60 43.09 -45.90 15.30
C SER H 60 42.67 -47.35 15.38
N TYR H 61 43.66 -48.25 15.35
CA TYR H 61 43.41 -49.68 15.42
C TYR H 61 42.78 -50.03 16.76
N GLU H 62 43.19 -49.32 17.80
CA GLU H 62 42.63 -49.56 19.12
C GLU H 62 41.13 -49.32 19.07
N LYS H 63 40.75 -48.22 18.41
CA LYS H 63 39.34 -47.86 18.24
C LYS H 63 38.58 -49.02 17.60
N LYS H 64 39.19 -49.64 16.60
CA LYS H 64 38.53 -50.75 15.92
C LYS H 64 38.56 -51.98 16.81
N LYS H 65 39.69 -52.25 17.44
CA LYS H 65 39.79 -53.42 18.30
C LYS H 65 38.74 -53.33 19.39
N LEU H 66 38.51 -52.12 19.92
CA LEU H 66 37.51 -51.93 20.98
C LEU H 66 36.07 -52.02 20.45
N GLN H 67 35.84 -51.62 19.20
CA GLN H 67 34.52 -51.63 18.57
C GLN H 67 34.08 -53.07 18.41
N ARG H 68 35.05 -53.93 18.13
CA ARG H 68 34.77 -55.33 17.98
C ARG H 68 34.21 -55.85 19.30
N GLN H 69 34.89 -55.55 20.39
CA GLN H 69 34.45 -56.01 21.70
C GLN H 69 33.02 -55.63 22.03
N ILE H 70 32.66 -54.38 21.80
CA ILE H 70 31.32 -53.93 22.09
C ILE H 70 30.32 -54.81 21.34
N ASP H 71 30.58 -54.95 20.05
CA ASP H 71 29.72 -55.74 19.18
C ASP H 71 29.60 -57.16 19.68
N LEU H 72 30.71 -57.73 20.12
CA LEU H 72 30.71 -59.10 20.62
C LEU H 72 29.73 -59.19 21.78
N VAL H 73 29.87 -58.29 22.75
CA VAL H 73 29.00 -58.28 23.92
C VAL H 73 27.58 -58.11 23.40
N LEU H 74 27.38 -57.10 22.57
CA LEU H 74 26.05 -56.84 22.03
C LEU H 74 25.43 -58.05 21.34
N LYS H 75 26.21 -58.76 20.53
CA LYS H 75 25.70 -59.93 19.78
C LYS H 75 25.19 -61.11 20.60
N TYR H 76 26.01 -61.55 21.55
CA TYR H 76 25.68 -62.72 22.37
C TYR H 76 25.11 -62.41 23.76
N ASN H 77 24.58 -61.22 23.95
CA ASN H 77 24.06 -60.88 25.24
C ASN H 77 22.88 -59.95 25.18
N THR H 78 21.94 -60.16 26.08
CA THR H 78 20.76 -59.34 26.22
C THR H 78 21.17 -58.39 27.33
N LEU H 79 21.60 -57.19 26.96
CA LEU H 79 22.05 -56.20 27.94
C LEU H 79 21.03 -55.82 29.00
N LYS H 80 21.56 -55.44 30.17
CA LYS H 80 20.76 -55.03 31.33
C LYS H 80 19.89 -56.17 31.85
#